data_5SDO
#
_entry.id   5SDO
#
_cell.length_a   101.802
_cell.length_b   117.060
_cell.length_c   147.933
_cell.angle_alpha   90.000
_cell.angle_beta   90.000
_cell.angle_gamma   90.000
#
_symmetry.space_group_name_H-M   'P 21 21 21'
#
loop_
_entity.id
_entity.type
_entity.pdbx_description
1 polymer 'Asp/Glu-specific dipeptidyl-peptidase'
2 non-polymer 2-(4-fluorophenoxy)-1-(pyrrolidin-1-yl)ethan-1-one
3 non-polymer 'CHLORIDE ION'
4 water water
#
_entity_poly.entity_id   1
_entity_poly.type   'polypeptide(L)'
_entity_poly.pdbx_seq_one_letter_code
;MDEGMWLMQQLGRKYAQMKERGLKMKEYDLYNPNGTSLKDAVVLFDGGCTGEVVSDRGLVLTNHHCGYDMIQAHSTLEHN
YLENGFWAMREADELPNKDISVVFIDKIEDVTDYVKKELKAIKDPNSMDYLSPKYLQKLADKKAGKNFSAKNPGLSVEIK
AFYGGNLYLMFTKKTYTDVRLVGAPPSSIGKFGADTDNWIWPRHTGDFSIFRIYADKNGNPAPYSEDNVPLKPKRFFNIS
LGGVQENDYAMIMGFPGTTHRYFTASEVDEWKSIDNDIRIRMRDIRQGVMLREMLADPQIKIMYSAKYAASQNAYKRAIG
ANWAIKTRGLRQNKQAMQDRLIAWGAKQGTPRYEEAVHEIDATVAKRADLRRRYWMIEEGIIRGIEFARSPIPTEDETKA
LQGNDASARKEAIDKIRTRYSKFANKDYSAEVDKKVAVAMLTEYLKEIPYENLPLHLRLVKDRFAGDVQAYVDDIFARSV
FGSEAQFDAFAAVPSVEKLAEDPMVLFASSVFDEYRKLYNELRPYDDPILRAQRTYIAGLLEMDGDQDQFPDANLTLRFT
YGQVKGYSPRDNVYYGHQTTLDGVMEKEDPDNWEFVVDPKLKAVYERKDFGRYADRSGRMPVAFCATTHTTGGNSGSPVM
NANGELIGLNFDRNWEGVGGDIQYLADYQRSIIVDIRYVLLVIDKVGGCQRLLDEMNIVPAHHHHHH
;
_entity_poly.pdbx_strand_id   A,B
#
loop_
_chem_comp.id
_chem_comp.type
_chem_comp.name
_chem_comp.formula
CL non-polymer 'CHLORIDE ION' 'Cl -1'
I8G non-polymer 2-(4-fluorophenoxy)-1-(pyrrolidin-1-yl)ethan-1-one 'C12 H14 F N O2'
#
# COMPACT_ATOMS: atom_id res chain seq x y z
N ASP A 2 -3.97 -3.54 -29.58
CA ASP A 2 -5.17 -2.89 -30.11
C ASP A 2 -4.84 -1.46 -30.53
N GLU A 3 -4.91 -0.41 -29.63
CA GLU A 3 -4.53 0.97 -30.02
C GLU A 3 -3.03 0.94 -30.10
N GLY A 4 -2.47 0.92 -31.27
CA GLY A 4 -1.08 0.53 -31.47
C GLY A 4 0.17 1.36 -31.61
N MET A 5 1.19 0.63 -32.09
CA MET A 5 2.54 1.14 -32.33
C MET A 5 2.75 1.05 -33.83
N TRP A 6 2.33 2.10 -34.49
CA TRP A 6 2.24 2.20 -35.94
C TRP A 6 3.52 2.51 -36.66
N LEU A 7 3.71 1.88 -37.79
CA LEU A 7 4.83 2.18 -38.69
C LEU A 7 4.67 3.61 -39.21
N MET A 8 5.77 4.28 -39.55
CA MET A 8 5.68 5.63 -40.12
C MET A 8 4.85 5.64 -41.42
N GLN A 9 4.93 4.56 -42.20
CA GLN A 9 4.18 4.32 -43.45
C GLN A 9 2.67 4.32 -43.23
N GLN A 10 2.22 3.99 -42.02
CA GLN A 10 0.80 3.92 -41.68
C GLN A 10 0.22 5.29 -41.30
N LEU A 11 1.04 6.37 -41.24
CA LEU A 11 0.54 7.71 -40.92
C LEU A 11 -0.57 8.16 -41.86
N GLY A 12 -0.40 7.96 -43.17
CA GLY A 12 -1.42 8.33 -44.15
C GLY A 12 -2.80 7.75 -43.91
N ARG A 13 -2.89 6.44 -43.71
CA ARG A 13 -4.17 5.77 -43.46
C ARG A 13 -4.76 6.08 -42.06
N LYS A 14 -3.93 6.56 -41.10
CA LYS A 14 -4.44 6.87 -39.77
C LYS A 14 -4.75 8.37 -39.58
N TYR A 15 -4.11 9.24 -40.36
CA TYR A 15 -4.18 10.68 -40.28
C TYR A 15 -5.58 11.24 -40.03
N ALA A 16 -6.61 10.78 -40.79
CA ALA A 16 -7.98 11.26 -40.62
C ALA A 16 -8.54 10.96 -39.24
N GLN A 17 -8.25 9.77 -38.67
CA GLN A 17 -8.68 9.43 -37.31
C GLN A 17 -7.92 10.27 -36.27
N MET A 18 -6.63 10.52 -36.53
CA MET A 18 -5.82 11.33 -35.62
C MET A 18 -6.34 12.76 -35.61
N LYS A 19 -6.70 13.29 -36.80
CA LYS A 19 -7.27 14.63 -36.95
C LYS A 19 -8.61 14.71 -36.23
N GLU A 20 -9.45 13.67 -36.36
CA GLU A 20 -10.73 13.63 -35.67
C GLU A 20 -10.54 13.53 -34.14
N ARG A 21 -9.42 12.94 -33.69
CA ARG A 21 -9.12 12.89 -32.25
C ARG A 21 -8.39 14.15 -31.73
N GLY A 22 -8.13 15.13 -32.59
CA GLY A 22 -7.54 16.39 -32.17
C GLY A 22 -6.25 16.84 -32.82
N LEU A 23 -5.62 16.00 -33.67
CA LEU A 23 -4.37 16.39 -34.34
C LEU A 23 -4.59 17.60 -35.27
N LYS A 24 -3.77 18.64 -35.12
CA LYS A 24 -3.91 19.86 -35.92
C LYS A 24 -2.78 20.05 -36.94
N MET A 25 -1.64 19.35 -36.76
CA MET A 25 -0.53 19.56 -37.67
C MET A 25 -0.71 18.83 -39.02
N LYS A 26 -0.05 19.36 -40.08
CA LYS A 26 -0.13 18.75 -41.40
C LYS A 26 0.61 17.40 -41.38
N GLU A 27 0.10 16.42 -42.15
CA GLU A 27 0.65 15.07 -42.18
C GLU A 27 2.15 14.99 -42.45
N TYR A 28 2.60 15.73 -43.46
CA TYR A 28 4.01 15.72 -43.85
C TYR A 28 4.92 16.53 -42.93
N ASP A 29 4.36 17.38 -42.07
CA ASP A 29 5.15 18.06 -41.05
C ASP A 29 5.50 17.06 -39.91
N LEU A 30 4.68 15.99 -39.73
CA LEU A 30 4.94 14.96 -38.74
C LEU A 30 5.87 13.87 -39.34
N TYR A 31 5.50 13.36 -40.52
CA TYR A 31 6.34 12.40 -41.24
C TYR A 31 6.20 12.57 -42.74
N ASN A 32 7.32 12.76 -43.41
CA ASN A 32 7.36 12.89 -44.86
C ASN A 32 8.46 11.96 -45.34
N PRO A 33 8.13 10.94 -46.15
CA PRO A 33 9.21 10.06 -46.68
C PRO A 33 10.21 10.76 -47.61
N ASN A 34 9.82 11.91 -48.18
CA ASN A 34 10.68 12.64 -49.11
C ASN A 34 11.04 14.07 -48.65
N GLY A 35 11.20 14.26 -47.34
CA GLY A 35 11.55 15.58 -46.83
C GLY A 35 11.61 15.70 -45.34
N THR A 36 12.14 16.82 -44.86
CA THR A 36 12.26 17.11 -43.43
C THR A 36 10.89 17.14 -42.74
N SER A 37 10.79 16.43 -41.63
CA SER A 37 9.60 16.33 -40.80
C SER A 37 10.03 16.15 -39.35
N LEU A 38 9.06 16.19 -38.42
CA LEU A 38 9.28 16.04 -36.98
C LEU A 38 9.95 14.70 -36.62
N LYS A 39 9.75 13.65 -37.45
CA LYS A 39 10.41 12.36 -37.32
C LYS A 39 11.96 12.53 -37.28
N ASP A 40 12.48 13.56 -37.97
CA ASP A 40 13.92 13.82 -38.01
C ASP A 40 14.49 14.34 -36.70
N ALA A 41 13.67 14.72 -35.74
CA ALA A 41 14.14 15.17 -34.44
C ALA A 41 14.11 14.02 -33.39
N VAL A 42 13.79 12.77 -33.79
CA VAL A 42 13.71 11.65 -32.86
C VAL A 42 14.94 10.77 -33.03
N VAL A 43 15.53 10.34 -31.91
CA VAL A 43 16.72 9.49 -31.96
C VAL A 43 16.56 8.25 -31.11
N LEU A 44 17.30 7.21 -31.48
CA LEU A 44 17.43 6.02 -30.65
C LEU A 44 18.65 6.42 -29.80
N PHE A 45 18.44 6.62 -28.52
CA PHE A 45 19.45 7.04 -27.58
C PHE A 45 20.12 5.82 -26.96
N ASP A 46 21.43 5.69 -27.19
CA ASP A 46 22.26 4.63 -26.64
C ASP A 46 21.70 3.20 -26.80
N GLY A 47 21.22 2.89 -27.99
CA GLY A 47 20.71 1.58 -28.34
C GLY A 47 19.44 1.02 -27.70
N GLY A 48 18.93 1.63 -26.64
CA GLY A 48 17.74 1.08 -25.97
C GLY A 48 16.73 2.08 -25.44
N CYS A 49 17.00 3.36 -25.62
CA CYS A 49 16.11 4.42 -25.15
C CYS A 49 15.75 5.29 -26.37
N THR A 50 14.83 6.22 -26.18
CA THR A 50 14.49 7.20 -27.18
C THR A 50 14.98 8.56 -26.63
N GLY A 51 15.22 9.47 -27.55
CA GLY A 51 15.59 10.83 -27.25
C GLY A 51 15.03 11.77 -28.29
N GLU A 52 15.22 13.07 -28.08
CA GLU A 52 14.71 14.06 -29.00
C GLU A 52 15.58 15.28 -29.02
N VAL A 53 15.79 15.83 -30.22
CA VAL A 53 16.56 17.03 -30.44
C VAL A 53 15.61 18.20 -30.18
N VAL A 54 16.01 19.09 -29.27
CA VAL A 54 15.20 20.23 -28.82
C VAL A 54 15.83 21.60 -29.12
N SER A 55 16.88 21.66 -29.96
CA SER A 55 17.49 22.95 -30.33
C SER A 55 18.25 22.88 -31.66
N ASP A 56 18.52 24.06 -32.28
CA ASP A 56 19.34 24.16 -33.50
C ASP A 56 20.84 23.90 -33.23
N ARG A 57 21.24 23.66 -31.98
CA ARG A 57 22.60 23.31 -31.63
C ARG A 57 22.71 21.86 -31.10
N GLY A 58 21.80 20.97 -31.52
CA GLY A 58 21.89 19.56 -31.20
C GLY A 58 21.65 19.12 -29.76
N LEU A 59 20.93 19.95 -28.98
CA LEU A 59 20.60 19.59 -27.61
C LEU A 59 19.59 18.43 -27.65
N VAL A 60 19.77 17.44 -26.77
CA VAL A 60 18.94 16.25 -26.73
C VAL A 60 18.38 15.98 -25.33
N LEU A 61 17.08 15.71 -25.24
CA LEU A 61 16.45 15.32 -24.00
C LEU A 61 16.14 13.82 -24.05
N THR A 62 16.35 13.15 -22.94
CA THR A 62 16.00 11.75 -22.72
C THR A 62 15.70 11.59 -21.21
N ASN A 63 15.48 10.35 -20.72
CA ASN A 63 15.24 10.13 -19.31
C ASN A 63 16.52 10.19 -18.50
N HIS A 64 16.37 10.39 -17.19
CA HIS A 64 17.47 10.37 -16.25
C HIS A 64 17.96 8.93 -16.16
N HIS A 65 17.06 7.94 -16.16
CA HIS A 65 17.44 6.54 -16.14
C HIS A 65 18.08 6.09 -17.45
N CYS A 66 17.93 6.86 -18.54
CA CYS A 66 18.57 6.57 -19.83
C CYS A 66 20.01 7.13 -19.84
N GLY A 67 20.19 8.31 -19.26
CA GLY A 67 21.51 8.90 -19.16
C GLY A 67 22.24 8.58 -17.86
N TYR A 68 21.65 7.70 -17.01
CA TYR A 68 22.17 7.28 -15.71
C TYR A 68 23.64 6.81 -15.74
N ASP A 69 24.00 5.86 -16.64
CA ASP A 69 25.37 5.36 -16.72
C ASP A 69 26.37 6.45 -17.04
N MET A 70 26.02 7.43 -17.89
CA MET A 70 26.93 8.51 -18.23
C MET A 70 27.09 9.46 -17.05
N ILE A 71 26.00 9.74 -16.33
CA ILE A 71 26.05 10.62 -15.15
C ILE A 71 26.94 9.98 -14.08
N GLN A 72 26.81 8.66 -13.88
CA GLN A 72 27.57 7.84 -12.93
C GLN A 72 29.07 7.74 -13.33
N ALA A 73 29.37 7.57 -14.64
CA ALA A 73 30.75 7.46 -15.13
C ALA A 73 31.55 8.77 -14.91
N HIS A 74 30.87 9.91 -14.95
CA HIS A 74 31.52 11.19 -14.69
C HIS A 74 31.48 11.62 -13.22
N SER A 75 30.86 10.83 -12.35
CA SER A 75 30.73 11.14 -10.93
C SER A 75 31.92 10.62 -10.11
N THR A 76 32.42 11.47 -9.22
CA THR A 76 33.53 11.19 -8.29
C THR A 76 33.11 11.65 -6.86
N LEU A 77 33.95 11.42 -5.83
CA LEU A 77 33.64 11.89 -4.48
C LEU A 77 33.67 13.43 -4.43
N GLU A 78 34.53 14.07 -5.23
CA GLU A 78 34.64 15.53 -5.31
C GLU A 78 33.47 16.16 -6.09
N HIS A 79 33.07 15.54 -7.20
CA HIS A 79 31.93 16.03 -7.97
C HIS A 79 30.91 14.91 -8.21
N ASN A 80 30.05 14.64 -7.21
CA ASN A 80 29.04 13.59 -7.35
C ASN A 80 27.85 14.16 -8.14
N TYR A 81 27.89 13.95 -9.46
CA TYR A 81 26.83 14.41 -10.35
C TYR A 81 25.57 13.56 -10.21
N LEU A 82 25.69 12.29 -9.85
CA LEU A 82 24.55 11.41 -9.67
C LEU A 82 23.66 11.91 -8.53
N GLU A 83 24.28 12.35 -7.44
CA GLU A 83 23.62 12.85 -6.24
C GLU A 83 23.20 14.33 -6.31
N ASN A 84 24.02 15.21 -6.88
CA ASN A 84 23.71 16.65 -6.86
C ASN A 84 23.21 17.23 -8.18
N GLY A 85 23.27 16.44 -9.24
CA GLY A 85 22.96 16.90 -10.58
C GLY A 85 24.22 17.43 -11.26
N PHE A 86 24.10 17.81 -12.52
CA PHE A 86 25.21 18.35 -13.29
C PHE A 86 24.66 19.41 -14.22
N TRP A 87 25.32 20.57 -14.29
CA TRP A 87 24.86 21.63 -15.17
C TRP A 87 26.06 22.32 -15.80
N ALA A 88 26.40 21.94 -17.03
CA ALA A 88 27.55 22.56 -17.73
C ALA A 88 27.16 24.00 -18.04
N MET A 89 27.97 24.96 -17.54
CA MET A 89 27.63 26.37 -17.72
C MET A 89 28.10 26.96 -19.07
N ARG A 90 28.85 26.19 -19.85
CA ARG A 90 29.29 26.54 -21.19
C ARG A 90 29.41 25.26 -21.98
N GLU A 91 29.29 25.34 -23.31
CA GLU A 91 29.39 24.18 -24.18
C GLU A 91 30.70 23.42 -24.00
N ALA A 92 31.82 24.13 -23.78
CA ALA A 92 33.12 23.51 -23.56
C ALA A 92 33.18 22.65 -22.28
N ASP A 93 32.26 22.90 -21.33
CA ASP A 93 32.17 22.15 -20.08
C ASP A 93 31.35 20.85 -20.19
N GLU A 94 30.67 20.64 -21.33
CA GLU A 94 29.89 19.42 -21.55
C GLU A 94 30.83 18.23 -21.68
N LEU A 95 30.49 17.14 -20.97
CA LEU A 95 31.35 15.98 -20.84
C LEU A 95 31.19 14.89 -21.91
N PRO A 96 32.28 14.49 -22.57
CA PRO A 96 32.19 13.41 -23.57
C PRO A 96 31.88 12.07 -22.91
N ASN A 97 31.30 11.14 -23.66
CA ASN A 97 30.95 9.84 -23.10
C ASN A 97 31.47 8.75 -24.00
N LYS A 98 32.22 7.81 -23.43
CA LYS A 98 32.74 6.70 -24.21
C LYS A 98 31.61 5.71 -24.44
N ASP A 99 31.55 5.11 -25.64
CA ASP A 99 30.58 4.09 -26.04
C ASP A 99 29.13 4.56 -26.11
N ILE A 100 28.92 5.84 -26.40
CA ILE A 100 27.57 6.37 -26.56
C ILE A 100 27.21 6.50 -28.04
N SER A 101 25.91 6.52 -28.35
CA SER A 101 25.46 6.72 -29.71
C SER A 101 24.05 7.30 -29.75
N VAL A 102 23.74 7.99 -30.84
CA VAL A 102 22.41 8.48 -31.14
C VAL A 102 22.15 8.10 -32.59
N VAL A 103 21.00 7.50 -32.83
CA VAL A 103 20.66 7.07 -34.18
C VAL A 103 19.46 7.85 -34.74
N PHE A 104 19.66 8.53 -35.87
CA PHE A 104 18.59 9.19 -36.57
C PHE A 104 18.05 8.25 -37.64
N ILE A 105 16.73 8.21 -37.84
CA ILE A 105 16.14 7.38 -38.88
C ILE A 105 15.97 8.26 -40.12
N ASP A 106 17.05 8.40 -40.88
CA ASP A 106 17.12 9.24 -42.08
C ASP A 106 16.07 8.95 -43.14
N LYS A 107 15.95 7.69 -43.53
CA LYS A 107 14.96 7.26 -44.53
C LYS A 107 14.38 5.92 -44.10
N ILE A 108 13.18 5.62 -44.56
CA ILE A 108 12.52 4.34 -44.30
C ILE A 108 11.86 3.97 -45.61
N GLU A 109 12.04 2.72 -46.03
CA GLU A 109 11.50 2.29 -47.30
C GLU A 109 10.93 0.89 -47.26
N ASP A 110 9.74 0.71 -47.83
CA ASP A 110 9.14 -0.61 -47.95
C ASP A 110 9.91 -1.39 -49.00
N VAL A 111 10.54 -2.50 -48.59
CA VAL A 111 11.29 -3.37 -49.52
C VAL A 111 10.69 -4.79 -49.55
N THR A 112 9.39 -4.93 -49.23
CA THR A 112 8.70 -6.22 -49.17
C THR A 112 8.81 -7.02 -50.46
N ASP A 113 8.48 -6.43 -51.62
CA ASP A 113 8.53 -7.14 -52.90
C ASP A 113 9.93 -7.59 -53.25
N TYR A 114 10.93 -6.73 -52.97
CA TYR A 114 12.34 -7.03 -53.18
C TYR A 114 12.76 -8.23 -52.31
N VAL A 115 12.49 -8.17 -50.99
CA VAL A 115 12.86 -9.27 -50.11
C VAL A 115 12.13 -10.56 -50.48
N LYS A 116 10.81 -10.49 -50.73
CA LYS A 116 10.03 -11.65 -51.12
C LYS A 116 10.49 -12.27 -52.44
N LYS A 117 11.00 -11.44 -53.40
CA LYS A 117 11.51 -11.98 -54.65
C LYS A 117 12.85 -12.67 -54.38
N GLU A 118 13.72 -12.07 -53.55
CA GLU A 118 15.01 -12.67 -53.21
C GLU A 118 14.80 -14.00 -52.48
N LEU A 119 13.79 -14.06 -51.58
CA LEU A 119 13.44 -15.24 -50.81
C LEU A 119 12.94 -16.37 -51.67
N LYS A 120 12.28 -16.07 -52.80
CA LYS A 120 11.79 -17.08 -53.77
C LYS A 120 12.89 -18.04 -54.24
N ALA A 121 14.16 -17.64 -54.12
CA ALA A 121 15.31 -18.48 -54.48
C ALA A 121 15.62 -19.57 -53.41
N ILE A 122 14.53 -20.00 -52.69
CA ILE A 122 14.29 -21.02 -51.65
C ILE A 122 14.93 -22.37 -51.94
N LYS A 123 15.98 -22.74 -51.23
CA LYS A 123 16.55 -24.09 -51.38
C LYS A 123 15.95 -25.07 -50.31
N ASP A 124 14.96 -24.60 -49.52
CA ASP A 124 14.30 -25.29 -48.41
C ASP A 124 13.11 -24.43 -47.98
N PRO A 125 11.86 -24.93 -48.09
CA PRO A 125 10.69 -24.12 -47.70
C PRO A 125 10.58 -23.84 -46.18
N ASN A 126 11.41 -24.53 -45.38
CA ASN A 126 11.48 -24.38 -43.93
C ASN A 126 12.63 -23.48 -43.46
N SER A 127 13.36 -22.85 -44.40
CA SER A 127 14.47 -21.96 -44.09
C SER A 127 14.05 -20.76 -43.22
N MET A 128 14.89 -20.41 -42.24
CA MET A 128 14.60 -19.27 -41.38
C MET A 128 15.33 -17.98 -41.83
N ASP A 129 15.86 -17.97 -43.06
CA ASP A 129 16.55 -16.81 -43.63
C ASP A 129 15.65 -15.59 -43.72
N TYR A 130 14.33 -15.81 -43.89
CA TYR A 130 13.37 -14.72 -43.97
C TYR A 130 13.37 -13.84 -42.68
N LEU A 131 13.91 -14.36 -41.56
CA LEU A 131 14.03 -13.64 -40.28
C LEU A 131 15.50 -13.46 -39.85
N SER A 132 16.46 -13.92 -40.64
CA SER A 132 17.86 -13.90 -40.32
C SER A 132 18.47 -12.53 -40.50
N PRO A 133 19.06 -11.94 -39.43
CA PRO A 133 19.72 -10.65 -39.56
C PRO A 133 20.89 -10.70 -40.55
N LYS A 134 21.60 -11.83 -40.62
CA LYS A 134 22.70 -11.99 -41.56
C LYS A 134 22.15 -11.98 -42.99
N TYR A 135 21.09 -12.76 -43.24
CA TYR A 135 20.50 -12.81 -44.58
C TYR A 135 19.96 -11.46 -45.00
N LEU A 136 19.17 -10.82 -44.13
CA LEU A 136 18.56 -9.52 -44.40
C LEU A 136 19.62 -8.44 -44.60
N GLN A 137 20.75 -8.51 -43.86
CA GLN A 137 21.85 -7.55 -44.06
C GLN A 137 22.51 -7.73 -45.43
N LYS A 138 22.62 -8.97 -45.89
CA LYS A 138 23.14 -9.26 -47.23
C LYS A 138 22.21 -8.61 -48.29
N LEU A 139 20.89 -8.60 -48.05
CA LEU A 139 19.95 -7.97 -48.99
C LEU A 139 20.00 -6.47 -48.92
N ALA A 140 20.21 -5.92 -47.72
CA ALA A 140 20.30 -4.47 -47.52
C ALA A 140 21.56 -3.94 -48.24
N ASP A 141 22.72 -4.61 -48.06
CA ASP A 141 23.98 -4.26 -48.72
C ASP A 141 23.84 -4.33 -50.26
N LYS A 142 23.18 -5.39 -50.75
CA LYS A 142 22.95 -5.56 -52.18
C LYS A 142 22.14 -4.40 -52.75
N LYS A 143 21.11 -3.96 -52.02
CA LYS A 143 20.26 -2.86 -52.47
C LYS A 143 20.94 -1.48 -52.31
N ALA A 144 21.65 -1.24 -51.19
CA ALA A 144 22.32 0.04 -50.94
C ALA A 144 23.47 0.28 -51.92
N GLY A 145 24.18 -0.79 -52.28
CA GLY A 145 25.27 -0.68 -53.23
C GLY A 145 26.65 -1.08 -52.73
N LYS A 146 27.63 -1.06 -53.67
CA LYS A 146 29.03 -1.39 -53.41
C LYS A 146 29.64 -0.28 -52.57
N ASN A 147 30.07 -0.64 -51.34
CA ASN A 147 30.66 0.28 -50.35
C ASN A 147 29.76 1.51 -50.11
N PHE A 148 28.57 1.30 -49.53
CA PHE A 148 27.63 2.38 -49.25
C PHE A 148 28.15 3.23 -48.08
N SER A 149 28.62 2.55 -47.03
CA SER A 149 29.16 3.14 -45.81
C SER A 149 30.40 3.97 -46.07
N ALA A 150 31.18 3.63 -47.10
CA ALA A 150 32.39 4.37 -47.44
C ALA A 150 32.04 5.62 -48.25
N LYS A 151 31.07 5.51 -49.18
CA LYS A 151 30.60 6.63 -50.00
C LYS A 151 29.68 7.60 -49.26
N ASN A 152 29.10 7.16 -48.12
CA ASN A 152 28.19 7.97 -47.30
C ASN A 152 28.58 7.78 -45.83
N PRO A 153 29.64 8.45 -45.35
CA PRO A 153 30.08 8.24 -43.95
C PRO A 153 29.07 8.69 -42.90
N GLY A 154 28.87 7.85 -41.91
CA GLY A 154 27.88 8.10 -40.88
C GLY A 154 26.56 7.41 -41.16
N LEU A 155 26.31 6.99 -42.42
CA LEU A 155 25.10 6.30 -42.81
C LEU A 155 25.27 4.78 -42.85
N SER A 156 24.16 4.08 -42.57
CA SER A 156 24.11 2.62 -42.65
C SER A 156 22.71 2.19 -42.99
N VAL A 157 22.59 1.02 -43.57
CA VAL A 157 21.32 0.50 -44.03
C VAL A 157 20.96 -0.82 -43.31
N GLU A 158 19.67 -1.01 -42.98
CA GLU A 158 19.24 -2.20 -42.27
C GLU A 158 17.84 -2.63 -42.70
N ILE A 159 17.63 -3.93 -42.96
CA ILE A 159 16.30 -4.44 -43.31
C ILE A 159 15.76 -5.24 -42.14
N LYS A 160 14.50 -5.01 -41.77
CA LYS A 160 13.85 -5.74 -40.71
C LYS A 160 12.57 -6.38 -41.19
N ALA A 161 12.21 -7.53 -40.63
CA ALA A 161 10.95 -8.21 -40.89
C ALA A 161 9.89 -7.63 -39.94
N PHE A 162 8.66 -7.53 -40.43
CA PHE A 162 7.50 -7.07 -39.67
C PHE A 162 6.37 -8.02 -39.96
N TYR A 163 5.35 -8.05 -39.07
CA TYR A 163 4.17 -8.90 -39.25
C TYR A 163 4.54 -10.37 -39.46
N GLY A 164 5.53 -10.86 -38.72
CA GLY A 164 5.98 -12.25 -38.83
C GLY A 164 6.61 -12.63 -40.15
N GLY A 165 7.19 -11.66 -40.85
CA GLY A 165 7.82 -11.91 -42.14
C GLY A 165 6.95 -11.59 -43.34
N ASN A 166 5.85 -10.83 -43.13
CA ASN A 166 4.97 -10.45 -44.23
C ASN A 166 5.22 -9.04 -44.79
N LEU A 167 6.05 -8.25 -44.11
CA LEU A 167 6.40 -6.91 -44.54
C LEU A 167 7.87 -6.66 -44.18
N TYR A 168 8.61 -5.97 -45.03
CA TYR A 168 10.01 -5.65 -44.76
C TYR A 168 10.24 -4.19 -45.00
N LEU A 169 11.00 -3.55 -44.11
CA LEU A 169 11.37 -2.16 -44.27
C LEU A 169 12.87 -2.02 -44.23
N MET A 170 13.43 -1.14 -45.05
CA MET A 170 14.84 -0.80 -45.04
C MET A 170 14.97 0.57 -44.39
N PHE A 171 15.85 0.68 -43.42
CA PHE A 171 16.06 1.92 -42.70
C PHE A 171 17.43 2.43 -43.06
N THR A 172 17.51 3.73 -43.35
CA THR A 172 18.79 4.37 -43.58
C THR A 172 19.01 5.14 -42.27
N LYS A 173 20.06 4.79 -41.55
CA LYS A 173 20.36 5.34 -40.26
C LYS A 173 21.60 6.22 -40.28
N LYS A 174 21.54 7.34 -39.56
CA LYS A 174 22.69 8.23 -39.40
C LYS A 174 23.07 8.16 -37.92
N THR A 175 24.27 7.63 -37.62
CA THR A 175 24.70 7.43 -36.23
C THR A 175 25.78 8.43 -35.81
N TYR A 176 25.59 9.08 -34.66
CA TYR A 176 26.56 10.04 -34.08
C TYR A 176 27.12 9.43 -32.81
N THR A 177 28.44 9.43 -32.63
CA THR A 177 29.03 8.79 -31.45
C THR A 177 29.69 9.76 -30.47
N ASP A 178 29.69 11.06 -30.76
CA ASP A 178 30.17 12.06 -29.82
C ASP A 178 28.90 12.74 -29.25
N VAL A 179 28.39 12.23 -28.15
CA VAL A 179 27.16 12.73 -27.54
C VAL A 179 27.53 13.07 -26.10
N ARG A 180 27.60 14.37 -25.81
CA ARG A 180 28.07 14.86 -24.52
C ARG A 180 27.01 15.12 -23.48
N LEU A 181 27.34 14.93 -22.20
CA LEU A 181 26.46 15.20 -21.07
C LEU A 181 26.38 16.71 -20.86
N VAL A 182 25.17 17.26 -20.87
CA VAL A 182 24.91 18.68 -20.74
C VAL A 182 24.31 19.07 -19.40
N GLY A 183 23.35 18.27 -18.95
CA GLY A 183 22.66 18.55 -17.70
C GLY A 183 21.86 17.38 -17.17
N ALA A 184 21.71 17.33 -15.87
CA ALA A 184 20.95 16.28 -15.21
C ALA A 184 20.50 16.80 -13.86
N PRO A 185 19.26 16.49 -13.46
CA PRO A 185 18.83 16.87 -12.11
C PRO A 185 19.51 15.95 -11.10
N PRO A 186 19.47 16.28 -9.79
CA PRO A 186 20.00 15.33 -8.79
C PRO A 186 19.15 14.05 -8.81
N SER A 187 19.69 12.92 -8.34
CA SER A 187 18.92 11.67 -8.33
C SER A 187 17.62 11.78 -7.51
N SER A 188 17.58 12.70 -6.53
CA SER A 188 16.39 12.88 -5.71
C SER A 188 15.17 13.36 -6.55
N ILE A 189 15.42 13.93 -7.75
CA ILE A 189 14.39 14.37 -8.68
C ILE A 189 14.30 13.36 -9.86
N GLY A 190 15.45 13.02 -10.45
CA GLY A 190 15.54 12.12 -11.60
C GLY A 190 14.99 10.73 -11.37
N LYS A 191 15.12 10.26 -10.14
CA LYS A 191 14.58 8.98 -9.73
C LYS A 191 13.89 9.08 -8.36
N PHE A 192 13.05 10.12 -8.17
CA PHE A 192 12.33 10.36 -6.91
C PHE A 192 11.64 9.15 -6.30
N GLY A 193 10.82 8.44 -7.06
CA GLY A 193 10.15 7.27 -6.48
C GLY A 193 11.09 6.13 -6.17
N ALA A 194 12.22 6.07 -6.92
CA ALA A 194 13.24 5.04 -6.87
C ALA A 194 12.54 3.67 -7.19
N ASP A 195 12.76 2.52 -6.49
CA ASP A 195 12.09 1.29 -6.85
C ASP A 195 10.67 1.21 -6.31
N THR A 196 10.35 1.93 -5.21
CA THR A 196 9.00 1.91 -4.64
C THR A 196 7.94 2.36 -5.64
N ASP A 197 8.24 3.41 -6.41
CA ASP A 197 7.31 3.93 -7.39
C ASP A 197 7.52 3.40 -8.80
N ASN A 198 8.39 2.38 -9.01
CA ASN A 198 8.56 1.79 -10.35
C ASN A 198 7.23 1.17 -10.79
N TRP A 199 6.81 1.44 -12.04
CA TRP A 199 5.53 0.99 -12.60
C TRP A 199 4.32 1.61 -11.89
N ILE A 200 4.51 2.69 -11.10
CA ILE A 200 3.41 3.26 -10.34
C ILE A 200 2.88 4.57 -10.90
N TRP A 201 1.57 4.66 -11.01
CA TRP A 201 0.86 5.90 -11.27
C TRP A 201 -0.13 6.03 -10.08
N PRO A 202 -0.26 7.20 -9.40
CA PRO A 202 0.40 8.50 -9.63
C PRO A 202 1.91 8.47 -9.48
N ARG A 203 2.61 9.31 -10.25
CA ARG A 203 4.07 9.32 -10.22
C ARG A 203 4.55 10.76 -10.11
N HIS A 204 5.63 10.98 -9.36
CA HIS A 204 6.13 12.34 -9.09
C HIS A 204 7.62 12.50 -9.41
N THR A 205 8.11 11.72 -10.36
CA THR A 205 9.51 11.66 -10.75
C THR A 205 9.85 12.59 -11.92
N GLY A 206 10.90 13.40 -11.75
CA GLY A 206 11.44 14.29 -12.80
C GLY A 206 12.48 13.56 -13.63
N ASP A 207 12.03 12.50 -14.31
CA ASP A 207 12.89 11.60 -15.06
C ASP A 207 13.37 12.18 -16.40
N PHE A 208 14.42 13.01 -16.32
CA PHE A 208 15.04 13.60 -17.49
C PHE A 208 16.55 13.82 -17.28
N SER A 209 17.28 13.87 -18.40
CA SER A 209 18.69 14.22 -18.48
C SER A 209 18.90 14.87 -19.88
N ILE A 210 19.98 15.63 -20.01
CA ILE A 210 20.26 16.45 -21.19
C ILE A 210 21.63 16.14 -21.77
N PHE A 211 21.67 15.93 -23.07
CA PHE A 211 22.89 15.63 -23.81
C PHE A 211 23.00 16.58 -25.02
N ARG A 212 24.10 16.49 -25.77
CA ARG A 212 24.27 17.29 -26.97
C ARG A 212 25.02 16.47 -27.98
N ILE A 213 24.47 16.39 -29.18
CA ILE A 213 25.14 15.71 -30.28
C ILE A 213 26.24 16.62 -30.85
N TYR A 214 27.44 16.08 -30.98
CA TYR A 214 28.57 16.75 -31.59
C TYR A 214 28.91 16.03 -32.88
N ALA A 215 29.47 16.77 -33.84
CA ALA A 215 29.79 16.25 -35.17
C ALA A 215 30.99 17.05 -35.78
N ASP A 216 31.48 16.68 -36.99
CA ASP A 216 32.55 17.44 -37.63
C ASP A 216 32.00 18.79 -38.13
N LYS A 217 32.86 19.64 -38.72
CA LYS A 217 32.50 20.96 -39.24
C LYS A 217 31.31 20.96 -40.19
N ASN A 218 31.07 19.85 -40.92
CA ASN A 218 29.95 19.79 -41.86
C ASN A 218 28.69 19.12 -41.31
N GLY A 219 28.64 18.86 -40.01
CA GLY A 219 27.50 18.20 -39.40
C GLY A 219 27.45 16.70 -39.63
N ASN A 220 28.56 16.12 -40.07
CA ASN A 220 28.68 14.69 -40.34
C ASN A 220 29.18 13.97 -39.11
N PRO A 221 28.69 12.73 -38.88
CA PRO A 221 29.15 11.96 -37.72
C PRO A 221 30.68 11.83 -37.65
N ALA A 222 31.19 11.94 -36.44
CA ALA A 222 32.61 11.83 -36.17
C ALA A 222 32.78 11.35 -34.74
N PRO A 223 33.77 10.46 -34.48
CA PRO A 223 34.00 10.03 -33.10
C PRO A 223 34.47 11.21 -32.24
N TYR A 224 34.55 11.03 -30.90
CA TYR A 224 35.00 12.12 -30.03
C TYR A 224 36.32 12.76 -30.50
N SER A 225 36.29 14.09 -30.63
CA SER A 225 37.43 14.91 -30.99
C SER A 225 37.24 16.27 -30.35
N GLU A 226 38.34 16.86 -29.84
CA GLU A 226 38.29 18.20 -29.23
C GLU A 226 37.90 19.27 -30.26
N ASP A 227 38.05 18.98 -31.57
CA ASP A 227 37.68 19.88 -32.68
C ASP A 227 36.19 19.76 -33.06
N ASN A 228 35.42 18.83 -32.45
CA ASN A 228 34.02 18.65 -32.81
C ASN A 228 33.17 19.80 -32.36
N VAL A 229 32.21 20.13 -33.22
CA VAL A 229 31.30 21.25 -33.08
C VAL A 229 29.85 20.73 -32.90
N PRO A 230 28.99 21.39 -32.11
CA PRO A 230 27.60 20.91 -31.95
C PRO A 230 26.88 20.75 -33.30
N LEU A 231 26.01 19.74 -33.39
CA LEU A 231 25.31 19.47 -34.63
C LEU A 231 24.17 20.47 -34.87
N LYS A 232 24.09 21.05 -36.08
CA LYS A 232 22.94 21.86 -36.44
C LYS A 232 22.03 20.84 -37.11
N PRO A 233 20.90 20.47 -36.49
CA PRO A 233 20.06 19.42 -37.06
C PRO A 233 19.09 19.93 -38.12
N LYS A 234 18.55 18.99 -38.89
CA LYS A 234 17.50 19.22 -39.89
C LYS A 234 16.26 19.78 -39.21
N ARG A 235 15.90 19.20 -38.04
CA ARG A 235 14.67 19.48 -37.36
C ARG A 235 14.82 19.27 -35.84
N PHE A 236 14.17 20.12 -35.05
CA PHE A 236 14.15 20.02 -33.60
C PHE A 236 12.75 20.36 -33.09
N PHE A 237 12.41 19.89 -31.88
CA PHE A 237 11.09 20.14 -31.32
C PHE A 237 11.00 21.52 -30.69
N ASN A 238 9.85 22.18 -30.86
CA ASN A 238 9.58 23.41 -30.12
C ASN A 238 9.03 22.95 -28.77
N ILE A 239 9.36 23.66 -27.70
CA ILE A 239 8.86 23.32 -26.37
C ILE A 239 7.57 24.09 -26.14
N SER A 240 6.51 23.41 -25.71
CA SER A 240 5.25 24.10 -25.41
C SER A 240 5.17 24.44 -23.92
N LEU A 241 4.66 25.60 -23.60
CA LEU A 241 4.39 25.95 -22.20
C LEU A 241 2.85 26.04 -21.92
N GLY A 242 2.02 25.67 -22.90
CA GLY A 242 0.57 25.62 -22.80
C GLY A 242 0.02 24.51 -21.93
N GLY A 243 0.88 23.55 -21.58
CA GLY A 243 0.53 22.44 -20.71
C GLY A 243 -0.46 21.47 -21.29
N VAL A 244 -1.07 20.68 -20.41
CA VAL A 244 -2.07 19.70 -20.82
C VAL A 244 -3.34 19.85 -19.98
N GLN A 245 -4.45 19.43 -20.56
CA GLN A 245 -5.76 19.37 -19.91
C GLN A 245 -6.30 17.96 -20.12
N GLU A 246 -7.22 17.53 -19.26
CA GLU A 246 -7.85 16.21 -19.40
C GLU A 246 -8.52 16.09 -20.78
N ASN A 247 -8.31 14.98 -21.46
CA ASN A 247 -8.85 14.70 -22.78
C ASN A 247 -8.04 15.31 -23.92
N ASP A 248 -6.95 16.05 -23.64
CA ASP A 248 -6.11 16.61 -24.73
C ASP A 248 -5.50 15.52 -25.55
N TYR A 249 -5.38 15.75 -26.85
CA TYR A 249 -4.72 14.85 -27.75
C TYR A 249 -3.23 14.82 -27.41
N ALA A 250 -2.65 13.62 -27.40
CA ALA A 250 -1.21 13.45 -27.18
C ALA A 250 -0.67 12.36 -28.14
N MET A 251 0.56 12.52 -28.60
CA MET A 251 1.19 11.52 -29.45
C MET A 251 2.65 11.33 -29.12
N ILE A 252 3.17 10.14 -29.39
CA ILE A 252 4.54 9.79 -29.10
C ILE A 252 5.19 9.12 -30.33
N MET A 253 6.47 9.37 -30.53
CA MET A 253 7.31 8.68 -31.50
C MET A 253 8.45 8.09 -30.69
N GLY A 254 8.82 6.86 -30.99
CA GLY A 254 9.90 6.20 -30.26
C GLY A 254 10.23 4.83 -30.78
N PHE A 255 10.99 4.07 -30.01
CA PHE A 255 11.45 2.77 -30.44
C PHE A 255 10.99 1.64 -29.51
N PRO A 256 9.68 1.30 -29.49
CA PRO A 256 9.24 0.17 -28.63
C PRO A 256 9.96 -1.11 -29.05
N GLY A 257 10.42 -1.86 -28.06
CA GLY A 257 11.24 -3.03 -28.28
C GLY A 257 10.51 -4.28 -28.71
N THR A 258 9.59 -4.79 -27.87
CA THR A 258 8.91 -6.05 -28.19
C THR A 258 7.46 -6.04 -27.69
N THR A 259 6.58 -6.71 -28.45
CA THR A 259 5.19 -6.96 -28.03
C THR A 259 4.84 -8.40 -28.48
N HIS A 260 3.68 -8.91 -28.08
CA HIS A 260 3.23 -10.23 -28.47
C HIS A 260 1.74 -10.16 -28.77
N ARG A 261 1.39 -9.25 -29.68
CA ARG A 261 0.02 -8.97 -30.08
C ARG A 261 -0.63 -10.12 -30.86
N TYR A 262 0.16 -11.05 -31.40
CA TYR A 262 -0.41 -12.15 -32.18
C TYR A 262 -0.22 -13.50 -31.52
N PHE A 263 -0.10 -13.53 -30.19
CA PHE A 263 -0.03 -14.76 -29.40
C PHE A 263 -1.31 -15.54 -29.61
N THR A 264 -1.23 -16.88 -29.66
CA THR A 264 -2.44 -17.68 -29.66
C THR A 264 -2.93 -17.74 -28.19
N ALA A 265 -4.15 -18.26 -27.96
CA ALA A 265 -4.67 -18.43 -26.60
C ALA A 265 -3.77 -19.42 -25.83
N SER A 266 -3.22 -20.45 -26.50
CA SER A 266 -2.31 -21.42 -25.89
C SER A 266 -0.98 -20.78 -25.45
N GLU A 267 -0.50 -19.75 -26.16
CA GLU A 267 0.72 -19.01 -25.81
C GLU A 267 0.46 -18.10 -24.61
N VAL A 268 -0.75 -17.50 -24.50
CA VAL A 268 -1.14 -16.72 -23.32
C VAL A 268 -1.17 -17.68 -22.09
N ASP A 269 -1.75 -18.89 -22.25
CA ASP A 269 -1.82 -19.84 -21.11
C ASP A 269 -0.45 -20.27 -20.66
N GLU A 270 0.44 -20.53 -21.62
CA GLU A 270 1.83 -20.91 -21.37
C GLU A 270 2.56 -19.78 -20.66
N TRP A 271 2.40 -18.55 -21.13
CA TRP A 271 3.02 -17.35 -20.56
C TRP A 271 2.60 -17.22 -19.08
N LYS A 272 1.32 -17.42 -18.80
CA LYS A 272 0.79 -17.37 -17.46
C LYS A 272 1.28 -18.55 -16.58
N SER A 273 0.97 -19.80 -16.98
CA SER A 273 1.16 -21.01 -16.18
C SER A 273 2.58 -21.50 -16.09
N ILE A 274 3.45 -21.07 -17.01
CA ILE A 274 4.85 -21.48 -16.93
C ILE A 274 5.70 -20.26 -16.59
N ASP A 275 5.93 -19.36 -17.57
CA ASP A 275 6.78 -18.20 -17.44
C ASP A 275 6.49 -17.37 -16.21
N ASN A 276 5.27 -16.83 -16.10
CA ASN A 276 4.90 -15.93 -15.02
C ASN A 276 4.74 -16.63 -13.68
N ASP A 277 3.99 -17.75 -13.59
CA ASP A 277 3.83 -18.44 -12.29
C ASP A 277 5.14 -18.90 -11.67
N ILE A 278 6.08 -19.43 -12.49
CA ILE A 278 7.38 -19.89 -11.98
C ILE A 278 8.21 -18.71 -11.52
N ARG A 279 8.34 -17.67 -12.35
CA ARG A 279 9.07 -16.45 -12.00
C ARG A 279 8.50 -15.83 -10.69
N ILE A 280 7.16 -15.76 -10.57
CA ILE A 280 6.51 -15.23 -9.38
C ILE A 280 6.81 -16.08 -8.15
N ARG A 281 6.56 -17.40 -8.24
CA ARG A 281 6.79 -18.29 -7.13
C ARG A 281 8.27 -18.31 -6.69
N MET A 282 9.20 -18.49 -7.63
CA MET A 282 10.63 -18.55 -7.30
C MET A 282 11.21 -17.26 -6.79
N ARG A 283 10.84 -16.12 -7.41
CA ARG A 283 11.35 -14.82 -6.95
C ARG A 283 10.77 -14.45 -5.61
N ASP A 284 9.52 -14.85 -5.31
CA ASP A 284 8.94 -14.56 -4.01
C ASP A 284 9.71 -15.32 -2.91
N ILE A 285 10.13 -16.56 -3.17
CA ILE A 285 10.94 -17.32 -2.20
C ILE A 285 12.31 -16.64 -2.01
N ARG A 286 12.99 -16.34 -3.11
CA ARG A 286 14.30 -15.71 -3.09
C ARG A 286 14.29 -14.36 -2.33
N GLN A 287 13.36 -13.47 -2.72
CA GLN A 287 13.16 -12.14 -2.15
C GLN A 287 12.77 -12.21 -0.68
N GLY A 288 11.92 -13.17 -0.30
CA GLY A 288 11.51 -13.36 1.08
C GLY A 288 12.68 -13.65 2.01
N VAL A 289 13.59 -14.55 1.59
CA VAL A 289 14.76 -14.88 2.40
C VAL A 289 15.73 -13.69 2.44
N MET A 290 15.95 -13.06 1.27
CA MET A 290 16.81 -11.89 1.14
C MET A 290 16.36 -10.71 2.04
N LEU A 291 15.08 -10.36 2.00
CA LEU A 291 14.53 -9.27 2.81
C LEU A 291 14.65 -9.55 4.31
N ARG A 292 14.35 -10.79 4.77
CA ARG A 292 14.52 -11.13 6.18
C ARG A 292 15.97 -10.94 6.62
N GLU A 293 16.95 -11.29 5.78
CA GLU A 293 18.36 -11.13 6.12
C GLU A 293 18.80 -9.68 6.10
N MET A 294 18.29 -8.92 5.11
CA MET A 294 18.59 -7.49 5.00
C MET A 294 18.00 -6.71 6.20
N LEU A 295 16.79 -7.06 6.65
CA LEU A 295 16.18 -6.37 7.80
C LEU A 295 16.85 -6.70 9.14
N ALA A 296 17.47 -7.88 9.26
CA ALA A 296 18.13 -8.30 10.50
C ALA A 296 19.58 -7.81 10.62
N ASP A 297 20.24 -7.50 9.50
CA ASP A 297 21.64 -7.08 9.52
C ASP A 297 21.81 -5.90 8.57
N PRO A 298 22.10 -4.71 9.11
CA PRO A 298 22.28 -3.54 8.23
C PRO A 298 23.41 -3.67 7.21
N GLN A 299 24.41 -4.52 7.49
CA GLN A 299 25.49 -4.76 6.56
C GLN A 299 24.97 -5.63 5.40
N ILE A 300 24.06 -6.60 5.67
CA ILE A 300 23.44 -7.43 4.63
C ILE A 300 22.54 -6.57 3.73
N LYS A 301 21.85 -5.59 4.31
CA LYS A 301 21.01 -4.65 3.55
C LYS A 301 21.86 -3.87 2.53
N ILE A 302 23.06 -3.44 2.93
CA ILE A 302 23.97 -2.72 2.04
C ILE A 302 24.45 -3.65 0.91
N MET A 303 24.88 -4.87 1.26
CA MET A 303 25.37 -5.82 0.27
C MET A 303 24.31 -6.35 -0.71
N TYR A 304 23.07 -6.54 -0.26
CA TYR A 304 22.03 -7.18 -1.07
C TYR A 304 20.93 -6.26 -1.61
N SER A 305 20.99 -4.94 -1.39
CA SER A 305 19.95 -4.03 -1.85
C SER A 305 19.77 -3.99 -3.36
N ALA A 306 20.87 -3.94 -4.09
CA ALA A 306 20.81 -3.92 -5.55
C ALA A 306 20.31 -5.26 -6.10
N LYS A 307 20.81 -6.41 -5.57
CA LYS A 307 20.35 -7.74 -6.01
C LYS A 307 18.86 -7.93 -5.75
N TYR A 308 18.39 -7.46 -4.62
CA TYR A 308 16.99 -7.52 -4.25
C TYR A 308 16.15 -6.69 -5.25
N ALA A 309 16.56 -5.42 -5.49
CA ALA A 309 15.84 -4.51 -6.40
C ALA A 309 15.81 -5.07 -7.82
N ALA A 310 16.93 -5.60 -8.32
CA ALA A 310 17.01 -6.20 -9.65
C ALA A 310 16.08 -7.41 -9.79
N SER A 311 15.92 -8.22 -8.73
CA SER A 311 15.04 -9.38 -8.79
C SER A 311 13.58 -8.94 -8.83
N GLN A 312 13.24 -7.88 -8.06
CA GLN A 312 11.88 -7.33 -7.95
C GLN A 312 11.32 -6.72 -9.22
N ASN A 313 12.17 -6.16 -10.11
CA ASN A 313 11.64 -5.49 -11.31
C ASN A 313 10.82 -6.42 -12.23
N ALA A 314 11.36 -7.57 -12.65
CA ALA A 314 10.60 -8.50 -13.50
C ALA A 314 9.55 -9.28 -12.70
N TYR A 315 9.74 -9.41 -11.38
CA TYR A 315 8.77 -10.00 -10.48
C TYR A 315 7.50 -9.13 -10.51
N LYS A 316 7.65 -7.80 -10.36
CA LYS A 316 6.51 -6.88 -10.39
C LYS A 316 5.83 -6.91 -11.76
N ARG A 317 6.61 -7.02 -12.83
CA ARG A 317 6.09 -7.07 -14.19
C ARG A 317 5.22 -8.32 -14.36
N ALA A 318 5.72 -9.49 -13.91
CA ALA A 318 4.98 -10.75 -14.01
C ALA A 318 3.66 -10.71 -13.20
N ILE A 319 3.65 -10.04 -12.04
CA ILE A 319 2.43 -9.86 -11.21
C ILE A 319 1.41 -8.99 -11.99
N GLY A 320 1.88 -7.90 -12.57
CA GLY A 320 1.02 -7.03 -13.36
C GLY A 320 0.47 -7.75 -14.59
N ALA A 321 1.30 -8.56 -15.26
CA ALA A 321 0.90 -9.32 -16.45
C ALA A 321 -0.13 -10.38 -16.10
N ASN A 322 0.09 -11.14 -15.00
CA ASN A 322 -0.86 -12.17 -14.56
C ASN A 322 -2.20 -11.55 -14.09
N TRP A 323 -2.18 -10.32 -13.57
CA TRP A 323 -3.42 -9.65 -13.19
C TRP A 323 -4.25 -9.38 -14.48
N ALA A 324 -3.61 -8.98 -15.58
CA ALA A 324 -4.33 -8.71 -16.83
C ALA A 324 -4.87 -10.03 -17.40
N ILE A 325 -4.08 -11.11 -17.38
CA ILE A 325 -4.53 -12.42 -17.89
C ILE A 325 -5.76 -12.88 -17.10
N LYS A 326 -5.74 -12.69 -15.78
CA LYS A 326 -6.84 -13.09 -14.91
C LYS A 326 -8.09 -12.20 -15.04
N THR A 327 -7.92 -10.88 -15.16
CA THR A 327 -9.06 -9.96 -15.12
C THR A 327 -9.50 -9.31 -16.42
N ARG A 328 -8.64 -9.22 -17.44
CA ARG A 328 -8.97 -8.50 -18.66
C ARG A 328 -9.30 -9.38 -19.87
N GLY A 329 -9.42 -10.68 -19.64
CA GLY A 329 -9.78 -11.64 -20.68
C GLY A 329 -8.80 -11.74 -21.82
N LEU A 330 -7.48 -11.71 -21.53
CA LEU A 330 -6.47 -11.75 -22.61
C LEU A 330 -6.51 -13.06 -23.35
N ARG A 331 -6.65 -14.17 -22.65
CA ARG A 331 -6.70 -15.49 -23.27
C ARG A 331 -7.91 -15.59 -24.20
N GLN A 332 -9.07 -15.17 -23.69
CA GLN A 332 -10.35 -15.19 -24.39
C GLN A 332 -10.32 -14.35 -25.66
N ASN A 333 -9.68 -13.17 -25.60
CA ASN A 333 -9.63 -12.31 -26.78
C ASN A 333 -8.69 -12.85 -27.85
N LYS A 334 -7.66 -13.62 -27.46
CA LYS A 334 -6.79 -14.26 -28.46
C LYS A 334 -7.53 -15.41 -29.12
N GLN A 335 -8.30 -16.17 -28.31
CA GLN A 335 -9.12 -17.28 -28.76
C GLN A 335 -10.16 -16.77 -29.74
N ALA A 336 -10.83 -15.64 -29.44
CA ALA A 336 -11.84 -15.08 -30.34
C ALA A 336 -11.20 -14.63 -31.67
N MET A 337 -9.99 -14.06 -31.60
CA MET A 337 -9.23 -13.58 -32.75
C MET A 337 -8.90 -14.75 -33.68
N GLN A 338 -8.39 -15.86 -33.11
CA GLN A 338 -8.03 -17.01 -33.92
C GLN A 338 -9.26 -17.75 -34.44
N ASP A 339 -10.37 -17.79 -33.66
CA ASP A 339 -11.60 -18.45 -34.14
C ASP A 339 -12.22 -17.72 -35.31
N ARG A 340 -12.16 -16.39 -35.29
CA ARG A 340 -12.68 -15.53 -36.35
C ARG A 340 -11.89 -15.76 -37.65
N LEU A 341 -10.55 -15.88 -37.55
CA LEU A 341 -9.73 -16.16 -38.73
C LEU A 341 -10.03 -17.57 -39.29
N ILE A 342 -10.16 -18.57 -38.41
CA ILE A 342 -10.47 -19.94 -38.78
C ILE A 342 -11.84 -20.05 -39.49
N ALA A 343 -12.85 -19.31 -38.99
CA ALA A 343 -14.19 -19.30 -39.61
C ALA A 343 -14.14 -18.64 -40.99
N TRP A 344 -13.32 -17.59 -41.14
CA TRP A 344 -13.15 -16.88 -42.40
C TRP A 344 -12.40 -17.71 -43.43
N GLY A 345 -11.41 -18.48 -42.97
CA GLY A 345 -10.64 -19.36 -43.82
C GLY A 345 -11.48 -20.52 -44.32
N ALA A 346 -12.44 -21.00 -43.50
CA ALA A 346 -13.35 -22.08 -43.86
C ALA A 346 -14.28 -21.61 -44.98
N LYS A 347 -14.76 -20.36 -44.90
CA LYS A 347 -15.63 -19.75 -45.90
C LYS A 347 -14.88 -19.48 -47.20
N GLN A 348 -13.57 -19.15 -47.12
CA GLN A 348 -12.76 -18.89 -48.32
C GLN A 348 -12.18 -20.14 -48.98
N GLY A 349 -12.35 -21.30 -48.38
CA GLY A 349 -11.80 -22.55 -48.90
C GLY A 349 -10.30 -22.67 -48.72
N THR A 350 -9.72 -21.94 -47.75
CA THR A 350 -8.28 -21.97 -47.49
C THR A 350 -8.02 -22.47 -46.07
N PRO A 351 -7.68 -23.76 -45.91
CA PRO A 351 -7.47 -24.29 -44.55
C PRO A 351 -6.12 -23.99 -43.90
N ARG A 352 -5.18 -23.32 -44.59
CA ARG A 352 -3.84 -23.08 -44.06
C ARG A 352 -3.76 -22.23 -42.77
N TYR A 353 -4.76 -21.38 -42.48
CA TYR A 353 -4.74 -20.53 -41.29
C TYR A 353 -5.06 -21.36 -40.05
N GLU A 354 -6.06 -22.24 -40.16
CA GLU A 354 -6.45 -23.15 -39.11
C GLU A 354 -5.31 -24.15 -38.84
N GLU A 355 -4.65 -24.63 -39.92
CA GLU A 355 -3.51 -25.52 -39.82
C GLU A 355 -2.34 -24.82 -39.09
N ALA A 356 -2.13 -23.51 -39.37
CA ALA A 356 -1.09 -22.73 -38.71
C ALA A 356 -1.37 -22.57 -37.20
N VAL A 357 -2.60 -22.23 -36.79
CA VAL A 357 -2.95 -22.10 -35.37
C VAL A 357 -2.80 -23.48 -34.68
N HIS A 358 -3.19 -24.57 -35.37
CA HIS A 358 -3.03 -25.92 -34.86
C HIS A 358 -1.56 -26.25 -34.62
N GLU A 359 -0.67 -25.88 -35.56
CA GLU A 359 0.77 -26.11 -35.39
C GLU A 359 1.32 -25.40 -34.17
N ILE A 360 0.90 -24.13 -33.96
CA ILE A 360 1.32 -23.36 -32.80
C ILE A 360 0.83 -24.05 -31.50
N ASP A 361 -0.46 -24.42 -31.43
CA ASP A 361 -1.03 -25.13 -30.26
C ASP A 361 -0.28 -26.42 -29.98
N ALA A 362 -0.04 -27.23 -31.04
CA ALA A 362 0.62 -28.52 -30.85
C ALA A 362 2.05 -28.35 -30.37
N THR A 363 2.75 -27.31 -30.87
CA THR A 363 4.13 -27.05 -30.45
C THR A 363 4.15 -26.59 -28.99
N VAL A 364 3.22 -25.71 -28.59
CA VAL A 364 3.13 -25.24 -27.21
C VAL A 364 2.88 -26.43 -26.25
N ALA A 365 1.88 -27.28 -26.59
CA ALA A 365 1.53 -28.45 -25.78
C ALA A 365 2.71 -29.43 -25.69
N LYS A 366 3.42 -29.65 -26.81
CA LYS A 366 4.57 -30.56 -26.81
C LYS A 366 5.77 -30.09 -25.97
N ARG A 367 6.12 -28.79 -25.99
CA ARG A 367 7.27 -28.30 -25.22
C ARG A 367 6.97 -27.97 -23.76
N ALA A 368 5.73 -28.17 -23.29
CA ALA A 368 5.31 -27.79 -21.92
C ALA A 368 6.22 -28.28 -20.78
N ASP A 369 6.53 -29.58 -20.71
CA ASP A 369 7.36 -30.13 -19.63
C ASP A 369 8.78 -29.58 -19.67
N LEU A 370 9.40 -29.56 -20.85
CA LEU A 370 10.75 -29.03 -21.01
C LEU A 370 10.82 -27.53 -20.62
N ARG A 371 9.84 -26.72 -21.06
CA ARG A 371 9.79 -25.29 -20.77
C ARG A 371 9.61 -25.05 -19.26
N ARG A 372 8.79 -25.88 -18.62
CA ARG A 372 8.59 -25.83 -17.17
C ARG A 372 9.92 -26.12 -16.46
N ARG A 373 10.63 -27.14 -16.91
CA ARG A 373 11.93 -27.50 -16.36
C ARG A 373 12.99 -26.41 -16.57
N TYR A 374 12.94 -25.72 -17.71
CA TYR A 374 13.86 -24.63 -18.04
C TYR A 374 13.63 -23.41 -17.13
N TRP A 375 12.39 -22.96 -17.00
CA TRP A 375 12.05 -21.82 -16.15
C TRP A 375 12.32 -22.15 -14.68
N MET A 376 12.04 -23.40 -14.27
CA MET A 376 12.30 -23.83 -12.93
C MET A 376 13.80 -23.75 -12.57
N ILE A 377 14.68 -24.19 -13.47
CA ILE A 377 16.12 -24.13 -13.20
C ILE A 377 16.66 -22.71 -13.35
N GLU A 378 16.15 -21.96 -14.31
CA GLU A 378 16.61 -20.60 -14.54
C GLU A 378 16.21 -19.68 -13.38
N GLU A 379 14.96 -19.69 -12.99
CA GLU A 379 14.48 -18.87 -11.88
C GLU A 379 14.94 -19.41 -10.53
N GLY A 380 14.90 -20.72 -10.38
CA GLY A 380 15.25 -21.37 -9.13
C GLY A 380 16.73 -21.44 -8.79
N ILE A 381 17.57 -21.70 -9.79
CA ILE A 381 18.99 -21.92 -9.53
C ILE A 381 19.92 -20.93 -10.25
N ILE A 382 19.83 -20.82 -11.60
CA ILE A 382 20.70 -19.94 -12.39
C ILE A 382 20.66 -18.50 -11.88
N ARG A 383 19.44 -17.99 -11.63
CA ARG A 383 19.25 -16.65 -11.08
C ARG A 383 19.11 -16.70 -9.55
N GLY A 384 18.49 -17.74 -9.04
CA GLY A 384 18.14 -17.82 -7.63
C GLY A 384 19.26 -18.04 -6.63
N ILE A 385 20.31 -18.79 -7.02
CA ILE A 385 21.38 -19.18 -6.13
C ILE A 385 22.73 -18.65 -6.62
N GLU A 386 23.39 -17.80 -5.81
CA GLU A 386 24.65 -17.19 -6.22
C GLU A 386 25.77 -18.18 -6.45
N PHE A 387 25.86 -19.25 -5.64
CA PHE A 387 26.94 -20.22 -5.83
C PHE A 387 26.76 -21.10 -7.09
N ALA A 388 25.66 -20.91 -7.84
CA ALA A 388 25.49 -21.56 -9.15
C ALA A 388 26.47 -20.91 -10.13
N ARG A 389 26.74 -19.59 -9.98
CA ARG A 389 27.70 -18.88 -10.81
C ARG A 389 29.07 -18.79 -10.15
N SER A 390 29.44 -19.81 -9.35
CA SER A 390 30.75 -19.87 -8.73
C SER A 390 31.75 -20.40 -9.80
N PRO A 391 33.08 -20.25 -9.58
CA PRO A 391 34.05 -20.67 -10.61
C PRO A 391 34.04 -22.13 -11.06
N ILE A 392 34.04 -22.31 -12.38
CA ILE A 392 34.18 -23.64 -12.98
C ILE A 392 35.50 -23.63 -13.74
N PRO A 393 36.48 -24.46 -13.33
CA PRO A 393 37.77 -24.50 -14.04
C PRO A 393 37.61 -24.86 -15.52
N THR A 394 38.15 -24.03 -16.42
CA THR A 394 38.08 -24.27 -17.88
C THR A 394 38.86 -25.54 -18.33
N GLU A 395 38.72 -25.94 -19.62
CA GLU A 395 39.44 -27.09 -20.20
C GLU A 395 40.95 -26.82 -20.20
N ASP A 396 41.34 -25.59 -20.59
CA ASP A 396 42.73 -25.14 -20.62
C ASP A 396 43.29 -24.91 -19.20
N GLU A 397 42.43 -24.49 -18.22
CA GLU A 397 42.86 -24.30 -16.84
C GLU A 397 43.17 -25.65 -16.20
N THR A 398 42.31 -26.66 -16.46
CA THR A 398 42.50 -28.02 -15.96
C THR A 398 43.77 -28.62 -16.62
N LYS A 399 43.95 -28.38 -17.94
CA LYS A 399 45.13 -28.86 -18.66
C LYS A 399 46.40 -28.27 -18.06
N ALA A 400 46.39 -26.95 -17.77
CA ALA A 400 47.54 -26.26 -17.20
C ALA A 400 47.95 -26.86 -15.84
N LEU A 401 46.97 -27.18 -14.99
CA LEU A 401 47.22 -27.75 -13.66
C LEU A 401 47.72 -29.21 -13.67
N GLN A 402 47.57 -29.91 -14.80
CA GLN A 402 48.02 -31.30 -14.90
C GLN A 402 49.29 -31.46 -15.76
N ASP A 405 52.81 -29.34 -15.95
CA ASP A 405 54.15 -29.16 -15.41
C ASP A 405 54.91 -28.03 -16.13
N ALA A 406 54.51 -26.78 -15.88
CA ALA A 406 55.09 -25.55 -16.45
C ALA A 406 54.70 -24.33 -15.57
N SER A 407 55.26 -23.11 -15.82
CA SER A 407 54.82 -21.91 -15.06
C SER A 407 53.33 -21.55 -15.34
N ALA A 408 52.70 -22.22 -16.32
CA ALA A 408 51.30 -22.06 -16.70
C ALA A 408 50.30 -22.44 -15.57
N ARG A 409 50.80 -23.10 -14.50
CA ARG A 409 50.05 -23.51 -13.33
C ARG A 409 49.70 -22.27 -12.51
N LYS A 410 50.68 -21.38 -12.30
CA LYS A 410 50.46 -20.13 -11.59
C LYS A 410 49.51 -19.19 -12.36
N GLU A 411 49.45 -19.32 -13.70
CA GLU A 411 48.56 -18.55 -14.55
C GLU A 411 47.13 -19.03 -14.32
N ALA A 412 46.91 -20.36 -14.25
CA ALA A 412 45.63 -21.00 -14.01
C ALA A 412 45.09 -20.64 -12.62
N ILE A 413 45.96 -20.66 -11.60
CA ILE A 413 45.58 -20.28 -10.24
C ILE A 413 45.23 -18.80 -10.15
N ASP A 414 45.95 -17.92 -10.90
CA ASP A 414 45.65 -16.49 -10.87
C ASP A 414 44.29 -16.20 -11.53
N LYS A 415 43.96 -16.96 -12.59
CA LYS A 415 42.71 -16.80 -13.32
C LYS A 415 41.54 -17.32 -12.48
N ILE A 416 41.70 -18.51 -11.86
CA ILE A 416 40.69 -19.08 -10.99
C ILE A 416 40.43 -18.16 -9.79
N ARG A 417 41.49 -17.55 -9.25
CA ARG A 417 41.42 -16.62 -8.12
C ARG A 417 40.65 -15.35 -8.49
N THR A 418 40.88 -14.81 -9.69
CA THR A 418 40.22 -13.61 -10.16
C THR A 418 38.70 -13.83 -10.22
N ARG A 419 38.28 -15.03 -10.71
CA ARG A 419 36.88 -15.40 -10.81
C ARG A 419 36.30 -15.69 -9.44
N TYR A 420 37.10 -16.26 -8.52
CA TYR A 420 36.63 -16.52 -7.16
C TYR A 420 36.38 -15.18 -6.46
N SER A 421 37.30 -14.24 -6.62
CA SER A 421 37.21 -12.91 -6.01
C SER A 421 36.02 -12.11 -6.53
N LYS A 422 35.62 -12.35 -7.79
CA LYS A 422 34.45 -11.66 -8.38
C LYS A 422 33.17 -12.30 -7.84
N PHE A 423 33.15 -13.64 -7.65
CA PHE A 423 32.01 -14.37 -7.09
C PHE A 423 31.84 -14.00 -5.61
N ALA A 424 32.87 -14.23 -4.80
CA ALA A 424 32.84 -13.94 -3.38
C ALA A 424 33.36 -12.52 -3.17
N ASN A 425 32.60 -11.53 -3.67
CA ASN A 425 33.02 -10.14 -3.58
C ASN A 425 32.54 -9.44 -2.27
N LYS A 426 32.70 -8.10 -2.17
CA LYS A 426 32.29 -7.31 -1.01
C LYS A 426 30.78 -7.39 -0.72
N ASP A 427 29.97 -7.76 -1.72
CA ASP A 427 28.52 -7.87 -1.58
C ASP A 427 28.01 -9.31 -1.42
N TYR A 428 28.90 -10.30 -1.42
CA TYR A 428 28.50 -11.69 -1.31
C TYR A 428 28.57 -12.18 0.13
N SER A 429 27.46 -12.73 0.63
CA SER A 429 27.45 -13.36 1.94
C SER A 429 27.18 -14.85 1.73
N ALA A 430 28.11 -15.71 2.15
CA ALA A 430 27.94 -17.16 2.03
C ALA A 430 26.78 -17.66 2.89
N GLU A 431 26.57 -17.03 4.08
CA GLU A 431 25.47 -17.36 4.98
C GLU A 431 24.10 -17.05 4.38
N VAL A 432 23.96 -15.86 3.78
CA VAL A 432 22.75 -15.45 3.11
C VAL A 432 22.50 -16.36 1.90
N ASP A 433 23.55 -16.65 1.14
CA ASP A 433 23.45 -17.55 -0.01
C ASP A 433 23.04 -18.97 0.37
N LYS A 434 23.56 -19.51 1.46
CA LYS A 434 23.16 -20.83 1.95
C LYS A 434 21.67 -20.83 2.32
N LYS A 435 21.17 -19.78 2.97
CA LYS A 435 19.76 -19.69 3.35
C LYS A 435 18.87 -19.55 2.12
N VAL A 436 19.28 -18.74 1.14
CA VAL A 436 18.53 -18.60 -0.10
C VAL A 436 18.51 -19.96 -0.83
N ALA A 437 19.67 -20.60 -0.99
CA ALA A 437 19.76 -21.90 -1.65
C ALA A 437 18.94 -22.97 -0.98
N VAL A 438 18.93 -23.05 0.36
CA VAL A 438 18.12 -24.06 1.05
C VAL A 438 16.60 -23.89 0.71
N ALA A 439 16.09 -22.65 0.74
CA ALA A 439 14.69 -22.42 0.40
C ALA A 439 14.43 -22.64 -1.11
N MET A 440 15.32 -22.15 -1.98
CA MET A 440 15.15 -22.31 -3.44
C MET A 440 15.22 -23.78 -3.87
N LEU A 441 16.19 -24.52 -3.34
CA LEU A 441 16.36 -25.94 -3.66
C LEU A 441 15.25 -26.80 -3.12
N THR A 442 14.70 -26.49 -1.94
CA THR A 442 13.56 -27.24 -1.39
C THR A 442 12.36 -27.14 -2.34
N GLU A 443 12.09 -25.94 -2.87
CA GLU A 443 11.00 -25.76 -3.83
C GLU A 443 11.31 -26.46 -5.15
N TYR A 444 12.55 -26.30 -5.66
CA TYR A 444 13.00 -26.92 -6.91
C TYR A 444 12.91 -28.45 -6.84
N LEU A 445 13.34 -29.04 -5.72
CA LEU A 445 13.30 -30.49 -5.50
C LEU A 445 11.87 -31.04 -5.36
N LYS A 446 10.93 -30.21 -4.91
CA LYS A 446 9.51 -30.56 -4.84
C LYS A 446 8.89 -30.55 -6.26
N GLU A 447 9.38 -29.71 -7.16
CA GLU A 447 8.81 -29.56 -8.50
C GLU A 447 9.42 -30.41 -9.57
N ILE A 448 10.72 -30.68 -9.46
CA ILE A 448 11.47 -31.42 -10.47
C ILE A 448 11.75 -32.83 -9.97
N PRO A 449 11.23 -33.86 -10.64
CA PRO A 449 11.46 -35.23 -10.17
C PRO A 449 12.93 -35.68 -10.32
N TYR A 450 13.35 -36.66 -9.49
CA TYR A 450 14.69 -37.23 -9.46
C TYR A 450 15.31 -37.46 -10.84
N GLU A 451 14.56 -38.10 -11.78
CA GLU A 451 15.05 -38.41 -13.12
C GLU A 451 15.33 -37.16 -13.98
N ASN A 452 14.75 -36.02 -13.63
CA ASN A 452 14.95 -34.77 -14.36
C ASN A 452 15.90 -33.78 -13.65
N LEU A 453 16.47 -34.17 -12.50
CA LEU A 453 17.34 -33.30 -11.72
C LEU A 453 18.71 -33.14 -12.34
N PRO A 454 19.38 -31.99 -12.15
CA PRO A 454 20.81 -31.91 -12.47
C PRO A 454 21.53 -32.97 -11.62
N LEU A 455 22.43 -33.78 -12.24
CA LEU A 455 23.10 -34.91 -11.63
C LEU A 455 23.55 -34.72 -10.17
N HIS A 456 24.15 -33.57 -9.83
CA HIS A 456 24.61 -33.34 -8.46
C HIS A 456 23.47 -33.24 -7.44
N LEU A 457 22.30 -32.73 -7.84
CA LEU A 457 21.13 -32.59 -6.97
C LEU A 457 20.52 -33.93 -6.57
N ARG A 458 20.85 -35.01 -7.28
CA ARG A 458 20.47 -36.37 -6.93
C ARG A 458 21.05 -36.79 -5.58
N LEU A 459 22.19 -36.16 -5.16
CA LEU A 459 22.83 -36.41 -3.87
C LEU A 459 21.97 -36.01 -2.69
N VAL A 460 20.96 -35.12 -2.87
CA VAL A 460 20.10 -34.73 -1.74
C VAL A 460 19.35 -35.96 -1.23
N LYS A 461 18.81 -36.76 -2.15
CA LYS A 461 18.11 -37.98 -1.78
C LYS A 461 19.09 -39.15 -1.51
N ASP A 462 20.07 -39.35 -2.39
CA ASP A 462 21.00 -40.48 -2.31
C ASP A 462 22.04 -40.44 -1.19
N ARG A 463 22.63 -39.27 -0.93
CA ARG A 463 23.71 -39.14 0.04
C ARG A 463 23.30 -38.43 1.31
N PHE A 464 22.35 -37.47 1.22
CA PHE A 464 21.99 -36.68 2.39
C PHE A 464 20.62 -37.00 3.00
N ALA A 465 20.02 -38.15 2.62
CA ALA A 465 18.71 -38.57 3.14
C ALA A 465 17.63 -37.47 3.10
N GLY A 466 17.61 -36.72 2.00
CA GLY A 466 16.64 -35.65 1.78
C GLY A 466 16.88 -34.32 2.49
N ASP A 467 17.98 -34.21 3.25
CA ASP A 467 18.30 -33.01 4.01
C ASP A 467 19.01 -31.98 3.12
N VAL A 468 18.24 -31.00 2.61
CA VAL A 468 18.75 -29.93 1.75
C VAL A 468 19.76 -29.08 2.51
N GLN A 469 19.48 -28.76 3.78
CA GLN A 469 20.36 -27.97 4.62
C GLN A 469 21.74 -28.61 4.73
N ALA A 470 21.79 -29.94 4.94
CA ALA A 470 23.04 -30.69 5.06
C ALA A 470 23.81 -30.73 3.75
N TYR A 471 23.11 -30.87 2.64
CA TYR A 471 23.71 -30.91 1.33
C TYR A 471 24.40 -29.56 1.03
N VAL A 472 23.70 -28.44 1.34
CA VAL A 472 24.21 -27.08 1.13
C VAL A 472 25.37 -26.80 2.09
N ASP A 473 25.25 -27.19 3.37
CA ASP A 473 26.33 -27.01 4.35
C ASP A 473 27.58 -27.74 3.89
N ASP A 474 27.41 -28.97 3.37
CA ASP A 474 28.53 -29.77 2.91
C ASP A 474 29.24 -29.13 1.70
N ILE A 475 28.48 -28.49 0.78
CA ILE A 475 29.04 -27.80 -0.38
C ILE A 475 30.05 -26.72 0.08
N PHE A 476 29.68 -25.92 1.07
CA PHE A 476 30.52 -24.85 1.57
C PHE A 476 31.64 -25.35 2.49
N ALA A 477 31.37 -26.37 3.32
CA ALA A 477 32.36 -26.89 4.25
C ALA A 477 33.52 -27.58 3.54
N ARG A 478 33.27 -28.22 2.40
CA ARG A 478 34.28 -28.96 1.68
C ARG A 478 34.80 -28.31 0.41
N SER A 479 34.13 -27.26 -0.08
CA SER A 479 34.56 -26.61 -1.31
C SER A 479 35.71 -25.64 -1.15
N VAL A 480 36.58 -25.64 -2.16
CA VAL A 480 37.67 -24.71 -2.37
C VAL A 480 37.11 -23.24 -2.45
N PHE A 481 35.87 -23.07 -2.89
CA PHE A 481 35.25 -21.75 -2.99
C PHE A 481 34.28 -21.43 -1.82
N GLY A 482 34.30 -22.26 -0.77
CA GLY A 482 33.46 -22.12 0.42
C GLY A 482 33.86 -20.99 1.34
N SER A 483 35.12 -20.56 1.27
CA SER A 483 35.67 -19.46 2.08
C SER A 483 37.04 -19.05 1.52
N GLU A 484 37.57 -17.90 1.97
CA GLU A 484 38.86 -17.42 1.51
C GLU A 484 39.97 -18.36 1.94
N ALA A 485 39.94 -18.83 3.20
CA ALA A 485 40.95 -19.74 3.74
C ALA A 485 40.96 -21.08 3.01
N GLN A 486 39.77 -21.52 2.54
CA GLN A 486 39.68 -22.78 1.80
C GLN A 486 40.26 -22.63 0.40
N PHE A 487 40.04 -21.46 -0.23
CA PHE A 487 40.61 -21.18 -1.55
C PHE A 487 42.13 -21.06 -1.45
N ASP A 488 42.64 -20.31 -0.47
CA ASP A 488 44.07 -20.13 -0.29
C ASP A 488 44.79 -21.44 -0.03
N ALA A 489 44.17 -22.36 0.72
CA ALA A 489 44.76 -23.67 0.97
C ALA A 489 44.86 -24.46 -0.33
N PHE A 490 43.84 -24.35 -1.18
CA PHE A 490 43.84 -25.00 -2.48
C PHE A 490 44.91 -24.37 -3.37
N ALA A 491 44.96 -23.02 -3.46
CA ALA A 491 45.90 -22.27 -4.29
C ALA A 491 47.36 -22.55 -3.95
N ALA A 492 47.65 -22.86 -2.68
CA ALA A 492 49.02 -23.20 -2.26
C ALA A 492 49.41 -24.59 -2.78
N VAL A 493 48.49 -25.56 -2.74
CA VAL A 493 48.73 -26.92 -3.22
C VAL A 493 47.58 -27.34 -4.15
N PRO A 494 47.55 -26.82 -5.38
CA PRO A 494 46.44 -27.16 -6.28
C PRO A 494 46.57 -28.47 -7.03
N SER A 495 45.52 -29.30 -6.95
CA SER A 495 45.49 -30.54 -7.72
C SER A 495 44.20 -30.56 -8.54
N VAL A 496 44.30 -31.09 -9.76
CA VAL A 496 43.17 -31.19 -10.67
C VAL A 496 42.08 -32.14 -10.08
N GLU A 497 42.51 -33.15 -9.33
CA GLU A 497 41.64 -34.13 -8.71
C GLU A 497 40.83 -33.53 -7.57
N LYS A 498 41.33 -32.45 -6.93
CA LYS A 498 40.62 -31.73 -5.88
C LYS A 498 39.47 -30.97 -6.53
N LEU A 499 39.75 -30.29 -7.65
CA LEU A 499 38.76 -29.51 -8.41
C LEU A 499 37.69 -30.39 -9.03
N ALA A 500 38.08 -31.55 -9.56
CA ALA A 500 37.15 -32.47 -10.20
C ALA A 500 36.09 -33.03 -9.22
N GLU A 501 36.45 -33.16 -7.94
CA GLU A 501 35.53 -33.67 -6.94
C GLU A 501 34.94 -32.58 -6.01
N ASP A 502 35.24 -31.30 -6.28
CA ASP A 502 34.75 -30.19 -5.47
C ASP A 502 33.21 -30.12 -5.53
N PRO A 503 32.54 -30.22 -4.37
CA PRO A 503 31.06 -30.17 -4.34
C PRO A 503 30.46 -28.91 -4.95
N MET A 504 31.12 -27.75 -4.82
CA MET A 504 30.60 -26.53 -5.43
C MET A 504 30.82 -26.54 -6.93
N VAL A 505 31.98 -27.02 -7.38
CA VAL A 505 32.27 -27.08 -8.83
C VAL A 505 31.29 -28.04 -9.50
N LEU A 506 31.05 -29.20 -8.90
CA LEU A 506 30.14 -30.22 -9.39
C LEU A 506 28.71 -29.71 -9.44
N PHE A 507 28.24 -28.97 -8.38
CA PHE A 507 26.90 -28.38 -8.38
C PHE A 507 26.79 -27.38 -9.55
N ALA A 508 27.72 -26.41 -9.64
CA ALA A 508 27.71 -25.37 -10.65
C ALA A 508 27.73 -25.96 -12.06
N SER A 509 28.61 -26.96 -12.30
CA SER A 509 28.73 -27.63 -13.59
C SER A 509 27.46 -28.36 -13.92
N SER A 510 26.95 -29.13 -12.98
CA SER A 510 25.74 -29.92 -13.12
C SER A 510 24.51 -29.06 -13.45
N VAL A 511 24.33 -27.93 -12.77
CA VAL A 511 23.16 -27.10 -13.02
C VAL A 511 23.29 -26.36 -14.35
N PHE A 512 24.51 -25.97 -14.74
CA PHE A 512 24.71 -25.32 -16.03
C PHE A 512 24.56 -26.33 -17.18
N ASP A 513 24.97 -27.59 -16.98
CA ASP A 513 24.80 -28.65 -17.97
C ASP A 513 23.31 -28.86 -18.23
N GLU A 514 22.49 -28.96 -17.17
CA GLU A 514 21.06 -29.18 -17.30
C GLU A 514 20.37 -27.98 -17.96
N TYR A 515 20.79 -26.77 -17.61
CA TYR A 515 20.28 -25.52 -18.19
C TYR A 515 20.55 -25.46 -19.70
N ARG A 516 21.78 -25.87 -20.14
CA ARG A 516 22.16 -25.92 -21.56
C ARG A 516 21.44 -27.02 -22.31
N LYS A 517 21.31 -28.20 -21.70
CA LYS A 517 20.60 -29.32 -22.30
C LYS A 517 19.13 -28.96 -22.57
N LEU A 518 18.46 -28.28 -21.61
CA LEU A 518 17.06 -27.87 -21.75
C LEU A 518 16.91 -26.79 -22.82
N TYR A 519 17.83 -25.81 -22.85
CA TYR A 519 17.87 -24.77 -23.86
C TYR A 519 17.99 -25.41 -25.27
N ASN A 520 18.92 -26.33 -25.44
CA ASN A 520 19.14 -27.01 -26.72
C ASN A 520 17.96 -27.87 -27.14
N GLU A 521 17.27 -28.51 -26.18
CA GLU A 521 16.10 -29.31 -26.50
C GLU A 521 14.90 -28.43 -26.85
N LEU A 522 14.82 -27.22 -26.27
CA LEU A 522 13.70 -26.32 -26.51
C LEU A 522 13.82 -25.47 -27.77
N ARG A 523 15.06 -25.12 -28.19
CA ARG A 523 15.33 -24.30 -29.37
C ARG A 523 14.61 -24.79 -30.64
N PRO A 524 14.60 -26.10 -30.99
CA PRO A 524 13.88 -26.53 -32.20
C PRO A 524 12.39 -26.21 -32.26
N TYR A 525 11.74 -25.97 -31.11
CA TYR A 525 10.32 -25.67 -31.08
C TYR A 525 9.99 -24.26 -31.52
N ASP A 526 10.96 -23.32 -31.46
CA ASP A 526 10.70 -21.94 -31.88
C ASP A 526 10.37 -21.78 -33.38
N ASP A 527 11.09 -22.51 -34.25
CA ASP A 527 10.94 -22.37 -35.70
C ASP A 527 9.57 -22.75 -36.25
N PRO A 528 8.94 -23.89 -35.88
CA PRO A 528 7.59 -24.17 -36.42
C PRO A 528 6.58 -23.10 -35.99
N ILE A 529 6.72 -22.51 -34.78
CA ILE A 529 5.84 -21.44 -34.31
C ILE A 529 6.06 -20.19 -35.15
N LEU A 530 7.33 -19.84 -35.39
CA LEU A 530 7.64 -18.66 -36.23
C LEU A 530 7.05 -18.82 -37.66
N ARG A 531 7.28 -19.98 -38.30
CA ARG A 531 6.75 -20.23 -39.65
C ARG A 531 5.23 -20.19 -39.65
N ALA A 532 4.58 -20.81 -38.64
CA ALA A 532 3.13 -20.79 -38.57
C ALA A 532 2.60 -19.37 -38.30
N GLN A 533 3.35 -18.53 -37.58
CA GLN A 533 2.96 -17.14 -37.33
C GLN A 533 2.99 -16.30 -38.57
N ARG A 534 3.88 -16.62 -39.53
CA ARG A 534 3.93 -15.91 -40.80
C ARG A 534 2.60 -16.13 -41.54
N THR A 535 2.10 -17.39 -41.55
CA THR A 535 0.83 -17.71 -42.18
C THR A 535 -0.35 -17.12 -41.40
N TYR A 536 -0.32 -17.26 -40.06
CA TYR A 536 -1.34 -16.74 -39.16
C TYR A 536 -1.54 -15.21 -39.33
N ILE A 537 -0.46 -14.42 -39.25
CA ILE A 537 -0.54 -12.97 -39.38
C ILE A 537 -0.90 -12.57 -40.79
N ALA A 538 -0.46 -13.34 -41.83
CA ALA A 538 -0.88 -13.05 -43.22
C ALA A 538 -2.42 -13.13 -43.33
N GLY A 539 -3.01 -14.15 -42.70
CA GLY A 539 -4.45 -14.31 -42.69
C GLY A 539 -5.17 -13.18 -42.00
N LEU A 540 -4.70 -12.78 -40.79
CA LEU A 540 -5.28 -11.70 -40.02
C LEU A 540 -5.25 -10.40 -40.83
N LEU A 541 -4.13 -10.13 -41.49
CA LEU A 541 -3.98 -8.94 -42.34
C LEU A 541 -4.90 -8.98 -43.58
N GLU A 542 -4.99 -10.13 -44.26
CA GLU A 542 -5.86 -10.26 -45.41
C GLU A 542 -7.36 -10.14 -45.00
N MET A 543 -7.70 -10.65 -43.82
CA MET A 543 -9.07 -10.60 -43.32
C MET A 543 -9.50 -9.21 -42.78
N ASP A 544 -8.80 -8.68 -41.78
CA ASP A 544 -9.20 -7.42 -41.15
C ASP A 544 -8.34 -6.20 -41.52
N GLY A 545 -7.38 -6.39 -42.41
CA GLY A 545 -6.55 -5.31 -42.91
C GLY A 545 -5.41 -4.82 -42.04
N ASP A 546 -4.40 -4.20 -42.73
CA ASP A 546 -3.21 -3.56 -42.16
C ASP A 546 -3.63 -2.16 -41.66
N GLN A 547 -4.73 -2.12 -40.89
CA GLN A 547 -5.28 -0.87 -40.43
C GLN A 547 -5.48 -0.87 -38.93
N ASP A 548 -6.38 -1.69 -38.33
CA ASP A 548 -6.54 -1.65 -36.85
C ASP A 548 -5.68 -2.70 -36.08
N GLN A 549 -4.76 -3.38 -36.79
CA GLN A 549 -3.81 -4.30 -36.16
C GLN A 549 -2.38 -3.97 -36.59
N PHE A 550 -1.62 -3.46 -35.61
CA PHE A 550 -0.26 -2.96 -35.76
C PHE A 550 0.76 -4.10 -35.75
N PRO A 551 1.92 -3.92 -36.41
CA PRO A 551 2.95 -4.99 -36.37
C PRO A 551 3.59 -5.00 -34.99
N ASP A 552 3.98 -6.18 -34.49
CA ASP A 552 4.67 -6.26 -33.20
C ASP A 552 5.88 -5.30 -33.13
N ALA A 553 6.14 -4.72 -31.96
CA ALA A 553 7.30 -3.87 -31.78
C ALA A 553 8.60 -4.70 -32.04
N ASN A 554 9.62 -4.10 -32.67
CA ASN A 554 10.87 -4.81 -32.98
C ASN A 554 12.07 -3.84 -32.96
N LEU A 555 12.04 -2.88 -32.01
CA LEU A 555 13.04 -1.84 -31.81
C LEU A 555 13.17 -0.89 -33.01
N THR A 556 12.07 -0.67 -33.72
CA THR A 556 12.05 0.27 -34.83
C THR A 556 11.11 1.43 -34.50
N LEU A 557 11.27 2.55 -35.22
CA LEU A 557 10.52 3.78 -35.04
C LEU A 557 9.02 3.61 -35.27
N ARG A 558 8.22 3.97 -34.26
CA ARG A 558 6.78 3.87 -34.31
C ARG A 558 6.15 5.12 -33.73
N PHE A 559 4.89 5.35 -34.10
CA PHE A 559 4.13 6.42 -33.51
C PHE A 559 2.91 5.82 -32.83
N THR A 560 2.46 6.48 -31.78
CA THR A 560 1.26 6.12 -31.06
C THR A 560 0.54 7.41 -30.67
N TYR A 561 -0.78 7.38 -30.59
CA TYR A 561 -1.55 8.56 -30.23
C TYR A 561 -2.66 8.18 -29.25
N GLY A 562 -3.09 9.15 -28.46
CA GLY A 562 -4.14 8.95 -27.50
C GLY A 562 -4.53 10.26 -26.86
N GLN A 563 -4.94 10.21 -25.61
CA GLN A 563 -5.36 11.39 -24.87
C GLN A 563 -4.79 11.40 -23.48
N VAL A 564 -4.66 12.60 -22.90
CA VAL A 564 -4.21 12.79 -21.53
C VAL A 564 -5.42 12.44 -20.67
N LYS A 565 -5.36 11.29 -19.98
CA LYS A 565 -6.52 10.78 -19.26
C LYS A 565 -6.06 9.88 -18.12
N GLY A 566 -6.71 10.01 -16.97
CA GLY A 566 -6.47 9.13 -15.84
C GLY A 566 -7.29 7.86 -15.98
N TYR A 567 -7.50 7.14 -14.88
CA TYR A 567 -8.27 5.88 -14.92
C TYR A 567 -8.64 5.45 -13.51
N SER A 568 -9.60 4.52 -13.40
CA SER A 568 -10.01 3.93 -12.13
C SER A 568 -9.33 2.58 -11.93
N PRO A 569 -8.35 2.49 -11.01
CA PRO A 569 -7.63 1.22 -10.80
C PRO A 569 -8.47 0.11 -10.13
N ARG A 570 -9.43 0.53 -9.30
CA ARG A 570 -10.28 -0.35 -8.52
C ARG A 570 -11.52 0.41 -8.07
N ASP A 571 -12.50 -0.31 -7.50
CA ASP A 571 -13.77 0.19 -7.03
C ASP A 571 -13.61 1.41 -6.14
N ASN A 572 -14.26 2.53 -6.52
CA ASN A 572 -14.29 3.76 -5.76
C ASN A 572 -12.95 4.55 -5.70
N VAL A 573 -12.00 4.22 -6.57
CA VAL A 573 -10.72 4.91 -6.61
C VAL A 573 -10.47 5.47 -8.01
N TYR A 574 -10.13 6.75 -8.11
CA TYR A 574 -9.79 7.35 -9.40
C TYR A 574 -8.44 8.01 -9.32
N TYR A 575 -7.61 7.77 -10.32
CA TYR A 575 -6.33 8.42 -10.43
C TYR A 575 -6.51 9.40 -11.58
N GLY A 576 -6.31 10.68 -11.31
CA GLY A 576 -6.41 11.69 -12.36
C GLY A 576 -5.28 11.64 -13.38
N HIS A 577 -5.34 12.54 -14.34
CA HIS A 577 -4.40 12.59 -15.44
C HIS A 577 -3.10 13.34 -15.14
N GLN A 578 -3.01 14.09 -14.03
CA GLN A 578 -1.85 14.95 -13.78
C GLN A 578 -1.40 14.98 -12.31
N THR A 579 -0.09 14.85 -12.04
CA THR A 579 0.43 15.02 -10.69
C THR A 579 1.06 16.43 -10.57
N THR A 580 1.22 16.91 -9.36
CA THR A 580 1.78 18.23 -9.10
C THR A 580 2.94 18.14 -8.09
N LEU A 581 3.71 19.24 -7.97
CA LEU A 581 4.81 19.36 -7.03
C LEU A 581 4.38 19.16 -5.56
N ASP A 582 3.10 19.41 -5.29
CA ASP A 582 2.46 19.17 -4.01
C ASP A 582 2.60 17.68 -3.62
N GLY A 583 2.44 16.80 -4.59
CA GLY A 583 2.55 15.36 -4.41
C GLY A 583 3.93 14.89 -4.06
N VAL A 584 4.95 15.61 -4.55
CA VAL A 584 6.37 15.36 -4.22
C VAL A 584 6.53 15.67 -2.72
N MET A 585 6.00 16.83 -2.28
CA MET A 585 6.11 17.28 -0.89
C MET A 585 5.38 16.36 0.08
N GLU A 586 4.21 15.80 -0.34
CA GLU A 586 3.46 14.83 0.46
C GLU A 586 4.28 13.56 0.69
N LYS A 587 5.06 13.14 -0.32
CA LYS A 587 5.87 11.92 -0.27
C LYS A 587 7.21 12.08 0.42
N GLU A 588 7.65 13.32 0.69
CA GLU A 588 8.95 13.56 1.33
C GLU A 588 9.15 12.80 2.64
N ASP A 589 10.25 12.05 2.72
CA ASP A 589 10.65 11.29 3.90
C ASP A 589 12.16 11.49 3.99
N PRO A 590 12.61 12.41 4.85
CA PRO A 590 14.05 12.69 4.93
C PRO A 590 14.95 11.51 5.27
N ASP A 591 14.46 10.53 6.05
CA ASP A 591 15.30 9.38 6.41
C ASP A 591 15.08 8.14 5.50
N ASN A 592 14.49 8.35 4.32
CA ASN A 592 14.28 7.30 3.33
C ASN A 592 14.87 7.88 2.06
N TRP A 593 16.06 7.38 1.66
CA TRP A 593 16.84 7.83 0.50
C TRP A 593 16.03 7.92 -0.79
N GLU A 594 14.98 7.12 -0.92
CA GLU A 594 14.13 7.11 -2.11
C GLU A 594 13.26 8.37 -2.18
N PHE A 595 12.78 8.85 -1.02
CA PHE A 595 11.86 9.97 -1.01
C PHE A 595 12.44 11.27 -0.42
N VAL A 596 13.77 11.49 -0.58
CA VAL A 596 14.37 12.75 -0.14
C VAL A 596 14.04 13.83 -1.16
N VAL A 597 13.77 15.05 -0.69
CA VAL A 597 13.42 16.16 -1.57
C VAL A 597 14.57 17.17 -1.61
N ASP A 598 15.01 17.52 -2.82
CA ASP A 598 16.08 18.47 -3.06
C ASP A 598 15.73 19.81 -2.41
N PRO A 599 16.64 20.31 -1.55
CA PRO A 599 16.34 21.56 -0.83
C PRO A 599 16.00 22.75 -1.73
N LYS A 600 16.66 22.88 -2.89
CA LYS A 600 16.38 23.98 -3.82
C LYS A 600 14.94 23.83 -4.35
N LEU A 601 14.51 22.59 -4.67
CA LEU A 601 13.15 22.30 -5.14
C LEU A 601 12.10 22.55 -4.04
N LYS A 602 12.40 22.17 -2.79
CA LYS A 602 11.51 22.39 -1.67
C LYS A 602 11.25 23.91 -1.48
N ALA A 603 12.31 24.72 -1.65
CA ALA A 603 12.22 26.17 -1.53
C ALA A 603 11.39 26.78 -2.67
N VAL A 604 11.55 26.28 -3.92
CA VAL A 604 10.79 26.73 -5.09
C VAL A 604 9.28 26.53 -4.82
N TYR A 605 8.93 25.36 -4.26
CA TYR A 605 7.56 25.03 -3.90
C TYR A 605 7.02 25.98 -2.81
N GLU A 606 7.80 26.20 -1.74
CA GLU A 606 7.37 27.05 -0.63
C GLU A 606 7.14 28.50 -1.09
N ARG A 607 8.04 29.01 -1.93
CA ARG A 607 7.94 30.37 -2.45
C ARG A 607 7.04 30.50 -3.69
N LYS A 608 6.50 29.39 -4.23
CA LYS A 608 5.68 29.36 -5.44
C LYS A 608 6.42 30.01 -6.61
N ASP A 609 7.76 29.80 -6.68
CA ASP A 609 8.62 30.38 -7.72
C ASP A 609 8.51 29.54 -8.98
N PHE A 610 7.30 29.49 -9.54
CA PHE A 610 6.99 28.64 -10.69
C PHE A 610 7.08 29.33 -12.04
N GLY A 611 7.22 30.65 -12.06
CA GLY A 611 7.35 31.42 -13.29
C GLY A 611 6.25 31.17 -14.29
N ARG A 612 6.61 30.94 -15.55
CA ARG A 612 5.62 30.65 -16.60
C ARG A 612 5.30 29.13 -16.73
N TYR A 613 5.87 28.29 -15.85
CA TYR A 613 5.75 26.84 -15.90
C TYR A 613 4.55 26.28 -15.14
N ALA A 614 3.90 27.10 -14.30
CA ALA A 614 2.76 26.61 -13.52
C ALA A 614 1.50 26.52 -14.39
N ASP A 615 0.52 25.71 -13.95
CA ASP A 615 -0.73 25.62 -14.68
C ASP A 615 -1.62 26.85 -14.38
N ARG A 616 -2.77 26.97 -15.06
CA ARG A 616 -3.69 28.09 -14.92
C ARG A 616 -4.09 28.37 -13.46
N SER A 617 -4.15 27.32 -12.62
CA SER A 617 -4.51 27.49 -11.22
C SER A 617 -3.36 27.85 -10.28
N GLY A 618 -2.16 28.02 -10.82
CA GLY A 618 -0.98 28.32 -10.02
C GLY A 618 -0.30 27.10 -9.41
N ARG A 619 -0.79 25.90 -9.76
CA ARG A 619 -0.23 24.64 -9.29
C ARG A 619 0.95 24.25 -10.18
N MET A 620 1.98 23.61 -9.60
CA MET A 620 3.14 23.25 -10.40
C MET A 620 3.03 21.83 -10.90
N PRO A 621 2.82 21.61 -12.22
CA PRO A 621 2.69 20.23 -12.72
C PRO A 621 3.99 19.44 -12.68
N VAL A 622 3.91 18.11 -12.50
CA VAL A 622 5.11 17.27 -12.47
C VAL A 622 5.08 16.25 -13.60
N ALA A 623 4.01 15.47 -13.65
CA ALA A 623 3.89 14.38 -14.60
C ALA A 623 2.45 14.26 -15.02
N PHE A 624 2.21 13.61 -16.14
CA PHE A 624 0.85 13.32 -16.58
C PHE A 624 0.83 11.93 -17.19
N CYS A 625 -0.36 11.40 -17.45
CA CYS A 625 -0.48 10.09 -18.07
C CYS A 625 -1.38 10.13 -19.28
N ALA A 626 -1.16 9.20 -20.22
CA ALA A 626 -1.91 9.22 -21.48
C ALA A 626 -2.25 7.81 -21.97
N THR A 627 -3.29 7.72 -22.81
CA THR A 627 -3.76 6.47 -23.39
C THR A 627 -2.93 6.02 -24.61
N THR A 628 -1.72 6.56 -24.78
CA THR A 628 -0.80 6.15 -25.82
C THR A 628 -0.33 4.70 -25.50
N HIS A 629 0.03 3.96 -26.55
CA HIS A 629 0.45 2.59 -26.39
C HIS A 629 1.97 2.51 -26.46
N THR A 630 2.62 2.36 -25.32
CA THR A 630 4.06 2.29 -25.22
C THR A 630 4.53 1.01 -24.51
N THR A 631 5.83 0.71 -24.65
CA THR A 631 6.48 -0.41 -23.98
C THR A 631 7.98 -0.08 -23.77
N GLY A 632 8.74 -0.99 -23.13
CA GLY A 632 10.20 -0.85 -23.02
C GLY A 632 10.86 -0.51 -24.36
N GLY A 633 11.70 0.49 -24.37
CA GLY A 633 12.28 1.06 -25.58
C GLY A 633 11.77 2.48 -25.77
N ASN A 634 10.55 2.80 -25.24
CA ASN A 634 9.90 4.10 -25.33
C ASN A 634 10.35 5.08 -24.23
N SER A 635 11.23 4.65 -23.30
CA SER A 635 11.79 5.55 -22.29
C SER A 635 12.50 6.72 -22.99
N GLY A 636 12.14 7.94 -22.64
CA GLY A 636 12.72 9.15 -23.21
C GLY A 636 12.00 9.68 -24.44
N SER A 637 10.93 9.01 -24.87
CA SER A 637 10.18 9.39 -26.06
C SER A 637 9.56 10.76 -25.96
N PRO A 638 9.61 11.52 -27.06
CA PRO A 638 8.94 12.83 -27.03
C PRO A 638 7.42 12.66 -27.04
N VAL A 639 6.74 13.44 -26.20
CA VAL A 639 5.29 13.47 -26.16
C VAL A 639 4.89 14.81 -26.77
N MET A 640 4.05 14.75 -27.80
CA MET A 640 3.62 15.91 -28.55
C MET A 640 2.16 16.25 -28.33
N ASN A 641 1.89 17.55 -28.45
CA ASN A 641 0.65 18.31 -28.55
C ASN A 641 -0.09 17.91 -29.85
N ALA A 642 -1.29 18.45 -30.03
CA ALA A 642 -2.02 18.39 -31.30
C ALA A 642 -1.22 19.17 -32.41
N ASN A 643 -0.35 20.11 -32.01
CA ASN A 643 0.50 20.89 -32.92
C ASN A 643 1.93 20.36 -33.05
N GLY A 644 2.23 19.21 -32.47
CA GLY A 644 3.58 18.64 -32.55
C GLY A 644 4.60 19.27 -31.64
N GLU A 645 4.18 20.15 -30.74
CA GLU A 645 5.09 20.74 -29.77
C GLU A 645 5.31 19.78 -28.63
N LEU A 646 6.51 19.80 -28.06
CA LEU A 646 6.86 18.92 -26.95
C LEU A 646 6.16 19.33 -25.66
N ILE A 647 5.38 18.40 -25.08
CA ILE A 647 4.68 18.59 -23.80
C ILE A 647 5.22 17.69 -22.67
N GLY A 648 6.05 16.73 -22.99
CA GLY A 648 6.65 15.86 -21.99
C GLY A 648 7.55 14.79 -22.56
N LEU A 649 8.06 13.94 -21.67
CA LEU A 649 8.89 12.80 -22.06
C LEU A 649 8.29 11.60 -21.43
N ASN A 650 8.06 10.55 -22.20
CA ASN A 650 7.60 9.28 -21.64
C ASN A 650 8.75 8.68 -20.78
N PHE A 651 8.43 8.08 -19.62
CA PHE A 651 9.49 7.49 -18.78
C PHE A 651 9.08 6.17 -18.14
N ASP A 652 7.80 5.83 -18.13
CA ASP A 652 7.34 4.58 -17.55
C ASP A 652 5.91 4.22 -18.04
N ARG A 653 5.34 3.14 -17.53
CA ARG A 653 3.98 2.73 -17.76
C ARG A 653 3.49 2.04 -16.48
N ASN A 654 2.21 2.19 -16.13
CA ASN A 654 1.70 1.63 -14.90
C ASN A 654 1.64 0.09 -14.97
N TRP A 655 1.77 -0.59 -13.82
CA TRP A 655 1.77 -2.06 -13.80
C TRP A 655 0.48 -2.66 -14.34
N GLU A 656 -0.66 -1.98 -14.17
CA GLU A 656 -1.94 -2.45 -14.68
C GLU A 656 -1.93 -2.57 -16.19
N GLY A 657 -1.06 -1.84 -16.88
CA GLY A 657 -0.94 -1.90 -18.32
C GLY A 657 0.19 -2.74 -18.88
N VAL A 658 0.95 -3.50 -18.02
CA VAL A 658 2.04 -4.31 -18.57
C VAL A 658 1.51 -5.46 -19.50
N GLY A 659 0.28 -5.92 -19.26
CA GLY A 659 -0.37 -6.90 -20.13
C GLY A 659 -0.65 -6.34 -21.53
N GLY A 660 -0.51 -5.01 -21.68
CA GLY A 660 -0.65 -4.24 -22.91
C GLY A 660 0.28 -4.68 -24.01
N ASP A 661 1.39 -5.39 -23.66
CA ASP A 661 2.26 -5.94 -24.71
C ASP A 661 1.58 -7.08 -25.48
N ILE A 662 0.49 -7.66 -24.96
CA ILE A 662 -0.26 -8.73 -25.60
C ILE A 662 -1.61 -8.14 -26.04
N GLN A 663 -2.27 -7.37 -25.17
CA GLN A 663 -3.56 -6.78 -25.48
C GLN A 663 -3.60 -5.42 -24.81
N TYR A 664 -3.71 -4.35 -25.60
CA TYR A 664 -3.84 -2.98 -25.12
C TYR A 664 -5.05 -2.87 -24.17
N LEU A 665 -4.89 -2.18 -23.04
CA LEU A 665 -5.97 -2.10 -22.05
C LEU A 665 -6.46 -0.69 -21.92
N ALA A 666 -7.45 -0.30 -22.73
CA ALA A 666 -7.97 1.05 -22.79
C ALA A 666 -8.33 1.67 -21.44
N ASP A 667 -8.95 0.90 -20.54
CA ASP A 667 -9.37 1.44 -19.25
C ASP A 667 -8.33 1.40 -18.15
N TYR A 668 -7.11 0.87 -18.41
CA TYR A 668 -6.09 0.76 -17.36
C TYR A 668 -4.71 1.17 -17.78
N GLN A 669 -4.33 0.87 -19.02
CA GLN A 669 -3.00 1.13 -19.52
C GLN A 669 -2.68 2.60 -19.79
N ARG A 670 -1.63 3.11 -19.14
CA ARG A 670 -1.21 4.49 -19.33
C ARG A 670 0.32 4.64 -19.45
N SER A 671 0.76 5.56 -20.33
CA SER A 671 2.14 5.98 -20.44
C SER A 671 2.33 7.02 -19.36
N ILE A 672 3.41 6.91 -18.58
CA ILE A 672 3.69 7.83 -17.48
C ILE A 672 4.72 8.80 -18.04
N ILE A 673 4.37 10.07 -18.10
CA ILE A 673 5.15 11.10 -18.77
C ILE A 673 5.57 12.24 -17.86
N VAL A 674 6.83 12.71 -17.91
CA VAL A 674 7.25 13.86 -17.12
C VAL A 674 6.86 15.10 -17.89
N ASP A 675 6.12 16.02 -17.27
CA ASP A 675 5.64 17.24 -17.90
C ASP A 675 6.86 18.10 -18.27
N ILE A 676 6.87 18.64 -19.48
CA ILE A 676 7.98 19.48 -19.94
C ILE A 676 8.08 20.78 -19.15
N ARG A 677 6.98 21.24 -18.54
CA ARG A 677 6.97 22.43 -17.70
C ARG A 677 7.82 22.18 -16.45
N TYR A 678 7.75 20.97 -15.89
CA TYR A 678 8.52 20.55 -14.73
C TYR A 678 10.00 20.39 -15.10
N VAL A 679 10.29 19.88 -16.32
CA VAL A 679 11.65 19.74 -16.86
C VAL A 679 12.28 21.13 -16.92
N LEU A 680 11.58 22.09 -17.55
CA LEU A 680 12.06 23.46 -17.71
C LEU A 680 12.15 24.19 -16.37
N LEU A 681 11.28 23.83 -15.39
CA LEU A 681 11.36 24.38 -14.04
C LEU A 681 12.66 23.90 -13.39
N VAL A 682 12.99 22.61 -13.47
CA VAL A 682 14.19 22.07 -12.84
C VAL A 682 15.47 22.64 -13.47
N ILE A 683 15.52 22.76 -14.80
CA ILE A 683 16.68 23.33 -15.50
C ILE A 683 16.91 24.78 -15.01
N ASP A 684 15.81 25.55 -14.92
CA ASP A 684 15.78 26.94 -14.52
C ASP A 684 16.05 27.20 -13.02
N LYS A 685 15.19 26.71 -12.13
CA LYS A 685 15.26 27.01 -10.71
C LYS A 685 16.14 26.05 -9.90
N VAL A 686 16.48 24.89 -10.43
CA VAL A 686 17.33 23.96 -9.70
C VAL A 686 18.77 23.97 -10.27
N GLY A 687 18.88 23.87 -11.59
CA GLY A 687 20.18 23.90 -12.23
C GLY A 687 20.73 25.29 -12.52
N GLY A 688 19.83 26.26 -12.67
CA GLY A 688 20.19 27.63 -13.02
C GLY A 688 20.87 27.71 -14.37
N CYS A 689 20.57 26.76 -15.27
CA CYS A 689 21.21 26.68 -16.58
C CYS A 689 20.42 27.40 -17.66
N GLN A 690 20.34 28.74 -17.56
CA GLN A 690 19.62 29.61 -18.47
C GLN A 690 20.00 29.45 -19.96
N ARG A 691 21.26 29.13 -20.25
CA ARG A 691 21.71 28.96 -21.63
C ARG A 691 20.95 27.85 -22.38
N LEU A 692 20.49 26.81 -21.66
CA LEU A 692 19.73 25.71 -22.25
C LEU A 692 18.31 26.14 -22.58
N LEU A 693 17.70 26.97 -21.71
CA LEU A 693 16.37 27.51 -21.94
C LEU A 693 16.43 28.45 -23.14
N ASP A 694 17.46 29.33 -23.21
CA ASP A 694 17.68 30.29 -24.29
C ASP A 694 17.87 29.66 -25.66
N GLU A 695 18.55 28.49 -25.74
CA GLU A 695 18.76 27.84 -27.04
C GLU A 695 17.54 27.04 -27.53
N MET A 696 16.58 26.76 -26.65
CA MET A 696 15.35 26.08 -27.03
C MET A 696 14.36 27.08 -27.63
N ASN A 697 13.48 26.64 -28.53
CA ASN A 697 12.43 27.50 -29.07
C ASN A 697 11.16 27.24 -28.24
N ILE A 698 10.93 28.10 -27.25
CA ILE A 698 9.80 27.96 -26.33
C ILE A 698 8.58 28.76 -26.79
N VAL A 699 7.45 28.08 -27.03
CA VAL A 699 6.24 28.73 -27.49
C VAL A 699 5.29 29.00 -26.33
N PRO A 700 4.67 30.19 -26.30
CA PRO A 700 3.76 30.54 -25.19
C PRO A 700 2.55 29.61 -25.02
N GLU B 3 -19.28 19.55 11.01
CA GLU B 3 -18.19 19.87 11.92
C GLU B 3 -18.37 19.43 13.38
N GLY B 4 -19.55 19.53 14.00
CA GLY B 4 -19.66 19.18 15.43
C GLY B 4 -20.47 18.00 15.92
N MET B 5 -20.43 17.74 17.24
CA MET B 5 -21.20 16.71 17.92
C MET B 5 -22.09 17.47 18.90
N TRP B 6 -23.23 17.86 18.38
CA TRP B 6 -24.18 18.76 19.02
C TRP B 6 -25.11 18.13 20.02
N LEU B 7 -25.35 18.87 21.11
CA LEU B 7 -26.33 18.46 22.10
C LEU B 7 -27.72 18.48 21.47
N MET B 8 -28.65 17.67 21.96
CA MET B 8 -30.02 17.67 21.43
C MET B 8 -30.66 19.05 21.59
N GLN B 9 -30.33 19.78 22.68
CA GLN B 9 -30.77 21.15 23.02
C GLN B 9 -30.35 22.16 21.96
N GLN B 10 -29.21 21.90 21.27
CA GLN B 10 -28.71 22.79 20.23
C GLN B 10 -29.36 22.53 18.86
N LEU B 11 -30.36 21.63 18.77
CA LEU B 11 -31.04 21.38 17.50
C LEU B 11 -31.75 22.65 17.01
N GLY B 12 -32.48 23.36 17.90
CA GLY B 12 -33.18 24.59 17.57
C GLY B 12 -32.28 25.63 16.92
N ARG B 13 -31.08 25.82 17.51
CA ARG B 13 -30.03 26.72 17.05
C ARG B 13 -29.39 26.30 15.72
N LYS B 14 -29.40 25.00 15.41
CA LYS B 14 -28.78 24.45 14.21
C LYS B 14 -29.74 24.17 13.05
N TYR B 15 -31.06 24.06 13.36
CA TYR B 15 -32.12 23.68 12.44
C TYR B 15 -32.10 24.44 11.11
N ALA B 16 -32.00 25.78 11.15
CA ALA B 16 -31.96 26.62 9.93
C ALA B 16 -30.80 26.25 9.02
N GLN B 17 -29.59 26.04 9.59
CA GLN B 17 -28.42 25.60 8.83
C GLN B 17 -28.58 24.21 8.27
N MET B 18 -29.26 23.32 9.03
CA MET B 18 -29.51 21.94 8.59
C MET B 18 -30.50 21.93 7.43
N LYS B 19 -31.54 22.76 7.52
CA LYS B 19 -32.56 22.91 6.50
C LYS B 19 -31.92 23.46 5.22
N GLU B 20 -31.03 24.46 5.35
CA GLU B 20 -30.30 25.01 4.20
C GLU B 20 -29.36 23.95 3.58
N ARG B 21 -28.86 22.99 4.40
CA ARG B 21 -28.03 21.91 3.89
C ARG B 21 -28.85 20.73 3.29
N GLY B 22 -30.17 20.79 3.37
CA GLY B 22 -31.01 19.74 2.81
C GLY B 22 -32.00 19.04 3.72
N LEU B 23 -31.97 19.32 5.04
CA LEU B 23 -32.91 18.65 5.96
C LEU B 23 -34.36 19.02 5.62
N LYS B 24 -35.23 18.02 5.45
CA LYS B 24 -36.64 18.23 5.10
C LYS B 24 -37.60 17.96 6.24
N MET B 25 -37.18 17.19 7.27
CA MET B 25 -38.10 16.83 8.32
C MET B 25 -38.30 18.01 9.33
N LYS B 26 -39.47 18.00 10.00
CA LYS B 26 -39.78 19.02 10.99
C LYS B 26 -38.86 18.82 12.21
N GLU B 27 -38.43 19.92 12.85
CA GLU B 27 -37.54 19.93 13.99
C GLU B 27 -37.96 18.96 15.10
N TYR B 28 -39.23 19.02 15.54
CA TYR B 28 -39.74 18.18 16.63
C TYR B 28 -39.98 16.74 16.24
N ASP B 29 -39.99 16.41 14.94
CA ASP B 29 -40.06 15.01 14.50
C ASP B 29 -38.66 14.36 14.69
N LEU B 30 -37.58 15.15 14.69
CA LEU B 30 -36.22 14.66 14.91
C LEU B 30 -35.92 14.64 16.43
N TYR B 31 -36.16 15.77 17.10
CA TYR B 31 -36.00 15.86 18.54
C TYR B 31 -37.04 16.78 19.15
N ASN B 32 -37.83 16.20 20.04
CA ASN B 32 -38.85 16.93 20.75
C ASN B 32 -38.58 16.74 22.23
N PRO B 33 -38.30 17.83 22.95
CA PRO B 33 -38.06 17.71 24.41
C PRO B 33 -39.29 17.31 25.27
N ASN B 34 -40.52 17.44 24.74
CA ASN B 34 -41.72 17.06 25.50
C ASN B 34 -42.71 16.32 24.60
N GLY B 35 -42.21 15.27 23.96
CA GLY B 35 -43.00 14.43 23.06
C GLY B 35 -42.14 13.39 22.37
N THR B 36 -42.77 12.52 21.56
CA THR B 36 -42.06 11.47 20.83
C THR B 36 -41.43 12.05 19.57
N SER B 37 -40.21 11.59 19.30
CA SER B 37 -39.42 12.01 18.16
C SER B 37 -38.49 10.86 17.75
N LEU B 38 -37.76 11.03 16.63
CA LEU B 38 -36.82 10.05 16.10
C LEU B 38 -35.69 9.71 17.10
N LYS B 39 -35.36 10.65 18.00
CA LYS B 39 -34.40 10.46 19.09
C LYS B 39 -34.80 9.22 19.94
N ASP B 40 -36.12 8.93 20.04
CA ASP B 40 -36.62 7.80 20.82
C ASP B 40 -36.33 6.43 20.20
N ALA B 41 -35.86 6.38 18.95
CA ALA B 41 -35.50 5.12 18.32
C ALA B 41 -33.97 4.83 18.41
N VAL B 42 -33.19 5.68 19.12
CA VAL B 42 -31.73 5.54 19.24
C VAL B 42 -31.40 4.97 20.61
N VAL B 43 -30.48 3.99 20.65
CA VAL B 43 -30.09 3.39 21.91
C VAL B 43 -28.57 3.37 22.09
N LEU B 44 -28.14 3.34 23.34
CA LEU B 44 -26.75 3.10 23.68
C LEU B 44 -26.75 1.57 23.78
N PHE B 45 -26.08 0.91 22.86
CA PHE B 45 -26.01 -0.54 22.78
C PHE B 45 -24.83 -1.04 23.57
N ASP B 46 -25.11 -1.85 24.60
CA ASP B 46 -24.12 -2.49 25.44
C ASP B 46 -23.02 -1.56 25.98
N GLY B 47 -23.43 -0.41 26.48
CA GLY B 47 -22.53 0.57 27.09
C GLY B 47 -21.47 1.30 26.28
N GLY B 48 -21.19 0.86 25.04
CA GLY B 48 -20.14 1.51 24.25
C GLY B 48 -20.38 1.64 22.76
N CYS B 49 -21.54 1.21 22.30
CA CYS B 49 -21.90 1.28 20.90
C CYS B 49 -23.24 2.03 20.80
N THR B 50 -23.68 2.32 19.58
CA THR B 50 -24.98 2.89 19.33
C THR B 50 -25.78 1.81 18.57
N GLY B 51 -27.07 1.89 18.68
CA GLY B 51 -27.99 1.02 17.98
C GLY B 51 -29.26 1.79 17.63
N GLU B 52 -30.16 1.12 16.91
CA GLU B 52 -31.40 1.76 16.51
C GLU B 52 -32.49 0.76 16.38
N VAL B 53 -33.69 1.16 16.83
CA VAL B 53 -34.90 0.35 16.73
C VAL B 53 -35.44 0.55 15.32
N VAL B 54 -35.64 -0.55 14.60
CA VAL B 54 -36.07 -0.55 13.20
C VAL B 54 -37.42 -1.25 12.96
N SER B 55 -38.18 -1.57 14.01
CA SER B 55 -39.52 -2.18 13.86
C SER B 55 -40.40 -1.95 15.08
N ASP B 56 -41.75 -2.12 14.90
CA ASP B 56 -42.71 -2.04 16.01
C ASP B 56 -42.63 -3.24 16.97
N ARG B 57 -41.74 -4.21 16.70
CA ARG B 57 -41.52 -5.34 17.59
C ARG B 57 -40.11 -5.31 18.20
N GLY B 58 -39.52 -4.12 18.35
CA GLY B 58 -38.24 -3.95 19.04
C GLY B 58 -36.99 -4.49 18.39
N LEU B 59 -37.00 -4.67 17.06
CA LEU B 59 -35.83 -5.12 16.34
C LEU B 59 -34.78 -4.00 16.38
N VAL B 60 -33.51 -4.36 16.61
CA VAL B 60 -32.42 -3.41 16.76
C VAL B 60 -31.26 -3.75 15.82
N LEU B 61 -30.78 -2.73 15.11
CA LEU B 61 -29.58 -2.89 14.28
C LEU B 61 -28.42 -2.18 14.96
N THR B 62 -27.26 -2.80 14.89
CA THR B 62 -25.98 -2.25 15.37
C THR B 62 -24.88 -2.88 14.49
N ASN B 63 -23.60 -2.64 14.79
CA ASN B 63 -22.52 -3.24 14.04
C ASN B 63 -22.32 -4.69 14.41
N HIS B 64 -21.64 -5.43 13.53
CA HIS B 64 -21.23 -6.80 13.74
C HIS B 64 -20.18 -6.78 14.84
N HIS B 65 -19.25 -5.81 14.80
CA HIS B 65 -18.22 -5.70 15.83
C HIS B 65 -18.80 -5.25 17.18
N CYS B 66 -20.03 -4.72 17.22
CA CYS B 66 -20.71 -4.34 18.46
C CYS B 66 -21.41 -5.57 19.07
N GLY B 67 -21.98 -6.42 18.22
CA GLY B 67 -22.61 -7.65 18.70
C GLY B 67 -21.69 -8.85 18.66
N TYR B 68 -20.39 -8.64 18.37
CA TYR B 68 -19.37 -9.68 18.25
C TYR B 68 -19.28 -10.62 19.47
N ASP B 69 -19.17 -10.07 20.69
CA ASP B 69 -19.09 -10.88 21.90
C ASP B 69 -20.31 -11.79 22.08
N MET B 70 -21.51 -11.30 21.75
CA MET B 70 -22.71 -12.11 21.88
C MET B 70 -22.74 -13.22 20.84
N ILE B 71 -22.30 -12.91 19.59
CA ILE B 71 -22.26 -13.92 18.52
C ILE B 71 -21.26 -15.02 18.91
N GLN B 72 -20.10 -14.64 19.47
CA GLN B 72 -19.04 -15.52 19.94
C GLN B 72 -19.47 -16.38 21.17
N ALA B 73 -20.20 -15.78 22.12
CA ALA B 73 -20.69 -16.48 23.32
C ALA B 73 -21.70 -17.59 22.98
N HIS B 74 -22.47 -17.41 21.91
CA HIS B 74 -23.42 -18.43 21.47
C HIS B 74 -22.83 -19.40 20.44
N SER B 75 -21.56 -19.21 20.04
CA SER B 75 -20.90 -20.06 19.05
C SER B 75 -20.23 -21.27 19.69
N THR B 76 -20.42 -22.43 19.07
CA THR B 76 -19.82 -23.72 19.47
C THR B 76 -19.16 -24.37 18.22
N LEU B 77 -18.47 -25.53 18.36
CA LEU B 77 -17.88 -26.20 17.19
C LEU B 77 -18.99 -26.70 16.25
N GLU B 78 -20.14 -27.12 16.82
CA GLU B 78 -21.29 -27.61 16.05
C GLU B 78 -22.06 -26.46 15.35
N HIS B 79 -22.26 -25.33 16.04
CA HIS B 79 -22.94 -24.18 15.44
C HIS B 79 -22.08 -22.94 15.58
N ASN B 80 -21.07 -22.80 14.72
CA ASN B 80 -20.17 -21.67 14.76
C ASN B 80 -20.81 -20.47 14.08
N TYR B 81 -21.61 -19.68 14.85
CA TYR B 81 -22.31 -18.49 14.38
C TYR B 81 -21.34 -17.36 13.98
N LEU B 82 -20.17 -17.30 14.60
CA LEU B 82 -19.19 -16.28 14.27
C LEU B 82 -18.70 -16.44 12.82
N GLU B 83 -18.39 -17.67 12.40
CA GLU B 83 -17.94 -17.87 11.03
C GLU B 83 -19.08 -18.09 10.03
N ASN B 84 -20.20 -18.71 10.44
CA ASN B 84 -21.32 -19.03 9.54
C ASN B 84 -22.47 -18.04 9.53
N GLY B 85 -22.50 -17.13 10.48
CA GLY B 85 -23.64 -16.24 10.63
C GLY B 85 -24.76 -16.92 11.41
N PHE B 86 -25.76 -16.16 11.82
CA PHE B 86 -26.86 -16.71 12.62
C PHE B 86 -28.15 -16.07 12.14
N TRP B 87 -29.19 -16.86 11.92
CA TRP B 87 -30.47 -16.32 11.48
C TRP B 87 -31.60 -17.05 12.17
N ALA B 88 -32.15 -16.46 13.26
CA ALA B 88 -33.26 -17.07 13.98
C ALA B 88 -34.47 -17.03 13.07
N MET B 89 -35.05 -18.21 12.77
CA MET B 89 -36.17 -18.27 11.85
C MET B 89 -37.54 -18.00 12.51
N ARG B 90 -37.57 -17.87 13.83
CA ARG B 90 -38.76 -17.52 14.60
C ARG B 90 -38.29 -16.74 15.82
N GLU B 91 -39.17 -15.91 16.38
CA GLU B 91 -38.84 -15.12 17.56
C GLU B 91 -38.39 -15.98 18.74
N ALA B 92 -38.99 -17.17 18.91
CA ALA B 92 -38.62 -18.09 19.99
C ALA B 92 -37.19 -18.63 19.86
N ASP B 93 -36.61 -18.56 18.65
CA ASP B 93 -35.25 -19.01 18.37
C ASP B 93 -34.17 -17.95 18.65
N GLU B 94 -34.55 -16.70 18.87
CA GLU B 94 -33.64 -15.61 19.21
C GLU B 94 -32.96 -15.90 20.56
N LEU B 95 -31.64 -15.75 20.62
CA LEU B 95 -30.84 -16.13 21.77
C LEU B 95 -30.64 -15.03 22.83
N PRO B 96 -30.95 -15.35 24.11
CA PRO B 96 -30.73 -14.36 25.17
C PRO B 96 -29.25 -14.11 25.41
N ASN B 97 -28.91 -12.93 25.94
CA ASN B 97 -27.50 -12.61 26.20
C ASN B 97 -27.33 -12.13 27.61
N LYS B 98 -26.43 -12.76 28.36
CA LYS B 98 -26.15 -12.32 29.72
C LYS B 98 -25.30 -11.07 29.66
N ASP B 99 -25.55 -10.13 30.59
CA ASP B 99 -24.82 -8.88 30.74
C ASP B 99 -24.99 -7.89 29.59
N ILE B 100 -26.12 -7.94 28.87
CA ILE B 100 -26.38 -7.00 27.80
C ILE B 100 -27.33 -5.89 28.27
N SER B 101 -27.28 -4.74 27.60
CA SER B 101 -28.20 -3.65 27.89
C SER B 101 -28.41 -2.75 26.68
N VAL B 102 -29.55 -2.09 26.65
CA VAL B 102 -29.88 -1.06 25.68
C VAL B 102 -30.42 0.12 26.48
N VAL B 103 -29.88 1.32 26.25
CA VAL B 103 -30.33 2.49 26.96
C VAL B 103 -31.04 3.49 26.05
N PHE B 104 -32.30 3.81 26.38
CA PHE B 104 -33.04 4.84 25.66
C PHE B 104 -32.88 6.16 26.43
N ILE B 105 -32.71 7.28 25.71
CA ILE B 105 -32.62 8.58 26.36
C ILE B 105 -34.02 9.21 26.40
N ASP B 106 -34.81 8.81 27.40
CA ASP B 106 -36.20 9.22 27.57
C ASP B 106 -36.42 10.74 27.63
N LYS B 107 -35.66 11.43 28.46
CA LYS B 107 -35.76 12.88 28.60
C LYS B 107 -34.36 13.46 28.79
N ILE B 108 -34.17 14.71 28.45
CA ILE B 108 -32.91 15.42 28.66
C ILE B 108 -33.28 16.83 29.13
N GLU B 109 -32.66 17.33 30.18
CA GLU B 109 -32.93 18.67 30.67
C GLU B 109 -31.68 19.43 31.10
N ASP B 110 -31.66 20.72 30.83
CA ASP B 110 -30.57 21.58 31.26
C ASP B 110 -30.76 21.86 32.74
N VAL B 111 -29.78 21.46 33.56
CA VAL B 111 -29.80 21.69 35.02
C VAL B 111 -28.60 22.55 35.47
N THR B 112 -28.04 23.38 34.57
CA THR B 112 -26.88 24.20 34.83
C THR B 112 -27.03 25.11 36.06
N ASP B 113 -28.14 25.89 36.14
CA ASP B 113 -28.34 26.81 37.26
C ASP B 113 -28.51 26.07 38.58
N TYR B 114 -29.20 24.93 38.54
CA TYR B 114 -29.38 24.08 39.71
C TYR B 114 -28.03 23.57 40.22
N VAL B 115 -27.21 22.97 39.32
CA VAL B 115 -25.91 22.46 39.71
C VAL B 115 -24.99 23.58 40.21
N LYS B 116 -24.94 24.71 39.48
CA LYS B 116 -24.12 25.85 39.87
C LYS B 116 -24.53 26.45 41.21
N LYS B 117 -25.83 26.42 41.56
CA LYS B 117 -26.29 26.91 42.86
C LYS B 117 -25.87 25.92 43.94
N GLU B 118 -26.01 24.62 43.69
CA GLU B 118 -25.61 23.59 44.65
C GLU B 118 -24.11 23.67 44.91
N LEU B 119 -23.31 23.91 43.85
CA LEU B 119 -21.85 24.04 43.89
C LEU B 119 -21.40 25.22 44.71
N LYS B 120 -22.18 26.33 44.72
CA LYS B 120 -21.88 27.54 45.50
C LYS B 120 -21.66 27.25 46.98
N ALA B 121 -22.19 26.12 47.49
CA ALA B 121 -22.03 25.71 48.89
C ALA B 121 -20.73 24.95 49.17
N ILE B 122 -19.84 24.78 48.16
CA ILE B 122 -18.60 24.01 48.32
C ILE B 122 -17.65 24.60 49.36
N LYS B 123 -17.25 25.86 49.16
CA LYS B 123 -16.30 26.59 50.01
C LYS B 123 -14.89 26.45 49.42
N ASP B 124 -14.28 25.23 49.40
CA ASP B 124 -12.96 25.04 48.80
C ASP B 124 -13.03 25.36 47.31
N PRO B 125 -12.40 26.46 46.89
CA PRO B 125 -12.47 26.84 45.46
C PRO B 125 -11.86 25.85 44.49
N ASN B 126 -10.99 24.96 44.98
CA ASN B 126 -10.31 24.00 44.13
C ASN B 126 -10.94 22.59 44.18
N SER B 127 -12.14 22.45 44.76
CA SER B 127 -12.84 21.17 44.82
C SER B 127 -13.17 20.62 43.41
N MET B 128 -13.02 19.31 43.23
CA MET B 128 -13.33 18.67 41.94
C MET B 128 -14.72 18.04 41.90
N ASP B 129 -15.59 18.36 42.89
CA ASP B 129 -16.96 17.86 42.96
C ASP B 129 -17.78 18.27 41.74
N TYR B 130 -17.47 19.41 41.12
CA TYR B 130 -18.16 19.88 39.91
C TYR B 130 -18.05 18.87 38.74
N LEU B 131 -17.08 17.93 38.79
CA LEU B 131 -16.89 16.88 37.78
C LEU B 131 -17.04 15.46 38.38
N SER B 132 -17.35 15.35 39.67
CA SER B 132 -17.46 14.09 40.37
C SER B 132 -18.76 13.36 40.05
N PRO B 133 -18.68 12.14 39.52
CA PRO B 133 -19.91 11.37 39.25
C PRO B 133 -20.71 11.08 40.50
N LYS B 134 -20.02 10.88 41.64
CA LYS B 134 -20.67 10.64 42.90
C LYS B 134 -21.43 11.90 43.34
N TYR B 135 -20.77 13.07 43.27
CA TYR B 135 -21.42 14.33 43.65
C TYR B 135 -22.61 14.63 42.74
N LEU B 136 -22.41 14.54 41.42
CA LEU B 136 -23.46 14.81 40.44
C LEU B 136 -24.62 13.84 40.58
N GLN B 137 -24.36 12.56 40.95
CA GLN B 137 -25.44 11.58 41.18
C GLN B 137 -26.26 11.95 42.40
N LYS B 138 -25.61 12.47 43.44
CA LYS B 138 -26.33 12.96 44.63
C LYS B 138 -27.27 14.11 44.23
N LEU B 139 -26.85 14.98 43.28
CA LEU B 139 -27.70 16.08 42.81
C LEU B 139 -28.83 15.60 41.93
N ALA B 140 -28.54 14.58 41.08
CA ALA B 140 -29.51 13.97 40.18
C ALA B 140 -30.65 13.35 41.02
N ASP B 141 -30.30 12.54 42.05
CA ASP B 141 -31.25 11.90 42.97
C ASP B 141 -32.09 12.93 43.71
N LYS B 142 -31.45 14.01 44.20
CA LYS B 142 -32.14 15.08 44.92
C LYS B 142 -33.20 15.75 44.04
N LYS B 143 -32.87 15.97 42.76
CA LYS B 143 -33.80 16.59 41.84
C LYS B 143 -34.93 15.64 41.38
N ALA B 144 -34.61 14.36 41.11
CA ALA B 144 -35.61 13.40 40.65
C ALA B 144 -36.58 13.00 41.74
N GLY B 145 -36.08 12.86 42.96
CA GLY B 145 -36.90 12.46 44.11
C GLY B 145 -36.32 11.29 44.88
N LYS B 146 -36.77 11.15 46.15
CA LYS B 146 -36.32 10.09 47.08
C LYS B 146 -37.02 8.75 46.86
N ASN B 147 -37.51 8.47 45.64
CA ASN B 147 -38.15 7.22 45.25
C ASN B 147 -38.43 7.19 43.73
N PHE B 148 -37.60 7.88 42.93
CA PHE B 148 -37.82 8.00 41.49
C PHE B 148 -37.88 6.65 40.73
N SER B 149 -36.85 5.80 40.84
CA SER B 149 -36.85 4.53 40.11
C SER B 149 -37.99 3.58 40.54
N ALA B 150 -38.42 3.66 41.82
CA ALA B 150 -39.53 2.83 42.28
C ALA B 150 -40.85 3.39 41.73
N LYS B 151 -41.01 4.73 41.70
CA LYS B 151 -42.23 5.35 41.17
C LYS B 151 -42.29 5.30 39.62
N ASN B 152 -41.12 5.23 38.96
CA ASN B 152 -40.99 5.21 37.50
C ASN B 152 -40.14 4.01 37.06
N PRO B 153 -40.72 2.79 37.03
CA PRO B 153 -39.91 1.59 36.73
C PRO B 153 -39.24 1.58 35.35
N GLY B 154 -38.00 1.10 35.37
CA GLY B 154 -37.13 1.08 34.20
C GLY B 154 -36.35 2.37 34.01
N LEU B 155 -36.80 3.47 34.65
CA LEU B 155 -36.20 4.80 34.55
C LEU B 155 -35.12 5.08 35.60
N SER B 156 -34.04 5.75 35.19
CA SER B 156 -32.96 6.23 36.08
C SER B 156 -32.50 7.62 35.61
N VAL B 157 -31.90 8.40 36.50
CA VAL B 157 -31.44 9.73 36.17
C VAL B 157 -29.93 9.86 36.27
N GLU B 158 -29.36 10.79 35.50
CA GLU B 158 -27.94 11.03 35.56
C GLU B 158 -27.59 12.45 35.14
N ILE B 159 -26.70 13.13 35.89
CA ILE B 159 -26.25 14.47 35.53
C ILE B 159 -24.81 14.41 35.04
N LYS B 160 -24.53 15.08 33.93
CA LYS B 160 -23.18 15.13 33.38
C LYS B 160 -22.73 16.56 33.18
N ALA B 161 -21.42 16.81 33.30
CA ALA B 161 -20.82 18.10 33.03
C ALA B 161 -20.49 18.19 31.54
N PHE B 162 -20.62 19.39 30.97
CA PHE B 162 -20.29 19.67 29.57
C PHE B 162 -19.51 20.95 29.55
N TYR B 163 -18.74 21.20 28.47
CA TYR B 163 -17.97 22.44 28.29
C TYR B 163 -17.03 22.70 29.48
N GLY B 164 -16.39 21.65 29.99
CA GLY B 164 -15.49 21.74 31.13
C GLY B 164 -16.11 22.15 32.45
N GLY B 165 -17.40 21.88 32.62
CA GLY B 165 -18.09 22.24 33.85
C GLY B 165 -18.91 23.52 33.73
N ASN B 166 -19.14 24.02 32.51
CA ASN B 166 -19.93 25.24 32.31
C ASN B 166 -21.40 24.99 31.95
N LEU B 167 -21.77 23.75 31.67
CA LEU B 167 -23.13 23.36 31.36
C LEU B 167 -23.39 21.97 31.95
N TYR B 168 -24.58 21.72 32.47
CA TYR B 168 -24.94 20.41 33.02
C TYR B 168 -26.26 19.97 32.46
N LEU B 169 -26.36 18.70 32.11
CA LEU B 169 -27.60 18.12 31.62
C LEU B 169 -27.99 16.92 32.46
N MET B 170 -29.28 16.77 32.73
CA MET B 170 -29.81 15.60 33.42
C MET B 170 -30.50 14.72 32.37
N PHE B 171 -30.16 13.44 32.35
CA PHE B 171 -30.73 12.50 31.42
C PHE B 171 -31.63 11.55 32.18
N THR B 172 -32.82 11.30 31.65
CA THR B 172 -33.71 10.30 32.19
C THR B 172 -33.56 9.13 31.22
N LYS B 173 -33.08 8.01 31.72
CA LYS B 173 -32.76 6.84 30.91
C LYS B 173 -33.68 5.67 31.17
N LYS B 174 -34.06 4.95 30.12
CA LYS B 174 -34.85 3.73 30.27
C LYS B 174 -33.94 2.59 29.80
N THR B 175 -33.58 1.66 30.70
CA THR B 175 -32.65 0.57 30.39
C THR B 175 -33.33 -0.79 30.28
N TYR B 176 -33.09 -1.52 29.18
CA TYR B 176 -33.65 -2.88 28.95
C TYR B 176 -32.50 -3.87 28.99
N THR B 177 -32.62 -4.96 29.75
CA THR B 177 -31.52 -5.91 29.88
C THR B 177 -31.79 -7.26 29.23
N ASP B 178 -32.96 -7.44 28.62
CA ASP B 178 -33.26 -8.66 27.88
C ASP B 178 -33.17 -8.30 26.37
N VAL B 179 -32.00 -8.39 25.79
CA VAL B 179 -31.75 -8.02 24.39
C VAL B 179 -31.19 -9.25 23.69
N ARG B 180 -31.99 -9.86 22.84
CA ARG B 180 -31.66 -11.15 22.24
C ARG B 180 -31.10 -11.09 20.82
N LEU B 181 -30.18 -12.00 20.50
CA LEU B 181 -29.51 -12.09 19.20
C LEU B 181 -30.52 -12.63 18.19
N VAL B 182 -30.71 -11.90 17.09
CA VAL B 182 -31.67 -12.28 16.07
C VAL B 182 -30.96 -12.73 14.79
N GLY B 183 -29.98 -11.95 14.37
CA GLY B 183 -29.28 -12.25 13.14
C GLY B 183 -27.91 -11.62 13.03
N ALA B 184 -27.05 -12.24 12.28
CA ALA B 184 -25.72 -11.75 12.04
C ALA B 184 -25.21 -12.38 10.76
N PRO B 185 -24.50 -11.60 9.93
CA PRO B 185 -23.88 -12.19 8.75
C PRO B 185 -22.66 -13.04 9.18
N PRO B 186 -22.08 -13.90 8.28
CA PRO B 186 -20.83 -14.58 8.66
C PRO B 186 -19.72 -13.53 8.89
N SER B 187 -18.66 -13.89 9.59
CA SER B 187 -17.55 -12.96 9.82
C SER B 187 -16.90 -12.52 8.52
N SER B 188 -16.96 -13.35 7.47
CA SER B 188 -16.42 -12.98 6.15
C SER B 188 -17.16 -11.74 5.60
N ILE B 189 -18.43 -11.52 5.99
CA ILE B 189 -19.14 -10.31 5.59
C ILE B 189 -19.01 -9.23 6.67
N GLY B 190 -19.33 -9.60 7.92
CA GLY B 190 -19.34 -8.70 9.06
C GLY B 190 -18.01 -8.05 9.38
N LYS B 191 -16.94 -8.72 9.02
CA LYS B 191 -15.60 -8.26 9.27
C LYS B 191 -14.74 -8.53 8.02
N PHE B 192 -15.28 -8.31 6.80
CA PHE B 192 -14.57 -8.57 5.54
C PHE B 192 -13.13 -8.06 5.50
N GLY B 193 -12.93 -6.79 5.79
CA GLY B 193 -11.55 -6.27 5.72
C GLY B 193 -10.66 -6.86 6.81
N ALA B 194 -11.29 -7.27 7.93
CA ALA B 194 -10.70 -7.77 9.16
C ALA B 194 -9.74 -6.63 9.67
N ASP B 195 -8.49 -6.86 10.12
CA ASP B 195 -7.67 -5.77 10.60
C ASP B 195 -6.99 -5.00 9.49
N THR B 196 -6.78 -5.59 8.30
CA THR B 196 -6.16 -4.89 7.16
C THR B 196 -6.92 -3.65 6.74
N ASP B 197 -8.27 -3.75 6.72
CA ASP B 197 -9.09 -2.61 6.33
C ASP B 197 -9.60 -1.78 7.50
N ASN B 198 -9.14 -2.02 8.74
CA ASN B 198 -9.53 -1.17 9.88
C ASN B 198 -9.04 0.27 9.64
N TRP B 199 -9.94 1.24 9.86
CA TRP B 199 -9.69 2.68 9.59
C TRP B 199 -9.51 2.98 8.11
N ILE B 200 -9.89 2.07 7.21
CA ILE B 200 -9.63 2.27 5.77
C ILE B 200 -10.88 2.63 4.97
N TRP B 201 -10.78 3.66 4.17
CA TRP B 201 -11.75 3.99 3.14
C TRP B 201 -10.94 3.99 1.83
N PRO B 202 -11.39 3.36 0.70
CA PRO B 202 -12.65 2.62 0.49
C PRO B 202 -12.81 1.39 1.40
N ARG B 203 -14.06 1.07 1.75
CA ARG B 203 -14.32 -0.05 2.65
C ARG B 203 -15.43 -0.90 2.08
N HIS B 204 -15.34 -2.23 2.24
CA HIS B 204 -16.29 -3.18 1.66
C HIS B 204 -16.89 -4.16 2.67
N THR B 205 -16.98 -3.73 3.92
CA THR B 205 -17.42 -4.55 5.05
C THR B 205 -18.91 -4.35 5.37
N GLY B 206 -19.68 -5.43 5.45
CA GLY B 206 -21.08 -5.38 5.83
C GLY B 206 -21.21 -5.54 7.34
N ASP B 207 -20.72 -4.52 8.04
CA ASP B 207 -20.61 -4.45 9.51
C ASP B 207 -21.92 -4.19 10.20
N PHE B 208 -22.73 -5.25 10.31
CA PHE B 208 -24.02 -5.19 10.98
C PHE B 208 -24.35 -6.52 11.72
N SER B 209 -25.18 -6.41 12.73
CA SER B 209 -25.78 -7.51 13.49
C SER B 209 -27.15 -7.04 13.95
N ILE B 210 -28.02 -7.99 14.28
CA ILE B 210 -29.43 -7.74 14.59
C ILE B 210 -29.80 -8.35 15.95
N PHE B 211 -30.43 -7.53 16.78
CA PHE B 211 -30.88 -7.92 18.11
C PHE B 211 -32.37 -7.56 18.27
N ARG B 212 -32.98 -7.92 19.40
CA ARG B 212 -34.35 -7.56 19.67
C ARG B 212 -34.50 -7.28 21.15
N ILE B 213 -35.08 -6.13 21.46
CA ILE B 213 -35.36 -5.78 22.84
C ILE B 213 -36.60 -6.53 23.31
N TYR B 214 -36.48 -7.22 24.42
CA TYR B 214 -37.59 -7.88 25.08
C TYR B 214 -37.91 -7.14 26.38
N ALA B 215 -39.15 -7.23 26.83
CA ALA B 215 -39.64 -6.53 28.02
C ALA B 215 -40.83 -7.32 28.65
N ASP B 216 -41.39 -6.85 29.81
CA ASP B 216 -42.56 -7.51 30.38
C ASP B 216 -43.81 -7.22 29.52
N LYS B 217 -44.97 -7.78 29.88
CA LYS B 217 -46.24 -7.61 29.17
C LYS B 217 -46.62 -6.15 28.92
N ASN B 218 -46.17 -5.21 29.77
CA ASN B 218 -46.50 -3.79 29.59
C ASN B 218 -45.43 -2.96 28.89
N GLY B 219 -44.42 -3.61 28.33
CA GLY B 219 -43.33 -2.92 27.66
C GLY B 219 -42.32 -2.29 28.62
N ASN B 220 -42.36 -2.70 29.89
CA ASN B 220 -41.45 -2.19 30.91
C ASN B 220 -40.22 -3.06 31.00
N PRO B 221 -39.06 -2.46 31.28
CA PRO B 221 -37.83 -3.26 31.41
C PRO B 221 -37.96 -4.40 32.41
N ALA B 222 -37.39 -5.54 32.05
CA ALA B 222 -37.40 -6.72 32.89
C ALA B 222 -36.16 -7.55 32.53
N PRO B 223 -35.50 -8.17 33.53
CA PRO B 223 -34.35 -9.03 33.20
C PRO B 223 -34.81 -10.25 32.39
N TYR B 224 -33.87 -11.03 31.82
CA TYR B 224 -34.24 -12.21 31.03
C TYR B 224 -35.27 -13.13 31.76
N SER B 225 -36.36 -13.43 31.07
CA SER B 225 -37.42 -14.32 31.51
C SER B 225 -38.02 -14.97 30.27
N GLU B 226 -38.36 -16.26 30.36
CA GLU B 226 -38.99 -16.97 29.26
C GLU B 226 -40.37 -16.39 28.90
N ASP B 227 -41.00 -15.65 29.85
CA ASP B 227 -42.30 -14.99 29.67
C ASP B 227 -42.18 -13.60 29.02
N ASN B 228 -40.95 -13.12 28.73
CA ASN B 228 -40.76 -11.80 28.13
C ASN B 228 -41.22 -11.77 26.71
N VAL B 229 -41.83 -10.66 26.34
CA VAL B 229 -42.44 -10.39 25.05
C VAL B 229 -41.67 -9.25 24.34
N PRO B 230 -41.54 -9.27 22.99
CA PRO B 230 -40.82 -8.18 22.30
C PRO B 230 -41.39 -6.79 22.64
N LEU B 231 -40.50 -5.78 22.69
CA LEU B 231 -40.92 -4.44 23.05
C LEU B 231 -41.61 -3.74 21.88
N LYS B 232 -42.78 -3.13 22.12
CA LYS B 232 -43.42 -2.31 21.08
C LYS B 232 -42.97 -0.90 21.43
N PRO B 233 -41.99 -0.35 20.68
CA PRO B 233 -41.45 0.97 21.04
C PRO B 233 -42.33 2.13 20.55
N LYS B 234 -42.16 3.31 21.17
CA LYS B 234 -42.90 4.50 20.75
C LYS B 234 -42.43 5.06 19.38
N ARG B 235 -41.22 4.66 18.94
CA ARG B 235 -40.68 5.14 17.68
C ARG B 235 -39.63 4.16 17.14
N PHE B 236 -39.65 3.96 15.84
CA PHE B 236 -38.68 3.13 15.14
C PHE B 236 -38.36 3.78 13.80
N PHE B 237 -37.20 3.46 13.22
CA PHE B 237 -36.82 4.05 11.95
C PHE B 237 -37.49 3.35 10.78
N ASN B 238 -37.88 4.11 9.77
CA ASN B 238 -38.31 3.52 8.51
C ASN B 238 -37.03 3.28 7.72
N ILE B 239 -36.98 2.17 6.96
CA ILE B 239 -35.81 1.86 6.14
C ILE B 239 -36.04 2.48 4.77
N SER B 240 -35.06 3.26 4.26
CA SER B 240 -35.17 3.80 2.91
C SER B 240 -34.52 2.87 1.89
N LEU B 241 -35.14 2.71 0.74
CA LEU B 241 -34.49 1.99 -0.37
C LEU B 241 -34.12 2.95 -1.54
N GLY B 242 -34.26 4.27 -1.33
CA GLY B 242 -33.89 5.28 -2.31
C GLY B 242 -32.40 5.48 -2.48
N GLY B 243 -31.61 4.93 -1.55
CA GLY B 243 -30.17 5.01 -1.60
C GLY B 243 -29.59 6.38 -1.36
N VAL B 244 -28.33 6.54 -1.74
CA VAL B 244 -27.64 7.82 -1.60
C VAL B 244 -27.02 8.25 -2.91
N GLN B 245 -26.84 9.56 -3.05
CA GLN B 245 -26.17 10.19 -4.18
C GLN B 245 -25.12 11.12 -3.60
N GLU B 246 -24.09 11.43 -4.39
CA GLU B 246 -23.04 12.37 -3.96
C GLU B 246 -23.69 13.73 -3.61
N ASN B 247 -23.29 14.30 -2.47
CA ASN B 247 -23.79 15.57 -1.96
C ASN B 247 -25.11 15.45 -1.20
N ASP B 248 -25.69 14.25 -1.08
CA ASP B 248 -26.93 14.10 -0.31
C ASP B 248 -26.71 14.46 1.14
N TYR B 249 -27.70 15.06 1.75
CA TYR B 249 -27.69 15.40 3.16
C TYR B 249 -27.73 14.10 3.95
N ALA B 250 -26.89 14.01 4.98
CA ALA B 250 -26.89 12.85 5.87
C ALA B 250 -26.74 13.32 7.32
N MET B 251 -27.38 12.61 8.26
CA MET B 251 -27.24 12.94 9.66
C MET B 251 -27.16 11.71 10.51
N ILE B 252 -26.53 11.83 11.67
CA ILE B 252 -26.33 10.72 12.58
C ILE B 252 -26.67 11.18 14.00
N MET B 253 -27.24 10.26 14.78
CA MET B 253 -27.45 10.41 16.18
C MET B 253 -26.69 9.23 16.82
N GLY B 254 -26.01 9.50 17.92
CA GLY B 254 -25.25 8.46 18.59
C GLY B 254 -24.58 8.93 19.85
N PHE B 255 -23.66 8.12 20.36
CA PHE B 255 -23.02 8.41 21.64
C PHE B 255 -21.50 8.51 21.50
N PRO B 256 -20.98 9.58 20.87
CA PRO B 256 -19.52 9.73 20.80
C PRO B 256 -18.91 9.78 22.20
N GLY B 257 -17.83 9.07 22.40
CA GLY B 257 -17.22 8.93 23.71
C GLY B 257 -16.39 10.09 24.18
N THR B 258 -15.30 10.42 23.45
CA THR B 258 -14.41 11.49 23.89
C THR B 258 -13.83 12.29 22.74
N THR B 259 -13.60 13.59 22.95
CA THR B 259 -12.90 14.45 22.00
C THR B 259 -12.00 15.38 22.82
N HIS B 260 -11.14 16.16 22.17
CA HIS B 260 -10.26 17.09 22.83
C HIS B 260 -10.18 18.36 22.01
N ARG B 261 -11.36 18.93 21.75
CA ARG B 261 -11.55 20.12 20.93
C ARG B 261 -11.00 21.38 21.59
N TYR B 262 -10.77 21.37 22.92
CA TYR B 262 -10.27 22.57 23.59
C TYR B 262 -8.85 22.41 24.13
N PHE B 263 -8.07 21.50 23.50
CA PHE B 263 -6.65 21.30 23.86
C PHE B 263 -5.91 22.60 23.62
N THR B 264 -4.92 22.91 24.46
CA THR B 264 -4.06 24.06 24.18
C THR B 264 -3.04 23.56 23.13
N ALA B 265 -2.26 24.49 22.54
CA ALA B 265 -1.19 24.11 21.62
C ALA B 265 -0.15 23.21 22.35
N SER B 266 0.12 23.48 23.64
CA SER B 266 1.05 22.69 24.46
C SER B 266 0.57 21.25 24.70
N GLU B 267 -0.75 21.05 24.78
CA GLU B 267 -1.36 19.73 24.93
C GLU B 267 -1.29 18.94 23.59
N VAL B 268 -1.43 19.63 22.44
CA VAL B 268 -1.24 19.00 21.12
C VAL B 268 0.24 18.52 21.02
N ASP B 269 1.19 19.38 21.44
CA ASP B 269 2.64 19.01 21.35
C ASP B 269 2.94 17.83 22.24
N GLU B 270 2.35 17.80 23.43
CA GLU B 270 2.54 16.72 24.39
C GLU B 270 1.94 15.43 23.84
N TRP B 271 0.74 15.50 23.28
CA TRP B 271 0.04 14.36 22.68
C TRP B 271 0.91 13.75 21.56
N LYS B 272 1.51 14.59 20.74
CA LYS B 272 2.41 14.16 19.68
C LYS B 272 3.73 13.58 20.22
N SER B 273 4.51 14.39 20.94
CA SER B 273 5.88 14.09 21.34
C SER B 273 6.01 13.10 22.46
N ILE B 274 4.96 12.89 23.25
CA ILE B 274 5.02 11.91 24.32
C ILE B 274 4.10 10.74 23.97
N ASP B 275 2.78 10.91 24.11
CA ASP B 275 1.79 9.88 23.90
C ASP B 275 1.95 9.13 22.61
N ASN B 276 1.85 9.83 21.48
CA ASN B 276 1.89 9.21 20.17
C ASN B 276 3.27 8.71 19.78
N ASP B 277 4.34 9.52 19.91
CA ASP B 277 5.68 9.04 19.52
C ASP B 277 6.14 7.81 20.30
N ILE B 278 5.86 7.75 21.60
CA ILE B 278 6.28 6.60 22.42
C ILE B 278 5.49 5.38 22.02
N ARG B 279 4.14 5.49 21.93
CA ARG B 279 3.29 4.38 21.52
C ARG B 279 3.73 3.86 20.11
N ILE B 280 4.01 4.77 19.16
CA ILE B 280 4.44 4.41 17.81
C ILE B 280 5.79 3.69 17.84
N ARG B 281 6.79 4.30 18.49
CA ARG B 281 8.10 3.71 18.58
C ARG B 281 8.09 2.33 19.29
N MET B 282 7.46 2.26 20.47
CA MET B 282 7.44 1.00 21.24
C MET B 282 6.65 -0.10 20.59
N ARG B 283 5.47 0.22 20.04
CA ARG B 283 4.65 -0.79 19.38
C ARG B 283 5.27 -1.26 18.09
N ASP B 284 5.99 -0.39 17.36
CA ASP B 284 6.69 -0.83 16.16
C ASP B 284 7.79 -1.86 16.50
N ILE B 285 8.52 -1.66 17.62
CA ILE B 285 9.52 -2.63 18.04
C ILE B 285 8.85 -3.96 18.42
N ARG B 286 7.81 -3.89 19.25
CA ARG B 286 7.09 -5.07 19.73
C ARG B 286 6.51 -5.88 18.56
N GLN B 287 5.76 -5.20 17.67
CA GLN B 287 5.11 -5.77 16.48
C GLN B 287 6.15 -6.33 15.49
N GLY B 288 7.28 -5.66 15.31
CA GLY B 288 8.34 -6.12 14.43
C GLY B 288 8.89 -7.47 14.85
N VAL B 289 9.19 -7.65 16.15
CA VAL B 289 9.70 -8.93 16.66
C VAL B 289 8.62 -9.99 16.56
N MET B 290 7.38 -9.65 16.97
CA MET B 290 6.23 -10.55 16.91
C MET B 290 5.94 -11.07 15.48
N LEU B 291 5.89 -10.20 14.49
CA LEU B 291 5.64 -10.56 13.10
C LEU B 291 6.74 -11.45 12.53
N ARG B 292 8.03 -11.16 12.79
CA ARG B 292 9.15 -12.02 12.38
C ARG B 292 8.92 -13.47 12.91
N GLU B 293 8.53 -13.59 14.19
CA GLU B 293 8.33 -14.88 14.82
C GLU B 293 7.12 -15.60 14.29
N MET B 294 6.03 -14.86 14.04
CA MET B 294 4.80 -15.41 13.48
C MET B 294 5.02 -15.90 12.04
N LEU B 295 5.81 -15.16 11.22
CA LEU B 295 6.08 -15.58 9.85
C LEU B 295 7.02 -16.80 9.77
N ALA B 296 7.88 -16.99 10.77
CA ALA B 296 8.83 -18.10 10.75
C ALA B 296 8.27 -19.41 11.33
N ASP B 297 7.22 -19.33 12.15
CA ASP B 297 6.63 -20.51 12.78
C ASP B 297 5.11 -20.40 12.72
N PRO B 298 4.46 -21.25 11.92
CA PRO B 298 2.98 -21.20 11.84
C PRO B 298 2.26 -21.41 13.17
N GLN B 299 2.90 -22.10 14.13
CA GLN B 299 2.31 -22.29 15.45
C GLN B 299 2.38 -20.97 16.24
N ILE B 300 3.47 -20.17 16.06
CA ILE B 300 3.60 -18.85 16.70
C ILE B 300 2.56 -17.87 16.11
N LYS B 301 2.29 -17.98 14.80
CA LYS B 301 1.26 -17.17 14.15
C LYS B 301 -0.12 -17.41 14.78
N ILE B 302 -0.45 -18.69 15.07
CA ILE B 302 -1.71 -19.04 15.71
C ILE B 302 -1.78 -18.46 17.14
N MET B 303 -0.71 -18.64 17.91
CA MET B 303 -0.66 -18.16 19.29
C MET B 303 -0.66 -16.63 19.45
N TYR B 304 0.01 -15.91 18.54
CA TYR B 304 0.22 -14.45 18.67
C TYR B 304 -0.61 -13.56 17.74
N SER B 305 -1.50 -14.12 16.92
CA SER B 305 -2.29 -13.31 15.98
C SER B 305 -3.19 -12.28 16.64
N ALA B 306 -3.88 -12.68 17.69
CA ALA B 306 -4.77 -11.79 18.40
C ALA B 306 -3.98 -10.70 19.15
N LYS B 307 -2.87 -11.07 19.83
CA LYS B 307 -2.04 -10.10 20.56
C LYS B 307 -1.43 -9.08 19.61
N TYR B 308 -1.00 -9.53 18.44
CA TYR B 308 -0.46 -8.68 17.40
C TYR B 308 -1.53 -7.67 16.92
N ALA B 309 -2.74 -8.18 16.59
CA ALA B 309 -3.85 -7.36 16.09
C ALA B 309 -4.28 -6.32 17.13
N ALA B 310 -4.41 -6.73 18.40
CA ALA B 310 -4.76 -5.82 19.48
C ALA B 310 -3.72 -4.68 19.64
N SER B 311 -2.42 -4.98 19.45
CA SER B 311 -1.39 -3.97 19.59
C SER B 311 -1.47 -2.96 18.43
N GLN B 312 -1.74 -3.46 17.21
CA GLN B 312 -1.84 -2.67 15.98
C GLN B 312 -2.96 -1.65 15.94
N ASN B 313 -4.10 -1.91 16.62
CA ASN B 313 -5.23 -0.98 16.51
C ASN B 313 -4.90 0.45 16.99
N ALA B 314 -4.39 0.63 18.23
CA ALA B 314 -4.05 1.97 18.72
C ALA B 314 -2.74 2.50 18.08
N TYR B 315 -1.87 1.59 17.60
CA TYR B 315 -0.69 1.95 16.85
C TYR B 315 -1.12 2.69 15.56
N LYS B 316 -2.10 2.10 14.84
CA LYS B 316 -2.58 2.74 13.61
C LYS B 316 -3.25 4.09 13.90
N ARG B 317 -3.97 4.17 15.04
CA ARG B 317 -4.66 5.39 15.44
C ARG B 317 -3.63 6.50 15.68
N ALA B 318 -2.55 6.18 16.41
CA ALA B 318 -1.48 7.13 16.71
C ALA B 318 -0.76 7.63 15.45
N ILE B 319 -0.59 6.75 14.42
CA ILE B 319 0.02 7.12 13.13
C ILE B 319 -0.90 8.12 12.41
N GLY B 320 -2.19 7.82 12.39
CA GLY B 320 -3.16 8.71 11.77
C GLY B 320 -3.23 10.06 12.47
N ALA B 321 -3.17 10.06 13.80
CA ALA B 321 -3.22 11.29 14.61
C ALA B 321 -1.99 12.14 14.40
N ASN B 322 -0.79 11.52 14.38
CA ASN B 322 0.47 12.24 14.13
C ASN B 322 0.56 12.80 12.70
N TRP B 323 -0.11 12.14 11.74
CA TRP B 323 -0.16 12.67 10.37
C TRP B 323 -0.96 14.00 10.39
N ALA B 324 -2.06 14.06 11.15
CA ALA B 324 -2.86 15.29 11.21
C ALA B 324 -2.08 16.41 11.92
N ILE B 325 -1.40 16.08 13.02
CA ILE B 325 -0.60 17.08 13.74
C ILE B 325 0.49 17.65 12.82
N LYS B 326 1.13 16.78 12.02
CA LYS B 326 2.17 17.21 11.10
C LYS B 326 1.67 17.97 9.88
N THR B 327 0.53 17.55 9.29
CA THR B 327 0.08 18.13 8.03
C THR B 327 -1.11 19.09 8.07
N ARG B 328 -1.97 19.02 9.11
CA ARG B 328 -3.19 19.82 9.11
C ARG B 328 -3.15 21.04 10.03
N GLY B 329 -1.99 21.34 10.60
CA GLY B 329 -1.77 22.50 11.46
C GLY B 329 -2.59 22.50 12.71
N LEU B 330 -2.72 21.33 13.39
CA LEU B 330 -3.54 21.25 14.60
C LEU B 330 -2.98 22.10 15.71
N ARG B 331 -1.66 22.07 15.90
CA ARG B 331 -1.03 22.85 16.95
C ARG B 331 -1.24 24.36 16.73
N GLN B 332 -1.04 24.81 15.49
CA GLN B 332 -1.18 26.19 15.05
C GLN B 332 -2.57 26.70 15.23
N ASN B 333 -3.58 25.88 14.92
CA ASN B 333 -4.97 26.31 15.08
C ASN B 333 -5.39 26.41 16.53
N LYS B 334 -4.78 25.62 17.44
CA LYS B 334 -5.08 25.75 18.86
C LYS B 334 -4.43 27.01 19.39
N GLN B 335 -3.21 27.32 18.93
CA GLN B 335 -2.45 28.49 19.29
C GLN B 335 -3.21 29.74 18.83
N ALA B 336 -3.75 29.75 17.61
CA ALA B 336 -4.53 30.89 17.12
C ALA B 336 -5.80 31.11 17.96
N MET B 337 -6.45 29.99 18.36
CA MET B 337 -7.66 29.99 19.17
C MET B 337 -7.39 30.62 20.54
N GLN B 338 -6.31 30.20 21.19
CA GLN B 338 -5.97 30.73 22.50
C GLN B 338 -5.46 32.17 22.42
N ASP B 339 -4.75 32.55 21.35
CA ASP B 339 -4.28 33.93 21.20
C ASP B 339 -5.42 34.91 21.00
N ARG B 340 -6.46 34.48 20.27
CA ARG B 340 -7.65 35.27 20.01
C ARG B 340 -8.42 35.52 21.33
N LEU B 341 -8.52 34.49 22.19
CA LEU B 341 -9.18 34.64 23.48
C LEU B 341 -8.38 35.59 24.39
N ILE B 342 -7.05 35.45 24.40
CA ILE B 342 -6.14 36.27 25.20
C ILE B 342 -6.21 37.75 24.77
N ALA B 343 -6.30 38.01 23.46
CA ALA B 343 -6.40 39.38 22.95
C ALA B 343 -7.76 40.00 23.34
N TRP B 344 -8.81 39.20 23.34
CA TRP B 344 -10.17 39.63 23.71
C TRP B 344 -10.29 39.89 25.22
N GLY B 345 -9.61 39.08 26.03
CA GLY B 345 -9.60 39.27 27.47
C GLY B 345 -8.80 40.49 27.88
N ALA B 346 -7.76 40.84 27.09
CA ALA B 346 -6.96 42.03 27.34
C ALA B 346 -7.80 43.29 27.07
N LYS B 347 -8.62 43.25 26.02
CA LYS B 347 -9.49 44.36 25.66
C LYS B 347 -10.64 44.53 26.65
N GLN B 348 -11.16 43.43 27.21
CA GLN B 348 -12.27 43.52 28.16
C GLN B 348 -11.82 43.80 29.61
N GLY B 349 -10.51 43.74 29.88
CA GLY B 349 -9.97 43.97 31.21
C GLY B 349 -10.08 42.77 32.13
N THR B 350 -10.20 41.56 31.57
CA THR B 350 -10.30 40.33 32.37
C THR B 350 -9.12 39.42 32.07
N PRO B 351 -8.10 39.41 32.94
CA PRO B 351 -6.91 38.57 32.67
C PRO B 351 -7.03 37.08 32.99
N ARG B 352 -8.15 36.63 33.56
CA ARG B 352 -8.30 35.22 33.97
C ARG B 352 -8.20 34.16 32.83
N TYR B 353 -8.48 34.51 31.57
CA TYR B 353 -8.41 33.56 30.47
C TYR B 353 -6.97 33.29 30.08
N GLU B 354 -6.15 34.36 30.02
CA GLU B 354 -4.73 34.25 29.74
C GLU B 354 -4.04 33.50 30.89
N GLU B 355 -4.45 33.76 32.14
CA GLU B 355 -3.93 33.08 33.32
C GLU B 355 -4.26 31.59 33.26
N ALA B 356 -5.49 31.24 32.78
CA ALA B 356 -5.91 29.85 32.64
C ALA B 356 -5.08 29.10 31.57
N VAL B 357 -4.83 29.70 30.39
CA VAL B 357 -4.00 29.09 29.35
C VAL B 357 -2.56 28.91 29.88
N HIS B 358 -2.05 29.93 30.61
CA HIS B 358 -0.73 29.87 31.23
C HIS B 358 -0.64 28.71 32.22
N GLU B 359 -1.68 28.50 33.06
CA GLU B 359 -1.68 27.40 34.02
C GLU B 359 -1.62 26.05 33.31
N ILE B 360 -2.38 25.89 32.21
CA ILE B 360 -2.35 24.66 31.43
C ILE B 360 -0.94 24.43 30.85
N ASP B 361 -0.34 25.47 30.22
CA ASP B 361 1.02 25.36 29.65
C ASP B 361 2.03 25.00 30.73
N ALA B 362 1.96 25.67 31.90
CA ALA B 362 2.92 25.42 32.97
C ALA B 362 2.77 24.01 33.53
N THR B 363 1.53 23.50 33.62
CA THR B 363 1.31 22.15 34.12
C THR B 363 1.84 21.12 33.11
N VAL B 364 1.59 21.34 31.81
CA VAL B 364 2.09 20.45 30.77
C VAL B 364 3.62 20.40 30.81
N ALA B 365 4.27 21.56 30.84
CA ALA B 365 5.74 21.67 30.88
C ALA B 365 6.31 21.00 32.12
N LYS B 366 5.66 21.17 33.29
CA LYS B 366 6.12 20.57 34.53
C LYS B 366 6.03 19.04 34.56
N ARG B 367 4.94 18.44 34.06
CA ARG B 367 4.79 16.98 34.09
C ARG B 367 5.48 16.23 32.94
N ALA B 368 6.17 16.95 32.02
CA ALA B 368 6.79 16.34 30.82
C ALA B 368 7.66 15.10 31.08
N ASP B 369 8.65 15.18 31.98
CA ASP B 369 9.55 14.06 32.24
C ASP B 369 8.80 12.87 32.85
N LEU B 370 7.95 13.11 33.84
CA LEU B 370 7.17 12.06 34.49
C LEU B 370 6.23 11.35 33.46
N ARG B 371 5.54 12.13 32.62
CA ARG B 371 4.62 11.60 31.61
C ARG B 371 5.38 10.76 30.57
N ARG B 372 6.59 11.20 30.20
CA ARG B 372 7.45 10.47 29.29
C ARG B 372 7.84 9.12 29.93
N ARG B 373 8.22 9.16 31.20
CA ARG B 373 8.57 7.95 31.95
C ARG B 373 7.39 6.97 32.08
N TYR B 374 6.18 7.51 32.26
CA TYR B 374 4.96 6.71 32.37
C TYR B 374 4.61 5.99 31.06
N TRP B 375 4.59 6.74 29.94
CA TRP B 375 4.31 6.16 28.64
C TRP B 375 5.40 5.18 28.24
N MET B 376 6.66 5.47 28.57
CA MET B 376 7.77 4.59 28.26
C MET B 376 7.61 3.23 28.98
N ILE B 377 7.24 3.24 30.27
CA ILE B 377 7.07 1.99 31.01
C ILE B 377 5.79 1.26 30.60
N GLU B 378 4.73 2.01 30.33
CA GLU B 378 3.46 1.43 29.96
C GLU B 378 3.52 0.77 28.58
N GLU B 379 4.03 1.47 27.59
CA GLU B 379 4.15 0.93 26.25
C GLU B 379 5.29 -0.06 26.14
N GLY B 380 6.41 0.25 26.80
CA GLY B 380 7.60 -0.58 26.73
C GLY B 380 7.56 -1.87 27.51
N ILE B 381 7.01 -1.83 28.72
CA ILE B 381 7.04 -2.99 29.62
C ILE B 381 5.67 -3.53 30.01
N ILE B 382 4.78 -2.68 30.59
CA ILE B 382 3.44 -3.11 31.04
C ILE B 382 2.64 -3.79 29.91
N ARG B 383 2.60 -3.18 28.72
CA ARG B 383 1.95 -3.87 27.59
C ARG B 383 2.96 -4.50 26.62
N GLY B 384 4.22 -4.09 26.65
CA GLY B 384 5.22 -4.63 25.75
C GLY B 384 5.77 -6.01 26.05
N ILE B 385 5.92 -6.35 27.35
CA ILE B 385 6.55 -7.59 27.77
C ILE B 385 5.55 -8.47 28.56
N GLU B 386 5.28 -9.68 28.07
CA GLU B 386 4.31 -10.56 28.73
C GLU B 386 4.71 -10.98 30.12
N PHE B 387 6.01 -11.24 30.38
CA PHE B 387 6.44 -11.66 31.71
C PHE B 387 6.38 -10.53 32.75
N ALA B 388 5.99 -9.31 32.36
CA ALA B 388 5.73 -8.22 33.31
C ALA B 388 4.43 -8.56 34.06
N ARG B 389 3.46 -9.22 33.39
CA ARG B 389 2.22 -9.63 34.01
C ARG B 389 2.27 -11.10 34.49
N SER B 390 3.46 -11.55 34.88
CA SER B 390 3.63 -12.89 35.43
C SER B 390 3.21 -12.85 36.93
N PRO B 391 2.99 -14.02 37.58
CA PRO B 391 2.48 -14.01 38.96
C PRO B 391 3.33 -13.33 40.02
N ILE B 392 2.66 -12.50 40.83
CA ILE B 392 3.31 -11.88 41.99
C ILE B 392 2.57 -12.43 43.23
N PRO B 393 3.27 -13.16 44.09
CA PRO B 393 2.61 -13.70 45.30
C PRO B 393 2.01 -12.62 46.19
N THR B 394 0.72 -12.76 46.50
CA THR B 394 -0.03 -11.83 47.37
C THR B 394 0.48 -11.89 48.84
N GLU B 395 -0.02 -11.01 49.73
CA GLU B 395 0.35 -11.05 51.15
C GLU B 395 -0.23 -12.32 51.80
N ASP B 396 -1.49 -12.69 51.45
CA ASP B 396 -2.14 -13.90 51.97
C ASP B 396 -1.37 -15.16 51.53
N GLU B 397 -0.80 -15.14 50.31
CA GLU B 397 -0.04 -16.27 49.78
C GLU B 397 1.31 -16.43 50.44
N THR B 398 2.00 -15.31 50.73
CA THR B 398 3.29 -15.40 51.41
C THR B 398 3.03 -15.80 52.89
N LYS B 399 1.96 -15.27 53.50
CA LYS B 399 1.55 -15.64 54.84
C LYS B 399 0.66 -16.88 54.70
N ALA B 400 1.27 -17.99 54.32
CA ALA B 400 0.71 -19.32 54.09
C ALA B 400 1.87 -20.30 53.86
N LEU B 401 2.89 -19.87 53.10
CA LEU B 401 4.10 -20.66 52.89
C LEU B 401 5.18 -20.36 53.97
N GLN B 402 4.90 -19.40 54.90
CA GLN B 402 5.75 -18.96 56.03
C GLN B 402 5.17 -17.67 56.64
N ALA B 406 -0.47 -23.68 59.09
CA ALA B 406 -1.69 -24.36 58.62
C ALA B 406 -1.45 -25.05 57.29
N SER B 407 -2.23 -26.11 57.01
CA SER B 407 -2.13 -26.87 55.75
C SER B 407 -2.53 -26.07 54.49
N ALA B 408 -2.91 -24.78 54.66
CA ALA B 408 -3.27 -23.87 53.58
C ALA B 408 -2.07 -23.47 52.69
N ARG B 409 -0.94 -24.17 52.82
CA ARG B 409 0.23 -24.06 51.95
C ARG B 409 -0.20 -24.54 50.53
N LYS B 410 -1.06 -25.60 50.47
CA LYS B 410 -1.61 -26.20 49.27
C LYS B 410 -2.56 -25.25 48.55
N GLU B 411 -3.34 -24.47 49.31
CA GLU B 411 -4.28 -23.49 48.74
C GLU B 411 -3.50 -22.30 48.14
N ALA B 412 -2.37 -21.91 48.77
CA ALA B 412 -1.52 -20.83 48.30
C ALA B 412 -0.88 -21.26 46.98
N ILE B 413 -0.38 -22.51 46.91
CA ILE B 413 0.22 -23.08 45.71
C ILE B 413 -0.81 -23.25 44.61
N ASP B 414 -2.04 -23.62 44.95
CA ASP B 414 -3.10 -23.77 43.95
C ASP B 414 -3.53 -22.42 43.35
N LYS B 415 -3.43 -21.34 44.13
CA LYS B 415 -3.78 -20.01 43.64
C LYS B 415 -2.64 -19.47 42.76
N ILE B 416 -1.38 -19.62 43.22
CA ILE B 416 -0.21 -19.22 42.45
C ILE B 416 -0.15 -20.03 41.14
N ARG B 417 -0.48 -21.33 41.18
CA ARG B 417 -0.50 -22.21 40.01
C ARG B 417 -1.54 -21.77 38.98
N THR B 418 -2.73 -21.38 39.45
CA THR B 418 -3.83 -20.94 38.59
C THR B 418 -3.40 -19.70 37.80
N ARG B 419 -2.71 -18.76 38.46
CA ARG B 419 -2.21 -17.54 37.84
C ARG B 419 -1.05 -17.83 36.92
N TYR B 420 -0.20 -18.82 37.27
CA TYR B 420 0.92 -19.20 36.41
C TYR B 420 0.37 -19.81 35.12
N SER B 421 -0.63 -20.66 35.24
CA SER B 421 -1.27 -21.34 34.11
C SER B 421 -1.99 -20.36 33.18
N LYS B 422 -2.50 -19.25 33.72
CA LYS B 422 -3.16 -18.23 32.91
C LYS B 422 -2.10 -17.38 32.17
N PHE B 423 -0.94 -17.10 32.83
CA PHE B 423 0.17 -16.37 32.23
C PHE B 423 0.83 -17.22 31.13
N ALA B 424 1.30 -18.42 31.48
CA ALA B 424 1.95 -19.32 30.55
C ALA B 424 0.87 -20.23 29.96
N ASN B 425 -0.06 -19.64 29.18
CA ASN B 425 -1.16 -20.40 28.60
C ASN B 425 -0.83 -21.00 27.22
N LYS B 426 -1.86 -21.53 26.51
CA LYS B 426 -1.71 -22.15 25.18
C LYS B 426 -1.15 -21.19 24.13
N ASP B 427 -1.30 -19.87 24.34
CA ASP B 427 -0.85 -18.82 23.42
C ASP B 427 0.47 -18.14 23.83
N TYR B 428 1.06 -18.55 24.95
CA TYR B 428 2.28 -17.93 25.43
C TYR B 428 3.52 -18.70 25.01
N SER B 429 4.46 -18.02 24.37
CA SER B 429 5.74 -18.61 24.02
C SER B 429 6.83 -17.87 24.81
N ALA B 430 7.57 -18.58 25.68
CA ALA B 430 8.65 -17.97 26.46
C ALA B 430 9.78 -17.47 25.55
N GLU B 431 10.06 -18.18 24.44
CA GLU B 431 11.08 -17.81 23.47
C GLU B 431 10.74 -16.51 22.74
N VAL B 432 9.49 -16.39 22.28
CA VAL B 432 9.00 -15.19 21.63
C VAL B 432 9.02 -14.02 22.64
N ASP B 433 8.56 -14.29 23.87
CA ASP B 433 8.58 -13.27 24.92
C ASP B 433 9.98 -12.79 25.27
N LYS B 434 10.97 -13.69 25.35
CA LYS B 434 12.36 -13.30 25.59
C LYS B 434 12.89 -12.39 24.45
N LYS B 435 12.57 -12.71 23.20
CA LYS B 435 13.00 -11.90 22.06
C LYS B 435 12.33 -10.54 22.07
N VAL B 436 11.02 -10.49 22.38
CA VAL B 436 10.32 -9.22 22.47
C VAL B 436 10.92 -8.38 23.62
N ALA B 437 11.09 -8.99 24.81
CA ALA B 437 11.68 -8.29 25.96
C ALA B 437 13.07 -7.77 25.70
N VAL B 438 13.95 -8.55 25.03
CA VAL B 438 15.31 -8.06 24.74
C VAL B 438 15.27 -6.78 23.87
N ALA B 439 14.43 -6.76 22.83
CA ALA B 439 14.32 -5.58 21.98
C ALA B 439 13.62 -4.41 22.73
N MET B 440 12.54 -4.70 23.47
CA MET B 440 11.81 -3.65 24.21
C MET B 440 12.67 -3.04 25.34
N LEU B 441 13.39 -3.88 26.08
CA LEU B 441 14.24 -3.40 27.16
C LEU B 441 15.45 -2.65 26.66
N THR B 442 16.04 -3.04 25.53
CA THR B 442 17.17 -2.30 24.95
C THR B 442 16.74 -0.84 24.63
N GLU B 443 15.55 -0.66 24.05
CA GLU B 443 15.03 0.67 23.78
C GLU B 443 14.71 1.41 25.09
N TYR B 444 14.04 0.72 26.05
CA TYR B 444 13.66 1.33 27.32
C TYR B 444 14.90 1.78 28.09
N LEU B 445 15.97 0.96 28.13
CA LEU B 445 17.21 1.27 28.82
C LEU B 445 18.01 2.41 28.16
N LYS B 446 17.82 2.63 26.86
CA LYS B 446 18.42 3.75 26.12
C LYS B 446 17.67 5.06 26.46
N GLU B 447 16.35 4.98 26.77
CA GLU B 447 15.51 6.16 27.01
C GLU B 447 15.39 6.57 28.46
N ILE B 448 15.44 5.63 29.37
CA ILE B 448 15.26 5.88 30.78
C ILE B 448 16.59 5.77 31.48
N PRO B 449 17.07 6.85 32.11
CA PRO B 449 18.38 6.78 32.79
C PRO B 449 18.36 5.90 34.04
N TYR B 450 19.53 5.36 34.43
CA TYR B 450 19.73 4.49 35.59
C TYR B 450 18.95 4.92 36.84
N GLU B 451 19.04 6.22 37.21
CA GLU B 451 18.37 6.75 38.41
C GLU B 451 16.85 6.73 38.33
N ASN B 452 16.28 6.62 37.12
CA ASN B 452 14.83 6.56 36.93
C ASN B 452 14.30 5.13 36.60
N LEU B 453 15.18 4.13 36.57
CA LEU B 453 14.80 2.77 36.21
C LEU B 453 14.06 2.07 37.31
N PRO B 454 13.14 1.13 36.97
CA PRO B 454 12.61 0.22 38.00
C PRO B 454 13.80 -0.53 38.62
N LEU B 455 13.87 -0.60 39.95
CA LEU B 455 14.99 -1.15 40.72
C LEU B 455 15.62 -2.42 40.13
N HIS B 456 14.82 -3.39 39.68
CA HIS B 456 15.38 -4.63 39.12
C HIS B 456 16.16 -4.42 37.82
N LEU B 457 15.74 -3.44 36.98
CA LEU B 457 16.40 -3.11 35.71
C LEU B 457 17.80 -2.53 35.88
N ARG B 458 18.13 -2.04 37.08
CA ARG B 458 19.47 -1.58 37.45
C ARG B 458 20.49 -2.74 37.33
N LEU B 459 20.03 -4.01 37.48
CA LEU B 459 20.89 -5.19 37.36
C LEU B 459 21.46 -5.36 35.96
N VAL B 460 20.87 -4.74 34.91
CA VAL B 460 21.41 -4.87 33.55
C VAL B 460 22.82 -4.27 33.52
N LYS B 461 22.98 -3.10 34.11
CA LYS B 461 24.30 -2.45 34.18
C LYS B 461 25.16 -3.02 35.30
N ASP B 462 24.60 -3.17 36.50
CA ASP B 462 25.34 -3.61 37.68
C ASP B 462 25.78 -5.07 37.73
N ARG B 463 24.91 -5.99 37.32
CA ARG B 463 25.19 -7.42 37.42
C ARG B 463 25.50 -8.07 36.08
N PHE B 464 24.90 -7.57 34.99
CA PHE B 464 25.06 -8.23 33.70
C PHE B 464 25.93 -7.47 32.70
N ALA B 465 26.71 -6.48 33.17
CA ALA B 465 27.61 -5.70 32.30
C ALA B 465 26.93 -5.16 31.02
N GLY B 466 25.71 -4.69 31.14
CA GLY B 466 24.93 -4.13 30.05
C GLY B 466 24.31 -5.11 29.06
N ASP B 467 24.48 -6.43 29.30
CA ASP B 467 23.95 -7.46 28.41
C ASP B 467 22.47 -7.74 28.74
N VAL B 468 21.56 -7.15 27.94
CA VAL B 468 20.12 -7.31 28.12
C VAL B 468 19.72 -8.75 27.87
N GLN B 469 20.31 -9.39 26.85
CA GLN B 469 20.04 -10.79 26.51
C GLN B 469 20.34 -11.70 27.71
N ALA B 470 21.47 -11.48 28.39
CA ALA B 470 21.87 -12.28 29.54
C ALA B 470 20.96 -12.06 30.74
N TYR B 471 20.52 -10.83 30.95
CA TYR B 471 19.64 -10.48 32.04
C TYR B 471 18.27 -11.21 31.85
N VAL B 472 17.75 -11.19 30.61
CA VAL B 472 16.48 -11.83 30.28
C VAL B 472 16.62 -13.36 30.33
N ASP B 473 17.74 -13.92 29.81
CA ASP B 473 17.98 -15.37 29.87
C ASP B 473 18.02 -15.82 31.34
N ASP B 474 18.68 -15.04 32.20
CA ASP B 474 18.79 -15.36 33.61
C ASP B 474 17.42 -15.35 34.33
N ILE B 475 16.52 -14.41 33.95
CA ILE B 475 15.17 -14.33 34.52
C ILE B 475 14.42 -15.65 34.29
N PHE B 476 14.49 -16.20 33.08
CA PHE B 476 13.81 -17.44 32.75
C PHE B 476 14.53 -18.69 33.27
N ALA B 477 15.88 -18.68 33.24
CA ALA B 477 16.64 -19.84 33.68
C ALA B 477 16.53 -20.08 35.17
N ARG B 478 16.39 -19.02 35.98
CA ARG B 478 16.31 -19.16 37.43
C ARG B 478 14.93 -18.98 38.03
N SER B 479 13.96 -18.47 37.26
CA SER B 479 12.63 -18.25 37.81
C SER B 479 11.77 -19.49 37.92
N VAL B 480 10.96 -19.56 39.00
CA VAL B 480 9.93 -20.60 39.18
C VAL B 480 8.82 -20.46 38.12
N PHE B 481 8.70 -19.30 37.43
CA PHE B 481 7.73 -19.13 36.35
C PHE B 481 8.39 -19.21 34.95
N GLY B 482 9.66 -19.61 34.88
CA GLY B 482 10.43 -19.72 33.64
C GLY B 482 10.06 -20.90 32.76
N SER B 483 9.43 -21.92 33.34
CA SER B 483 8.99 -23.13 32.63
C SER B 483 8.09 -23.95 33.57
N GLU B 484 7.37 -24.94 33.00
CA GLU B 484 6.50 -25.79 33.80
C GLU B 484 7.27 -26.60 34.81
N ALA B 485 8.41 -27.19 34.38
CA ALA B 485 9.26 -27.99 35.25
C ALA B 485 9.83 -27.18 36.41
N GLN B 486 10.12 -25.89 36.17
CA GLN B 486 10.64 -25.02 37.22
C GLN B 486 9.55 -24.67 38.23
N PHE B 487 8.32 -24.47 37.76
CA PHE B 487 7.18 -24.20 38.64
C PHE B 487 6.87 -25.42 39.48
N ASP B 488 6.80 -26.61 38.86
CA ASP B 488 6.51 -27.85 39.58
C ASP B 488 7.54 -28.17 40.65
N ALA B 489 8.83 -27.88 40.38
CA ALA B 489 9.87 -28.09 41.39
C ALA B 489 9.65 -27.16 42.57
N PHE B 490 9.24 -25.92 42.31
CA PHE B 490 8.94 -24.96 43.35
C PHE B 490 7.70 -25.43 44.15
N ALA B 491 6.62 -25.80 43.46
CA ALA B 491 5.36 -26.23 44.04
C ALA B 491 5.51 -27.45 44.96
N ALA B 492 6.47 -28.34 44.66
CA ALA B 492 6.73 -29.51 45.50
C ALA B 492 7.41 -29.10 46.81
N VAL B 493 8.36 -28.14 46.75
CA VAL B 493 9.06 -27.63 47.94
C VAL B 493 9.02 -26.10 47.95
N PRO B 494 7.86 -25.50 48.26
CA PRO B 494 7.76 -24.04 48.23
C PRO B 494 8.27 -23.31 49.47
N SER B 495 9.14 -22.34 49.27
CA SER B 495 9.62 -21.50 50.37
C SER B 495 9.39 -20.03 49.98
N VAL B 496 9.04 -19.17 50.96
CA VAL B 496 8.83 -17.74 50.67
C VAL B 496 10.12 -17.03 50.28
N GLU B 497 11.29 -17.54 50.74
CA GLU B 497 12.61 -17.04 50.44
C GLU B 497 12.94 -17.26 48.96
N LYS B 498 12.43 -18.37 48.36
CA LYS B 498 12.63 -18.66 46.95
C LYS B 498 11.85 -17.61 46.13
N LEU B 499 10.60 -17.33 46.52
CA LEU B 499 9.72 -16.37 45.86
C LEU B 499 10.23 -14.94 46.00
N ALA B 500 10.72 -14.57 47.19
CA ALA B 500 11.21 -13.22 47.47
C ALA B 500 12.49 -12.86 46.72
N GLU B 501 13.24 -13.87 46.22
CA GLU B 501 14.45 -13.64 45.44
C GLU B 501 14.28 -14.07 43.95
N ASP B 502 13.08 -14.48 43.53
CA ASP B 502 12.81 -14.90 42.17
C ASP B 502 13.01 -13.74 41.18
N PRO B 503 13.93 -13.90 40.21
CA PRO B 503 14.19 -12.82 39.25
C PRO B 503 12.97 -12.35 38.46
N MET B 504 12.03 -13.26 38.13
CA MET B 504 10.82 -12.84 37.42
C MET B 504 9.87 -12.11 38.35
N VAL B 505 9.71 -12.58 39.60
CA VAL B 505 8.84 -11.91 40.58
C VAL B 505 9.37 -10.50 40.87
N LEU B 506 10.67 -10.37 41.07
CA LEU B 506 11.33 -9.09 41.34
C LEU B 506 11.19 -8.13 40.15
N PHE B 507 11.35 -8.62 38.89
CA PHE B 507 11.16 -7.79 37.70
C PHE B 507 9.72 -7.28 37.67
N ALA B 508 8.74 -8.20 37.74
CA ALA B 508 7.32 -7.88 37.66
C ALA B 508 6.91 -6.90 38.75
N SER B 509 7.35 -7.14 40.00
CA SER B 509 7.05 -6.26 41.14
C SER B 509 7.66 -4.90 40.93
N SER B 510 8.94 -4.87 40.56
CA SER B 510 9.70 -3.65 40.34
C SER B 510 9.07 -2.76 39.23
N VAL B 511 8.64 -3.36 38.11
CA VAL B 511 8.09 -2.56 37.01
C VAL B 511 6.69 -2.08 37.38
N PHE B 512 5.91 -2.88 38.13
CA PHE B 512 4.58 -2.44 38.57
C PHE B 512 4.69 -1.36 39.65
N ASP B 513 5.70 -1.44 40.51
CA ASP B 513 5.94 -0.42 41.54
C ASP B 513 6.25 0.92 40.86
N GLU B 514 7.13 0.93 39.83
CA GLU B 514 7.49 2.14 39.13
C GLU B 514 6.30 2.72 38.35
N TYR B 515 5.50 1.85 37.74
CA TYR B 515 4.30 2.22 36.99
C TYR B 515 3.28 2.91 37.93
N ARG B 516 3.06 2.36 39.16
CA ARG B 516 2.16 2.93 40.17
C ARG B 516 2.70 4.23 40.75
N LYS B 517 4.00 4.29 41.04
CA LYS B 517 4.64 5.50 41.55
C LYS B 517 4.48 6.68 40.55
N LEU B 518 4.69 6.41 39.23
CA LEU B 518 4.57 7.43 38.18
C LEU B 518 3.12 7.88 38.03
N TYR B 519 2.16 6.92 38.07
CA TYR B 519 0.74 7.21 38.00
C TYR B 519 0.33 8.15 39.18
N ASN B 520 0.76 7.81 40.40
CA ASN B 520 0.46 8.60 41.59
C ASN B 520 1.10 9.97 41.55
N GLU B 521 2.32 10.08 41.00
CA GLU B 521 2.97 11.39 40.89
C GLU B 521 2.32 12.25 39.82
N LEU B 522 1.77 11.63 38.76
CA LEU B 522 1.17 12.37 37.67
C LEU B 522 -0.29 12.79 37.90
N ARG B 523 -1.04 12.00 38.69
CA ARG B 523 -2.46 12.30 38.98
C ARG B 523 -2.72 13.73 39.48
N PRO B 524 -1.95 14.31 40.41
CA PRO B 524 -2.21 15.69 40.83
C PRO B 524 -2.14 16.76 39.74
N TYR B 525 -1.48 16.49 38.61
CA TYR B 525 -1.38 17.45 37.52
C TYR B 525 -2.67 17.58 36.71
N ASP B 526 -3.55 16.57 36.74
CA ASP B 526 -4.81 16.64 36.00
C ASP B 526 -5.76 17.75 36.48
N ASP B 527 -5.87 17.94 37.79
CA ASP B 527 -6.82 18.89 38.40
C ASP B 527 -6.58 20.35 38.04
N PRO B 528 -5.35 20.91 38.11
CA PRO B 528 -5.20 22.32 37.70
C PRO B 528 -5.55 22.55 36.24
N ILE B 529 -5.31 21.55 35.35
CA ILE B 529 -5.66 21.63 33.92
C ILE B 529 -7.18 21.63 33.80
N LEU B 530 -7.86 20.72 34.51
CA LEU B 530 -9.33 20.67 34.47
C LEU B 530 -9.94 22.00 34.95
N ARG B 531 -9.49 22.54 36.10
CA ARG B 531 -10.00 23.81 36.62
C ARG B 531 -9.72 24.95 35.64
N ALA B 532 -8.51 25.00 35.06
CA ALA B 532 -8.18 26.05 34.10
C ALA B 532 -9.01 25.91 32.82
N GLN B 533 -9.36 24.69 32.42
CA GLN B 533 -10.21 24.45 31.24
C GLN B 533 -11.62 24.95 31.44
N ARG B 534 -12.13 24.93 32.68
CA ARG B 534 -13.45 25.46 32.97
C ARG B 534 -13.46 26.97 32.67
N THR B 535 -12.40 27.69 33.07
CA THR B 535 -12.26 29.12 32.81
C THR B 535 -12.00 29.37 31.32
N TYR B 536 -11.09 28.60 30.72
CA TYR B 536 -10.74 28.69 29.30
C TYR B 536 -11.97 28.53 28.38
N ILE B 537 -12.75 27.45 28.56
CA ILE B 537 -13.94 27.21 27.74
C ILE B 537 -15.01 28.22 28.03
N ALA B 538 -15.14 28.71 29.29
CA ALA B 538 -16.11 29.78 29.60
C ALA B 538 -15.81 31.03 28.74
N GLY B 539 -14.52 31.37 28.62
CA GLY B 539 -14.09 32.50 27.81
C GLY B 539 -14.39 32.33 26.33
N LEU B 540 -14.06 31.15 25.78
CA LEU B 540 -14.32 30.83 24.38
C LEU B 540 -15.81 30.94 24.08
N LEU B 541 -16.66 30.42 24.96
CA LEU B 541 -18.11 30.49 24.82
C LEU B 541 -18.63 31.92 24.92
N GLU B 542 -18.13 32.71 25.89
CA GLU B 542 -18.55 34.11 26.04
C GLU B 542 -18.10 34.96 24.83
N MET B 543 -16.92 34.66 24.28
CA MET B 543 -16.39 35.37 23.13
C MET B 543 -17.05 34.99 21.78
N ASP B 544 -17.00 33.71 21.38
CA ASP B 544 -17.52 33.30 20.07
C ASP B 544 -18.87 32.54 20.11
N GLY B 545 -19.45 32.40 21.29
CA GLY B 545 -20.75 31.77 21.44
C GLY B 545 -20.83 30.25 21.40
N ASP B 546 -21.92 29.74 22.03
CA ASP B 546 -22.30 28.32 22.12
C ASP B 546 -23.01 27.95 20.81
N GLN B 547 -22.36 28.29 19.69
CA GLN B 547 -22.95 28.06 18.38
C GLN B 547 -22.03 27.28 17.47
N ASP B 548 -20.85 27.81 17.05
CA ASP B 548 -19.97 27.01 16.15
C ASP B 548 -18.88 26.19 16.92
N GLN B 549 -18.95 26.13 18.26
CA GLN B 549 -18.05 25.31 19.05
C GLN B 549 -18.86 24.40 19.98
N PHE B 550 -18.83 23.10 19.65
CA PHE B 550 -19.56 22.02 20.30
C PHE B 550 -18.89 21.59 21.60
N PRO B 551 -19.66 21.04 22.56
CA PRO B 551 -19.02 20.56 23.80
C PRO B 551 -18.30 19.25 23.50
N ASP B 552 -17.16 19.00 24.15
CA ASP B 552 -16.46 17.72 23.97
C ASP B 552 -17.38 16.51 24.18
N ALA B 553 -17.18 15.44 23.40
CA ALA B 553 -17.96 14.21 23.54
C ALA B 553 -17.72 13.62 24.94
N ASN B 554 -18.77 13.05 25.56
CA ASN B 554 -18.63 12.50 26.93
C ASN B 554 -19.60 11.31 27.13
N LEU B 555 -19.76 10.49 26.09
CA LEU B 555 -20.63 9.33 26.00
C LEU B 555 -22.12 9.67 26.15
N THR B 556 -22.51 10.85 25.71
CA THR B 556 -23.91 11.28 25.74
C THR B 556 -24.41 11.46 24.30
N LEU B 557 -25.74 11.44 24.14
CA LEU B 557 -26.43 11.54 22.87
C LEU B 557 -26.15 12.87 22.13
N ARG B 558 -25.65 12.74 20.91
CA ARG B 558 -25.33 13.89 20.08
C ARG B 558 -25.83 13.66 18.67
N PHE B 559 -26.02 14.76 17.94
CA PHE B 559 -26.32 14.67 16.55
C PHE B 559 -25.22 15.35 15.76
N THR B 560 -25.00 14.87 14.55
CA THR B 560 -24.07 15.45 13.62
C THR B 560 -24.70 15.36 12.23
N TYR B 561 -24.38 16.31 11.37
CA TYR B 561 -24.92 16.34 10.03
C TYR B 561 -23.84 16.68 9.04
N GLY B 562 -24.02 16.24 7.81
CA GLY B 562 -23.09 16.51 6.75
C GLY B 562 -23.64 16.05 5.43
N GLN B 563 -22.76 15.62 4.54
CA GLN B 563 -23.15 15.16 3.23
C GLN B 563 -22.41 13.89 2.85
N VAL B 564 -23.00 13.11 1.94
CA VAL B 564 -22.41 11.90 1.39
C VAL B 564 -21.37 12.42 0.38
N LYS B 565 -20.09 12.30 0.71
CA LYS B 565 -19.03 12.88 -0.09
C LYS B 565 -17.73 12.13 0.11
N GLY B 566 -17.01 11.89 -0.97
CA GLY B 566 -15.69 11.28 -0.89
C GLY B 566 -14.66 12.36 -0.61
N TYR B 567 -13.39 12.07 -0.91
CA TYR B 567 -12.31 13.04 -0.67
C TYR B 567 -11.06 12.62 -1.40
N SER B 568 -10.11 13.56 -1.52
CA SER B 568 -8.81 13.29 -2.12
C SER B 568 -7.77 13.02 -1.01
N PRO B 569 -7.31 11.76 -0.85
CA PRO B 569 -6.35 11.45 0.21
C PRO B 569 -4.95 11.99 -0.03
N ARG B 570 -4.57 12.14 -1.31
CA ARG B 570 -3.26 12.59 -1.73
C ARG B 570 -3.35 13.07 -3.18
N ASP B 571 -2.28 13.72 -3.66
CA ASP B 571 -2.16 14.30 -4.99
C ASP B 571 -2.58 13.33 -6.08
N ASN B 572 -3.57 13.75 -6.88
CA ASN B 572 -4.07 13.00 -8.04
C ASN B 572 -4.86 11.69 -7.71
N VAL B 573 -5.28 11.53 -6.48
CA VAL B 573 -6.06 10.36 -6.07
C VAL B 573 -7.39 10.80 -5.47
N TYR B 574 -8.50 10.22 -5.94
CA TYR B 574 -9.81 10.52 -5.38
C TYR B 574 -10.50 9.26 -4.96
N TYR B 575 -11.07 9.29 -3.76
CA TYR B 575 -11.87 8.20 -3.27
C TYR B 575 -13.28 8.72 -3.33
N GLY B 576 -14.14 8.04 -4.08
CA GLY B 576 -15.53 8.44 -4.17
C GLY B 576 -16.32 8.21 -2.89
N HIS B 577 -17.60 8.55 -2.94
CA HIS B 577 -18.48 8.48 -1.80
C HIS B 577 -19.10 7.10 -1.58
N GLN B 578 -19.00 6.16 -2.53
CA GLN B 578 -19.72 4.88 -2.42
C GLN B 578 -18.91 3.66 -2.93
N THR B 579 -18.90 2.56 -2.16
CA THR B 579 -18.29 1.31 -2.63
C THR B 579 -19.39 0.34 -3.10
N THR B 580 -19.02 -0.65 -3.90
CA THR B 580 -19.95 -1.63 -4.46
C THR B 580 -19.50 -3.07 -4.21
N LEU B 581 -20.42 -4.05 -4.42
CA LEU B 581 -20.16 -5.49 -4.26
C LEU B 581 -19.03 -5.97 -5.17
N ASP B 582 -18.83 -5.27 -6.30
CA ASP B 582 -17.75 -5.49 -7.23
C ASP B 582 -16.37 -5.31 -6.53
N GLY B 583 -16.30 -4.38 -5.56
CA GLY B 583 -15.09 -4.12 -4.77
C GLY B 583 -14.75 -5.23 -3.80
N VAL B 584 -15.79 -5.94 -3.30
CA VAL B 584 -15.64 -7.11 -2.44
C VAL B 584 -14.98 -8.22 -3.29
N MET B 585 -15.50 -8.42 -4.51
CA MET B 585 -15.00 -9.45 -5.42
C MET B 585 -13.57 -9.18 -5.89
N GLU B 586 -13.20 -7.90 -6.08
CA GLU B 586 -11.84 -7.51 -6.45
C GLU B 586 -10.86 -7.87 -5.33
N LYS B 587 -11.28 -7.74 -4.06
CA LYS B 587 -10.45 -8.02 -2.90
C LYS B 587 -10.39 -9.48 -2.49
N GLU B 588 -11.23 -10.34 -3.05
CA GLU B 588 -11.25 -11.75 -2.71
C GLU B 588 -9.89 -12.44 -2.85
N ASP B 589 -9.45 -13.09 -1.77
CA ASP B 589 -8.20 -13.84 -1.73
C ASP B 589 -8.55 -15.09 -0.94
N PRO B 590 -8.78 -16.21 -1.64
CA PRO B 590 -9.21 -17.44 -0.94
C PRO B 590 -8.25 -17.95 0.12
N ASP B 591 -6.93 -17.76 -0.07
CA ASP B 591 -5.95 -18.24 0.92
C ASP B 591 -5.52 -17.18 1.95
N ASN B 592 -6.31 -16.11 2.10
CA ASN B 592 -6.10 -15.07 3.10
C ASN B 592 -7.44 -14.97 3.83
N TRP B 593 -7.51 -15.51 5.07
CA TRP B 593 -8.70 -15.58 5.92
C TRP B 593 -9.45 -14.25 6.06
N GLU B 594 -8.74 -13.12 5.93
CA GLU B 594 -9.36 -11.80 6.04
C GLU B 594 -10.20 -11.47 4.81
N PHE B 595 -9.75 -11.90 3.62
CA PHE B 595 -10.45 -11.55 2.39
C PHE B 595 -11.16 -12.71 1.72
N VAL B 596 -11.67 -13.69 2.50
CA VAL B 596 -12.47 -14.77 1.94
C VAL B 596 -13.88 -14.24 1.69
N VAL B 597 -14.48 -14.66 0.59
CA VAL B 597 -15.82 -14.21 0.22
C VAL B 597 -16.81 -15.34 0.41
N ASP B 598 -17.91 -15.05 1.13
CA ASP B 598 -18.98 -15.99 1.41
C ASP B 598 -19.56 -16.52 0.10
N PRO B 599 -19.54 -17.85 -0.07
CA PRO B 599 -20.01 -18.43 -1.33
C PRO B 599 -21.42 -18.02 -1.74
N LYS B 600 -22.35 -17.88 -0.79
CA LYS B 600 -23.72 -17.45 -1.10
C LYS B 600 -23.69 -16.02 -1.67
N LEU B 601 -22.88 -15.13 -1.09
CA LEU B 601 -22.72 -13.75 -1.55
C LEU B 601 -22.04 -13.68 -2.91
N LYS B 602 -21.01 -14.52 -3.15
CA LYS B 602 -20.33 -14.58 -4.43
C LYS B 602 -21.30 -14.98 -5.55
N ALA B 603 -22.22 -15.92 -5.25
CA ALA B 603 -23.25 -16.39 -6.18
C ALA B 603 -24.27 -15.29 -6.49
N VAL B 604 -24.69 -14.52 -5.45
CA VAL B 604 -25.63 -13.41 -5.61
C VAL B 604 -25.05 -12.37 -6.59
N TYR B 605 -23.75 -12.08 -6.45
CA TYR B 605 -23.04 -11.16 -7.32
C TYR B 605 -22.97 -11.71 -8.76
N GLU B 606 -22.60 -12.98 -8.93
CA GLU B 606 -22.49 -13.58 -10.26
C GLU B 606 -23.83 -13.59 -11.00
N ARG B 607 -24.91 -13.93 -10.28
CA ARG B 607 -26.25 -13.97 -10.85
C ARG B 607 -26.96 -12.61 -10.87
N LYS B 608 -26.36 -11.54 -10.30
CA LYS B 608 -26.95 -10.20 -10.20
C LYS B 608 -28.30 -10.27 -9.49
N ASP B 609 -28.42 -11.16 -8.48
CA ASP B 609 -29.65 -11.36 -7.72
C ASP B 609 -29.76 -10.27 -6.67
N PHE B 610 -29.82 -9.01 -7.12
CA PHE B 610 -29.86 -7.85 -6.24
C PHE B 610 -31.25 -7.36 -5.87
N GLY B 611 -32.29 -7.84 -6.58
CA GLY B 611 -33.67 -7.48 -6.33
C GLY B 611 -33.91 -5.98 -6.30
N ARG B 612 -34.60 -5.54 -5.27
CA ARG B 612 -34.91 -4.13 -5.06
C ARG B 612 -33.76 -3.34 -4.37
N TYR B 613 -32.60 -3.98 -4.14
CA TYR B 613 -31.50 -3.35 -3.39
C TYR B 613 -30.41 -2.69 -4.24
N ALA B 614 -30.23 -3.10 -5.51
CA ALA B 614 -29.21 -2.51 -6.37
C ALA B 614 -29.58 -1.08 -6.76
N ASP B 615 -28.59 -0.27 -7.18
CA ASP B 615 -28.87 1.11 -7.60
C ASP B 615 -29.47 1.18 -9.04
N ARG B 616 -29.68 2.40 -9.57
CA ARG B 616 -30.26 2.64 -10.89
C ARG B 616 -29.40 2.07 -12.02
N SER B 617 -28.09 1.98 -11.83
CA SER B 617 -27.21 1.40 -12.86
C SER B 617 -27.03 -0.13 -12.77
N GLY B 618 -27.73 -0.78 -11.83
CA GLY B 618 -27.61 -2.23 -11.66
C GLY B 618 -26.43 -2.67 -10.82
N ARG B 619 -25.69 -1.73 -10.22
CA ARG B 619 -24.59 -2.07 -9.35
C ARG B 619 -25.07 -2.14 -7.89
N MET B 620 -24.54 -3.13 -7.14
CA MET B 620 -24.96 -3.33 -5.76
C MET B 620 -24.10 -2.51 -4.82
N PRO B 621 -24.65 -1.50 -4.13
CA PRO B 621 -23.84 -0.72 -3.18
C PRO B 621 -23.48 -1.52 -1.94
N VAL B 622 -22.39 -1.15 -1.26
CA VAL B 622 -21.96 -1.83 -0.03
C VAL B 622 -21.86 -0.82 1.14
N ALA B 623 -21.12 0.24 0.94
CA ALA B 623 -20.84 1.21 1.96
C ALA B 623 -20.74 2.59 1.32
N PHE B 624 -20.88 3.62 2.13
CA PHE B 624 -20.68 4.98 1.67
C PHE B 624 -19.98 5.79 2.77
N CYS B 625 -19.51 7.00 2.45
CA CYS B 625 -18.87 7.82 3.46
C CYS B 625 -19.51 9.22 3.52
N ALA B 626 -19.37 9.90 4.67
CA ALA B 626 -20.02 11.20 4.85
C ALA B 626 -19.19 12.16 5.69
N THR B 627 -19.43 13.47 5.53
CA THR B 627 -18.73 14.52 6.25
C THR B 627 -19.29 14.77 7.67
N THR B 628 -20.03 13.80 8.21
CA THR B 628 -20.51 13.84 9.58
C THR B 628 -19.29 13.74 10.53
N HIS B 629 -19.42 14.32 11.73
CA HIS B 629 -18.34 14.31 12.69
C HIS B 629 -18.60 13.22 13.74
N THR B 630 -17.89 12.11 13.62
CA THR B 630 -18.07 10.97 14.53
C THR B 630 -16.76 10.54 15.17
N THR B 631 -16.86 9.76 16.25
CA THR B 631 -15.71 9.18 16.95
C THR B 631 -16.10 7.85 17.59
N GLY B 632 -15.16 7.17 18.29
CA GLY B 632 -15.46 5.96 19.07
C GLY B 632 -16.67 6.17 19.98
N GLY B 633 -17.60 5.24 19.94
CA GLY B 633 -18.88 5.37 20.61
C GLY B 633 -20.00 5.46 19.58
N ASN B 634 -19.69 5.97 18.34
CA ASN B 634 -20.63 6.12 17.23
C ASN B 634 -20.77 4.85 16.38
N SER B 635 -20.04 3.77 16.69
CA SER B 635 -20.22 2.48 16.01
C SER B 635 -21.68 2.03 16.16
N GLY B 636 -22.34 1.72 15.05
CA GLY B 636 -23.72 1.27 15.02
C GLY B 636 -24.75 2.38 14.90
N SER B 637 -24.30 3.64 14.82
CA SER B 637 -25.19 4.80 14.77
C SER B 637 -26.06 4.80 13.54
N PRO B 638 -27.33 5.19 13.71
CA PRO B 638 -28.19 5.29 12.52
C PRO B 638 -27.77 6.49 11.66
N VAL B 639 -27.76 6.28 10.34
CA VAL B 639 -27.48 7.33 9.38
C VAL B 639 -28.80 7.60 8.69
N MET B 640 -29.25 8.86 8.74
CA MET B 640 -30.51 9.28 8.20
C MET B 640 -30.38 10.16 6.97
N ASN B 641 -31.40 10.05 6.13
CA ASN B 641 -31.81 10.84 4.95
C ASN B 641 -32.17 12.28 5.41
N ALA B 642 -32.47 13.16 4.44
CA ALA B 642 -33.07 14.48 4.71
C ALA B 642 -34.47 14.31 5.34
N ASN B 643 -35.14 13.15 5.13
CA ASN B 643 -36.44 12.81 5.70
C ASN B 643 -36.38 11.96 6.97
N GLY B 644 -35.20 11.71 7.52
CA GLY B 644 -35.05 10.90 8.72
C GLY B 644 -35.17 9.41 8.53
N GLU B 645 -35.20 8.93 7.29
CA GLU B 645 -35.25 7.50 7.01
C GLU B 645 -33.85 6.93 7.08
N LEU B 646 -33.72 5.69 7.54
CA LEU B 646 -32.45 5.02 7.69
C LEU B 646 -31.84 4.66 6.34
N ILE B 647 -30.61 5.17 6.07
CA ILE B 647 -29.86 4.88 4.85
C ILE B 647 -28.58 4.06 5.10
N GLY B 648 -28.18 3.90 6.35
CA GLY B 648 -27.01 3.13 6.70
C GLY B 648 -26.70 3.10 8.18
N LEU B 649 -25.60 2.45 8.53
CA LEU B 649 -25.12 2.37 9.90
C LEU B 649 -23.70 2.81 9.88
N ASN B 650 -23.33 3.74 10.76
CA ASN B 650 -21.93 4.12 10.89
C ASN B 650 -21.16 2.92 11.51
N PHE B 651 -19.93 2.64 11.04
CA PHE B 651 -19.16 1.53 11.61
C PHE B 651 -17.68 1.84 11.78
N ASP B 652 -17.19 2.91 11.15
CA ASP B 652 -15.78 3.27 11.28
C ASP B 652 -15.55 4.72 10.84
N ARG B 653 -14.31 5.16 10.84
CA ARG B 653 -13.87 6.44 10.32
C ARG B 653 -12.47 6.22 9.74
N ASN B 654 -12.14 6.93 8.65
CA ASN B 654 -10.84 6.74 8.00
C ASN B 654 -9.71 7.28 8.88
N TRP B 655 -8.52 6.70 8.77
CA TRP B 655 -7.35 7.08 9.57
C TRP B 655 -6.98 8.52 9.42
N GLU B 656 -7.18 9.09 8.21
CA GLU B 656 -6.90 10.50 7.94
C GLU B 656 -7.72 11.43 8.82
N GLY B 657 -8.87 10.98 9.31
CA GLY B 657 -9.71 11.79 10.16
C GLY B 657 -9.63 11.50 11.65
N VAL B 658 -8.66 10.64 12.13
CA VAL B 658 -8.60 10.37 13.57
C VAL B 658 -8.16 11.65 14.36
N GLY B 659 -7.42 12.54 13.73
CA GLY B 659 -7.07 13.83 14.34
C GLY B 659 -8.28 14.74 14.55
N GLY B 660 -9.42 14.36 13.95
CA GLY B 660 -10.72 15.00 14.06
C GLY B 660 -11.24 15.08 15.48
N ASP B 661 -10.71 14.24 16.41
CA ASP B 661 -11.10 14.37 17.82
C ASP B 661 -10.57 15.67 18.43
N ILE B 662 -9.56 16.31 17.81
CA ILE B 662 -8.98 17.57 18.28
C ILE B 662 -9.43 18.69 17.33
N GLN B 663 -9.35 18.45 16.02
CA GLN B 663 -9.73 19.44 15.03
C GLN B 663 -10.38 18.70 13.87
N TYR B 664 -11.67 18.95 13.60
CA TYR B 664 -12.42 18.37 12.50
C TYR B 664 -11.69 18.66 11.18
N LEU B 665 -11.56 17.67 10.29
CA LEU B 665 -10.82 17.85 9.05
C LEU B 665 -11.74 17.74 7.87
N ALA B 666 -12.36 18.85 7.46
CA ALA B 666 -13.34 18.90 6.38
C ALA B 666 -12.92 18.19 5.09
N ASP B 667 -11.65 18.31 4.69
CA ASP B 667 -11.20 17.71 3.42
C ASP B 667 -10.72 16.29 3.53
N TYR B 668 -10.70 15.68 4.74
CA TYR B 668 -10.18 14.32 4.89
C TYR B 668 -11.03 13.42 5.75
N GLN B 669 -11.62 13.96 6.80
CA GLN B 669 -12.39 13.18 7.75
C GLN B 669 -13.74 12.69 7.26
N ARG B 670 -13.93 11.37 7.29
CA ARG B 670 -15.19 10.77 6.88
C ARG B 670 -15.68 9.66 7.82
N SER B 671 -17.00 9.57 8.01
CA SER B 671 -17.65 8.48 8.70
C SER B 671 -17.83 7.38 7.65
N ILE B 672 -17.46 6.14 7.99
CA ILE B 672 -17.56 5.01 7.07
C ILE B 672 -18.81 4.27 7.45
N ILE B 673 -19.78 4.19 6.53
CA ILE B 673 -21.12 3.72 6.80
C ILE B 673 -21.51 2.53 5.94
N VAL B 674 -22.13 1.48 6.49
CA VAL B 674 -22.58 0.34 5.69
C VAL B 674 -23.96 0.74 5.14
N ASP B 675 -24.14 0.65 3.83
CA ASP B 675 -25.37 1.02 3.15
C ASP B 675 -26.47 0.07 3.62
N ILE B 676 -27.66 0.62 3.96
CA ILE B 676 -28.77 -0.19 4.42
C ILE B 676 -29.29 -1.13 3.34
N ARG B 677 -29.08 -0.80 2.05
CA ARG B 677 -29.51 -1.66 0.96
C ARG B 677 -28.69 -2.96 0.95
N TYR B 678 -27.38 -2.86 1.33
CA TYR B 678 -26.48 -4.01 1.44
C TYR B 678 -26.86 -4.86 2.67
N VAL B 679 -27.26 -4.22 3.78
CA VAL B 679 -27.74 -4.86 4.99
C VAL B 679 -28.96 -5.73 4.62
N LEU B 680 -29.92 -5.16 3.88
CA LEU B 680 -31.11 -5.90 3.49
C LEU B 680 -30.82 -6.99 2.51
N LEU B 681 -29.90 -6.75 1.57
CA LEU B 681 -29.47 -7.78 0.62
C LEU B 681 -28.86 -8.99 1.39
N VAL B 682 -28.07 -8.75 2.45
CA VAL B 682 -27.47 -9.86 3.20
C VAL B 682 -28.52 -10.63 4.03
N ILE B 683 -29.45 -9.91 4.68
CA ILE B 683 -30.53 -10.55 5.46
C ILE B 683 -31.37 -11.44 4.53
N ASP B 684 -31.72 -10.91 3.35
CA ASP B 684 -32.53 -11.56 2.32
C ASP B 684 -31.83 -12.72 1.58
N LYS B 685 -30.75 -12.44 0.84
CA LYS B 685 -30.10 -13.44 -0.01
C LYS B 685 -29.06 -14.29 0.68
N VAL B 686 -28.55 -13.86 1.84
CA VAL B 686 -27.54 -14.66 2.54
C VAL B 686 -28.17 -15.39 3.73
N GLY B 687 -28.92 -14.66 4.54
CA GLY B 687 -29.59 -15.26 5.70
C GLY B 687 -30.92 -15.91 5.41
N GLY B 688 -31.59 -15.46 4.36
CA GLY B 688 -32.92 -15.93 4.00
C GLY B 688 -33.94 -15.66 5.09
N CYS B 689 -33.71 -14.60 5.90
CA CYS B 689 -34.59 -14.27 7.00
C CYS B 689 -35.66 -13.25 6.63
N GLN B 690 -36.59 -13.66 5.76
CA GLN B 690 -37.69 -12.82 5.26
C GLN B 690 -38.56 -12.17 6.36
N ARG B 691 -38.72 -12.85 7.51
CA ARG B 691 -39.54 -12.31 8.60
C ARG B 691 -39.02 -10.96 9.12
N LEU B 692 -37.68 -10.73 9.04
CA LEU B 692 -37.06 -9.48 9.50
C LEU B 692 -37.34 -8.36 8.53
N LEU B 693 -37.31 -8.67 7.22
CA LEU B 693 -37.63 -7.70 6.18
C LEU B 693 -39.09 -7.30 6.31
N ASP B 694 -40.00 -8.29 6.48
CA ASP B 694 -41.44 -8.10 6.63
C ASP B 694 -41.84 -7.24 7.83
N GLU B 695 -41.12 -7.36 8.97
CA GLU B 695 -41.47 -6.55 10.15
C GLU B 695 -40.94 -5.12 10.10
N MET B 696 -40.00 -4.82 9.18
CA MET B 696 -39.48 -3.48 9.00
C MET B 696 -40.45 -2.68 8.11
N ASN B 697 -40.50 -1.35 8.30
CA ASN B 697 -41.30 -0.49 7.44
C ASN B 697 -40.36 0.06 6.35
N ILE B 698 -40.38 -0.60 5.19
CA ILE B 698 -39.51 -0.24 4.07
C ILE B 698 -40.20 0.72 3.10
N VAL B 699 -39.61 1.91 2.91
CA VAL B 699 -40.19 2.93 2.03
C VAL B 699 -39.51 2.86 0.65
N PRO B 700 -40.31 2.96 -0.45
CA PRO B 700 -39.73 2.88 -1.80
C PRO B 700 -38.71 3.98 -2.15
N1 I8G C . -2.31 -6.59 -7.41
C4 I8G C . 1.64 -4.03 -7.98
C5 I8G C . -0.07 -5.61 -7.42
C6 I8G C . -1.50 -5.59 -7.01
C7 I8G C . -1.98 -7.66 -8.37
C8 I8G C . -3.18 -8.59 -8.28
C10 I8G C . -3.69 -6.72 -6.93
F1 I8G C . 5.00 -2.93 -10.03
C1 I8G C . 3.88 -3.29 -9.35
C2 I8G C . 3.43 -2.49 -8.34
C3 I8G C . 2.27 -2.83 -7.68
O1 I8G C . 0.49 -4.32 -7.30
O2 I8G C . -1.96 -4.63 -6.39
C9 I8G C . -4.30 -7.63 -7.97
C11 I8G C . 2.12 -4.83 -9.01
C12 I8G C . 3.28 -4.48 -9.67
CL CL D . -4.48 -23.01 -48.05
CL CL E . -9.32 -2.43 -20.38
N1 I8G F . -2.31 -3.41 -48.21
C4 I8G F . 1.12 -1.20 -45.60
C5 I8G F . -0.39 -2.46 -47.01
C6 I8G F . -1.86 -2.49 -47.35
C7 I8G F . -1.52 -4.39 -48.98
C8 I8G F . -2.56 -5.40 -49.39
C10 I8G F . -3.74 -3.59 -48.50
F1 I8G F . 4.88 0.17 -44.78
C1 I8G F . 3.62 -0.28 -45.05
C2 I8G F . 2.67 -0.20 -44.07
C3 I8G F . 1.39 -0.65 -44.36
O1 I8G F . -0.16 -1.61 -45.88
O2 I8G F . -2.64 -1.70 -46.84
C9 I8G F . -3.74 -4.54 -49.69
C11 I8G F . 2.11 -1.23 -46.59
C12 I8G F . 3.36 -0.76 -46.30
N1 I8G G . 0.58 7.50 6.32
C4 I8G G . -2.56 4.18 7.73
C5 I8G G . -0.77 5.70 7.28
C6 I8G G . -0.18 6.41 6.11
C7 I8G G . 1.21 8.25 5.22
C8 I8G G . 1.60 9.55 5.89
C10 I8G G . 0.87 8.14 7.63
F1 I8G G . -5.12 2.37 10.33
C1 I8G G . -4.25 2.96 9.46
C2 I8G G . -3.45 3.95 9.94
C3 I8G G . -2.61 4.60 9.06
O1 I8G G . -1.74 4.76 6.81
O2 I8G G . -0.44 6.06 4.96
C9 I8G G . 1.97 9.12 7.28
C11 I8G G . -3.38 3.15 7.29
C12 I8G G . -4.23 2.52 8.19
CL CL H . -39.47 3.10 23.59
#